data_2KJ8
#
_entry.id   2KJ8
#
_entity_poly.entity_id   1
_entity_poly.type   'polypeptide(L)'
_entity_poly.pdbx_seq_one_letter_code
;SSNNNSFSAIYKEWYEHKKQVWSVGYATELAKMFDDDILPIIGGLEIQDIEPMQLLEVIRRFEDRGAMERANKARRRCGE
VFRYAIVTGRAKYNPAPDLADAMKGYRKKNLEHHHHHH
;
_entity_poly.pdbx_strand_id   A
#
# COMPACT_ATOMS: atom_id res chain seq x y z
N SER A 1 -5.46 -13.22 -5.67
CA SER A 1 -4.79 -12.69 -6.88
C SER A 1 -5.59 -13.03 -8.12
N SER A 2 -6.31 -12.05 -8.64
CA SER A 2 -7.17 -12.25 -9.79
C SER A 2 -6.36 -12.34 -11.08
N ASN A 3 -5.53 -11.35 -11.31
CA ASN A 3 -4.76 -11.24 -12.54
C ASN A 3 -3.27 -11.19 -12.24
N ASN A 4 -2.47 -11.00 -13.28
CA ASN A 4 -1.03 -10.83 -13.11
C ASN A 4 -0.72 -9.42 -12.62
N ASN A 5 -1.72 -8.55 -12.75
CA ASN A 5 -1.60 -7.16 -12.28
C ASN A 5 -2.04 -7.03 -10.82
N SER A 6 -2.29 -8.15 -10.17
CA SER A 6 -2.67 -8.14 -8.76
C SER A 6 -1.49 -7.73 -7.90
N PHE A 7 -1.78 -6.99 -6.83
CA PHE A 7 -0.74 -6.39 -6.00
C PHE A 7 0.19 -7.46 -5.42
N SER A 8 -0.39 -8.52 -4.85
CA SER A 8 0.41 -9.60 -4.26
C SER A 8 1.42 -10.18 -5.26
N ALA A 9 1.00 -10.33 -6.52
CA ALA A 9 1.85 -10.89 -7.55
C ALA A 9 3.07 -10.01 -7.78
N ILE A 10 2.83 -8.72 -7.98
CA ILE A 10 3.89 -7.76 -8.22
C ILE A 10 4.74 -7.59 -6.97
N TYR A 11 4.07 -7.61 -5.82
CA TYR A 11 4.75 -7.50 -4.54
C TYR A 11 5.76 -8.63 -4.35
N LYS A 12 5.36 -9.83 -4.73
CA LYS A 12 6.24 -10.98 -4.60
C LYS A 12 7.49 -10.82 -5.46
N GLU A 13 7.31 -10.36 -6.69
CA GLU A 13 8.43 -10.13 -7.60
C GLU A 13 9.40 -9.10 -7.00
N TRP A 14 8.83 -8.00 -6.54
CA TRP A 14 9.60 -6.94 -5.90
C TRP A 14 10.23 -7.45 -4.60
N TYR A 15 9.47 -8.20 -3.82
CA TYR A 15 9.93 -8.76 -2.56
C TYR A 15 11.13 -9.68 -2.76
N GLU A 16 11.02 -10.63 -3.67
CA GLU A 16 12.10 -11.58 -3.90
C GLU A 16 13.30 -10.90 -4.52
N HIS A 17 13.07 -9.77 -5.16
CA HIS A 17 14.15 -8.97 -5.72
C HIS A 17 14.88 -8.26 -4.58
N LYS A 18 14.10 -7.64 -3.70
CA LYS A 18 14.65 -6.93 -2.53
C LYS A 18 15.21 -7.90 -1.50
N LYS A 19 14.80 -9.16 -1.60
CA LYS A 19 15.27 -10.21 -0.70
C LYS A 19 16.78 -10.40 -0.83
N GLN A 20 17.33 -9.98 -1.95
CA GLN A 20 18.76 -10.09 -2.18
C GLN A 20 19.48 -8.84 -1.68
N VAL A 21 18.72 -7.91 -1.12
CA VAL A 21 19.27 -6.67 -0.60
C VAL A 21 19.17 -6.67 0.93
N TRP A 22 17.99 -6.97 1.43
CA TRP A 22 17.76 -7.01 2.87
C TRP A 22 18.23 -8.33 3.46
N SER A 23 18.22 -8.40 4.78
CA SER A 23 18.52 -9.63 5.47
C SER A 23 17.33 -10.58 5.34
N VAL A 24 17.59 -11.87 5.19
CA VAL A 24 16.54 -12.86 4.97
C VAL A 24 15.48 -12.82 6.07
N GLY A 25 15.90 -12.73 7.33
CA GLY A 25 14.95 -12.69 8.42
C GLY A 25 14.11 -11.44 8.39
N TYR A 26 14.75 -10.32 8.06
CA TYR A 26 14.06 -9.05 7.93
C TYR A 26 13.07 -9.10 6.78
N ALA A 27 13.52 -9.60 5.64
CA ALA A 27 12.69 -9.67 4.44
C ALA A 27 11.44 -10.51 4.67
N THR A 28 11.62 -11.69 5.27
CA THR A 28 10.51 -12.59 5.55
C THR A 28 9.44 -11.90 6.40
N GLU A 29 9.84 -11.31 7.51
CA GLU A 29 8.89 -10.70 8.43
C GLU A 29 8.40 -9.34 7.91
N LEU A 30 9.18 -8.71 7.05
CA LEU A 30 8.75 -7.50 6.37
C LEU A 30 7.55 -7.82 5.50
N ALA A 31 7.66 -8.89 4.73
CA ALA A 31 6.55 -9.35 3.91
C ALA A 31 5.41 -9.81 4.79
N LYS A 32 5.74 -10.51 5.89
CA LYS A 32 4.74 -11.04 6.80
C LYS A 32 3.83 -9.95 7.36
N MET A 33 4.41 -8.84 7.81
CA MET A 33 3.63 -7.74 8.36
C MET A 33 2.87 -6.99 7.26
N PHE A 34 3.47 -6.95 6.08
CA PHE A 34 2.82 -6.35 4.91
C PHE A 34 1.61 -7.20 4.53
N ASP A 35 1.82 -8.50 4.41
CA ASP A 35 0.75 -9.44 4.09
C ASP A 35 -0.36 -9.38 5.15
N ASP A 36 0.05 -9.31 6.42
CA ASP A 36 -0.90 -9.38 7.52
C ASP A 36 -1.89 -8.21 7.49
N ASP A 37 -1.40 -7.03 7.18
CA ASP A 37 -2.25 -5.84 7.22
C ASP A 37 -2.72 -5.42 5.83
N ILE A 38 -1.84 -5.50 4.83
CA ILE A 38 -2.17 -5.03 3.48
C ILE A 38 -3.11 -6.00 2.75
N LEU A 39 -2.87 -7.30 2.90
CA LEU A 39 -3.63 -8.31 2.16
C LEU A 39 -5.14 -8.20 2.42
N PRO A 40 -5.59 -8.12 3.69
CA PRO A 40 -7.02 -7.93 4.00
C PRO A 40 -7.60 -6.66 3.39
N ILE A 41 -6.74 -5.73 3.02
CA ILE A 41 -7.19 -4.45 2.49
C ILE A 41 -7.14 -4.42 0.96
N ILE A 42 -5.96 -4.60 0.38
CA ILE A 42 -5.77 -4.45 -1.07
C ILE A 42 -4.93 -5.57 -1.68
N GLY A 43 -4.61 -6.59 -0.91
CA GLY A 43 -3.67 -7.60 -1.38
C GLY A 43 -4.12 -8.28 -2.67
N GLY A 44 -5.35 -8.74 -2.68
CA GLY A 44 -5.85 -9.48 -3.81
C GLY A 44 -6.39 -8.59 -4.91
N LEU A 45 -6.23 -7.29 -4.75
CA LEU A 45 -6.71 -6.34 -5.75
C LEU A 45 -5.65 -6.13 -6.81
N GLU A 46 -6.05 -5.54 -7.92
CA GLU A 46 -5.11 -5.18 -8.98
C GLU A 46 -4.45 -3.86 -8.65
N ILE A 47 -3.15 -3.78 -8.87
CA ILE A 47 -2.38 -2.61 -8.50
C ILE A 47 -2.87 -1.35 -9.23
N GLN A 48 -3.51 -1.56 -10.37
CA GLN A 48 -4.04 -0.46 -11.16
C GLN A 48 -5.49 -0.16 -10.76
N ASP A 49 -6.07 -1.08 -10.00
CA ASP A 49 -7.51 -1.04 -9.71
C ASP A 49 -7.74 -0.81 -8.22
N ILE A 50 -6.71 -0.32 -7.53
CA ILE A 50 -6.80 -0.05 -6.10
C ILE A 50 -7.39 1.34 -5.86
N GLU A 51 -8.39 1.39 -4.97
CA GLU A 51 -9.04 2.64 -4.64
C GLU A 51 -8.16 3.50 -3.75
N PRO A 52 -8.17 4.83 -3.95
CA PRO A 52 -7.38 5.77 -3.15
C PRO A 52 -7.62 5.60 -1.64
N MET A 53 -8.89 5.42 -1.28
CA MET A 53 -9.24 5.28 0.14
C MET A 53 -8.80 3.94 0.70
N GLN A 54 -8.63 2.95 -0.17
CA GLN A 54 -8.18 1.63 0.26
C GLN A 54 -6.71 1.65 0.60
N LEU A 55 -5.93 2.38 -0.19
CA LEU A 55 -4.52 2.53 0.10
C LEU A 55 -4.37 3.32 1.41
N LEU A 56 -5.27 4.27 1.62
CA LEU A 56 -5.30 5.04 2.85
C LEU A 56 -5.77 4.15 4.01
N GLU A 57 -6.60 3.16 3.71
CA GLU A 57 -7.08 2.22 4.71
C GLU A 57 -5.93 1.35 5.21
N VAL A 58 -4.96 1.09 4.34
CA VAL A 58 -3.74 0.40 4.72
C VAL A 58 -2.96 1.25 5.73
N ILE A 59 -2.77 2.52 5.39
CA ILE A 59 -2.12 3.47 6.29
C ILE A 59 -2.94 3.60 7.57
N ARG A 60 -4.26 3.62 7.43
CA ARG A 60 -5.18 3.67 8.57
C ARG A 60 -4.91 2.51 9.51
N ARG A 61 -4.76 1.33 8.91
CA ARG A 61 -4.50 0.09 9.63
C ARG A 61 -3.30 0.24 10.57
N PHE A 62 -2.20 0.77 10.05
CA PHE A 62 -1.00 0.94 10.85
C PHE A 62 -1.08 2.14 11.80
N GLU A 63 -1.59 3.26 11.29
CA GLU A 63 -1.62 4.50 12.07
C GLU A 63 -2.48 4.36 13.32
N ASP A 64 -3.61 3.68 13.19
CA ASP A 64 -4.54 3.55 14.30
C ASP A 64 -3.93 2.75 15.45
N ARG A 65 -2.94 1.92 15.14
CA ARG A 65 -2.25 1.16 16.16
C ARG A 65 -1.13 1.98 16.78
N GLY A 66 -0.84 3.14 16.20
CA GLY A 66 0.19 4.01 16.72
C GLY A 66 1.49 3.86 15.96
N ALA A 67 1.50 2.92 15.02
CA ALA A 67 2.68 2.66 14.22
C ALA A 67 2.82 3.71 13.12
N MET A 68 3.37 4.86 13.49
CA MET A 68 3.49 5.99 12.57
C MET A 68 4.53 5.70 11.50
N GLU A 69 5.68 5.19 11.94
CA GLU A 69 6.76 4.86 11.03
C GLU A 69 6.33 3.77 10.07
N ARG A 70 5.61 2.78 10.59
CA ARG A 70 5.17 1.64 9.81
C ARG A 70 4.04 2.03 8.85
N ALA A 71 3.20 2.98 9.27
CA ALA A 71 2.16 3.50 8.39
C ALA A 71 2.78 4.20 7.19
N ASN A 72 3.78 5.03 7.47
CA ASN A 72 4.52 5.72 6.42
C ASN A 72 5.33 4.72 5.60
N LYS A 73 5.82 3.68 6.27
CA LYS A 73 6.59 2.65 5.61
C LYS A 73 5.71 1.85 4.66
N ALA A 74 4.45 1.68 5.04
CA ALA A 74 3.47 1.05 4.16
C ALA A 74 3.31 1.87 2.90
N ARG A 75 3.01 3.15 3.07
CA ARG A 75 2.90 4.09 1.94
C ARG A 75 4.17 4.04 1.09
N ARG A 76 5.33 4.04 1.75
CA ARG A 76 6.62 3.97 1.07
C ARG A 76 6.69 2.74 0.16
N ARG A 77 6.51 1.56 0.75
CA ARG A 77 6.70 0.33 0.02
C ARG A 77 5.60 0.11 -1.02
N CYS A 78 4.39 0.57 -0.71
CA CYS A 78 3.31 0.50 -1.67
C CYS A 78 3.66 1.33 -2.90
N GLY A 79 4.09 2.57 -2.69
CA GLY A 79 4.51 3.42 -3.78
C GLY A 79 5.71 2.84 -4.50
N GLU A 80 6.57 2.17 -3.75
CA GLU A 80 7.72 1.47 -4.31
C GLU A 80 7.27 0.35 -5.24
N VAL A 81 6.24 -0.39 -4.84
CA VAL A 81 5.67 -1.45 -5.68
C VAL A 81 4.94 -0.84 -6.88
N PHE A 82 4.23 0.26 -6.65
CA PHE A 82 3.58 1.00 -7.74
C PHE A 82 4.62 1.41 -8.78
N ARG A 83 5.76 1.90 -8.30
CA ARG A 83 6.86 2.27 -9.18
C ARG A 83 7.34 1.07 -9.99
N TYR A 84 7.46 -0.07 -9.30
CA TYR A 84 7.94 -1.30 -9.93
C TYR A 84 6.97 -1.73 -11.03
N ALA A 85 5.68 -1.56 -10.78
CA ALA A 85 4.65 -1.92 -11.74
C ALA A 85 4.70 -1.02 -12.99
N ILE A 86 5.09 0.23 -12.79
CA ILE A 86 5.23 1.17 -13.90
C ILE A 86 6.44 0.81 -14.75
N VAL A 87 7.49 0.33 -14.08
CA VAL A 87 8.72 -0.06 -14.77
C VAL A 87 8.52 -1.33 -15.58
N THR A 88 7.79 -2.28 -15.03
CA THR A 88 7.53 -3.54 -15.70
C THR A 88 6.43 -3.39 -16.76
N GLY A 89 5.79 -2.23 -16.77
CA GLY A 89 4.76 -1.96 -17.77
C GLY A 89 3.43 -2.62 -17.44
N ARG A 90 3.05 -2.58 -16.17
CA ARG A 90 1.75 -3.10 -15.76
C ARG A 90 0.79 -1.96 -15.50
N ALA A 91 1.30 -0.89 -14.93
CA ALA A 91 0.50 0.29 -14.62
C ALA A 91 1.12 1.53 -15.23
N LYS A 92 0.28 2.37 -15.81
CA LYS A 92 0.75 3.63 -16.38
C LYS A 92 0.57 4.74 -15.36
N TYR A 93 -0.51 4.63 -14.59
CA TYR A 93 -0.82 5.59 -13.55
C TYR A 93 -1.01 4.87 -12.22
N ASN A 94 -0.44 5.42 -11.17
CA ASN A 94 -0.58 4.87 -9.83
C ASN A 94 -1.26 5.88 -8.91
N PRO A 95 -2.20 5.42 -8.08
CA PRO A 95 -2.96 6.30 -7.17
C PRO A 95 -2.14 6.74 -5.96
N ALA A 96 -0.84 6.90 -6.15
CA ALA A 96 0.05 7.36 -5.08
C ALA A 96 -0.28 8.81 -4.66
N PRO A 97 -0.47 9.74 -5.63
CA PRO A 97 -0.94 11.11 -5.31
C PRO A 97 -2.33 11.10 -4.67
N ASP A 98 -3.16 10.16 -5.10
CA ASP A 98 -4.52 10.04 -4.56
C ASP A 98 -4.49 9.64 -3.10
N LEU A 99 -3.48 8.85 -2.74
CA LEU A 99 -3.25 8.47 -1.35
C LEU A 99 -3.10 9.72 -0.49
N ALA A 100 -2.31 10.67 -0.96
CA ALA A 100 -2.06 11.91 -0.24
C ALA A 100 -3.35 12.73 -0.14
N ASP A 101 -4.11 12.75 -1.23
CA ASP A 101 -5.35 13.50 -1.27
C ASP A 101 -6.39 12.89 -0.34
N ALA A 102 -6.44 11.57 -0.30
CA ALA A 102 -7.37 10.84 0.57
C ALA A 102 -7.01 11.05 2.03
N MET A 103 -5.71 11.01 2.33
CA MET A 103 -5.24 11.21 3.71
C MET A 103 -5.54 12.64 4.16
N LYS A 104 -5.40 13.57 3.23
CA LYS A 104 -5.69 14.98 3.48
C LYS A 104 -7.19 15.21 3.66
N GLY A 105 -7.98 14.62 2.78
CA GLY A 105 -9.41 14.82 2.79
C GLY A 105 -10.10 14.04 3.89
N TYR A 106 -9.38 13.10 4.48
CA TYR A 106 -9.92 12.26 5.55
C TYR A 106 -10.28 13.11 6.78
N ARG A 107 -9.66 14.28 6.89
CA ARG A 107 -9.92 15.19 8.00
C ARG A 107 -11.31 15.82 7.88
N LYS A 108 -12.03 15.49 6.83
CA LYS A 108 -13.40 15.93 6.67
C LYS A 108 -14.37 14.90 7.24
N LYS A 109 -13.82 13.73 7.60
CA LYS A 109 -14.59 12.72 8.29
C LYS A 109 -14.26 12.76 9.79
N ASN A 110 -12.97 12.74 10.09
CA ASN A 110 -12.51 12.94 11.45
C ASN A 110 -12.43 14.43 11.74
N LEU A 111 -13.54 14.98 12.21
CA LEU A 111 -13.67 16.41 12.38
C LEU A 111 -12.81 16.95 13.53
N GLU A 112 -12.65 18.26 13.54
CA GLU A 112 -11.90 18.95 14.58
C GLU A 112 -12.85 19.32 15.71
N HIS A 113 -12.36 20.07 16.68
CA HIS A 113 -13.19 20.56 17.77
C HIS A 113 -13.50 22.03 17.56
N HIS A 114 -12.63 22.66 16.79
CA HIS A 114 -12.84 24.03 16.30
C HIS A 114 -12.34 24.09 14.87
N HIS A 115 -12.98 24.90 14.04
CA HIS A 115 -12.62 24.96 12.63
C HIS A 115 -11.84 26.23 12.31
N HIS A 116 -11.41 26.33 11.07
CA HIS A 116 -10.58 27.43 10.63
C HIS A 116 -11.45 28.48 9.95
N HIS A 117 -12.74 28.19 9.86
CA HIS A 117 -13.72 29.10 9.28
C HIS A 117 -14.81 29.41 10.30
N HIS A 118 -15.64 30.38 10.00
CA HIS A 118 -16.75 30.74 10.88
C HIS A 118 -18.05 30.83 10.08
N SER A 1 -5.78 -15.55 -18.88
CA SER A 1 -5.51 -14.64 -17.75
C SER A 1 -4.16 -14.92 -17.12
N SER A 2 -3.32 -13.90 -17.05
CA SER A 2 -2.06 -13.99 -16.35
C SER A 2 -2.20 -13.34 -14.97
N ASN A 3 -2.98 -12.27 -14.92
CA ASN A 3 -3.32 -11.59 -13.66
C ASN A 3 -2.09 -10.99 -12.99
N ASN A 4 -1.08 -10.67 -13.79
CA ASN A 4 0.17 -10.12 -13.28
C ASN A 4 0.05 -8.60 -13.07
N ASN A 5 -1.16 -8.08 -13.20
CA ASN A 5 -1.43 -6.67 -12.91
C ASN A 5 -1.96 -6.52 -11.49
N SER A 6 -2.15 -7.65 -10.84
CA SER A 6 -2.67 -7.68 -9.47
C SER A 6 -1.58 -7.27 -8.49
N PHE A 7 -1.97 -6.55 -7.44
CA PHE A 7 -1.01 -6.05 -6.47
C PHE A 7 -0.32 -7.21 -5.75
N SER A 8 -1.11 -8.21 -5.37
CA SER A 8 -0.57 -9.41 -4.70
C SER A 8 0.56 -10.03 -5.51
N ALA A 9 0.32 -10.21 -6.81
CA ALA A 9 1.29 -10.83 -7.71
C ALA A 9 2.57 -10.00 -7.80
N ILE A 10 2.40 -8.71 -8.07
CA ILE A 10 3.55 -7.81 -8.23
C ILE A 10 4.32 -7.67 -6.92
N TYR A 11 3.58 -7.58 -5.81
CA TYR A 11 4.19 -7.50 -4.49
C TYR A 11 5.07 -8.71 -4.21
N LYS A 12 4.55 -9.90 -4.46
CA LYS A 12 5.28 -11.12 -4.18
C LYS A 12 6.56 -11.18 -5.02
N GLU A 13 6.47 -10.74 -6.28
CA GLU A 13 7.63 -10.72 -7.15
C GLU A 13 8.64 -9.70 -6.65
N TRP A 14 8.16 -8.48 -6.40
CA TRP A 14 8.99 -7.41 -5.88
C TRP A 14 9.75 -7.85 -4.64
N TYR A 15 9.04 -8.49 -3.72
CA TYR A 15 9.63 -8.99 -2.50
C TYR A 15 10.76 -9.97 -2.80
N GLU A 16 10.49 -10.94 -3.67
CA GLU A 16 11.47 -11.98 -3.98
C GLU A 16 12.70 -11.42 -4.68
N HIS A 17 12.54 -10.32 -5.40
CA HIS A 17 13.67 -9.65 -6.04
C HIS A 17 14.52 -8.91 -5.00
N LYS A 18 13.86 -8.04 -4.24
CA LYS A 18 14.55 -7.21 -3.25
C LYS A 18 14.97 -8.06 -2.05
N LYS A 19 14.46 -9.29 -2.02
CA LYS A 19 14.78 -10.28 -0.99
C LYS A 19 16.28 -10.52 -0.92
N GLN A 20 16.95 -10.34 -2.06
CA GLN A 20 18.39 -10.57 -2.16
C GLN A 20 19.17 -9.41 -1.54
N VAL A 21 18.51 -8.29 -1.38
CA VAL A 21 19.16 -7.09 -0.85
C VAL A 21 19.06 -7.05 0.66
N TRP A 22 17.86 -7.28 1.17
CA TRP A 22 17.62 -7.23 2.61
C TRP A 22 18.02 -8.54 3.25
N SER A 23 18.36 -8.48 4.53
CA SER A 23 18.65 -9.69 5.28
C SER A 23 17.39 -10.54 5.40
N VAL A 24 17.52 -11.85 5.24
CA VAL A 24 16.37 -12.75 5.19
C VAL A 24 15.47 -12.57 6.41
N GLY A 25 16.08 -12.36 7.58
CA GLY A 25 15.30 -12.19 8.80
C GLY A 25 14.37 -10.99 8.72
N TYR A 26 14.93 -9.86 8.30
CA TYR A 26 14.16 -8.64 8.16
C TYR A 26 13.23 -8.71 6.96
N ALA A 27 13.69 -9.35 5.90
CA ALA A 27 12.89 -9.52 4.69
C ALA A 27 11.60 -10.27 5.00
N THR A 28 11.72 -11.37 5.73
CA THR A 28 10.55 -12.13 6.15
C THR A 28 9.61 -11.27 6.98
N GLU A 29 10.17 -10.52 7.92
CA GLU A 29 9.38 -9.68 8.81
C GLU A 29 8.69 -8.56 8.05
N LEU A 30 9.44 -7.87 7.21
CA LEU A 30 8.89 -6.78 6.40
C LEU A 30 7.75 -7.29 5.53
N ALA A 31 7.98 -8.45 4.92
CA ALA A 31 6.98 -9.06 4.05
C ALA A 31 5.76 -9.48 4.85
N LYS A 32 5.97 -10.17 5.96
CA LYS A 32 4.87 -10.68 6.76
C LYS A 32 4.06 -9.53 7.35
N MET A 33 4.73 -8.45 7.74
CA MET A 33 4.03 -7.26 8.21
C MET A 33 3.17 -6.68 7.11
N PHE A 34 3.75 -6.60 5.92
CA PHE A 34 3.04 -6.11 4.74
C PHE A 34 1.86 -7.01 4.43
N ASP A 35 2.11 -8.31 4.39
CA ASP A 35 1.08 -9.28 4.05
C ASP A 35 -0.02 -9.34 5.10
N ASP A 36 0.35 -9.54 6.36
CA ASP A 36 -0.64 -9.72 7.42
C ASP A 36 -1.56 -8.52 7.60
N ASP A 37 -1.06 -7.31 7.32
CA ASP A 37 -1.88 -6.12 7.50
C ASP A 37 -2.41 -5.57 6.17
N ILE A 38 -1.57 -5.53 5.15
CA ILE A 38 -1.90 -4.84 3.90
C ILE A 38 -2.58 -5.76 2.89
N LEU A 39 -2.20 -7.03 2.89
CA LEU A 39 -2.71 -7.98 1.90
C LEU A 39 -4.24 -8.14 2.00
N PRO A 40 -4.82 -8.32 3.21
CA PRO A 40 -6.27 -8.43 3.37
C PRO A 40 -7.02 -7.13 3.05
N ILE A 41 -6.27 -6.06 2.79
CA ILE A 41 -6.86 -4.78 2.46
C ILE A 41 -6.87 -4.53 0.96
N ILE A 42 -5.69 -4.55 0.35
CA ILE A 42 -5.57 -4.23 -1.08
C ILE A 42 -4.86 -5.33 -1.86
N GLY A 43 -4.61 -6.46 -1.21
CA GLY A 43 -3.85 -7.53 -1.85
C GLY A 43 -4.55 -8.07 -3.08
N GLY A 44 -5.86 -8.23 -2.98
CA GLY A 44 -6.64 -8.74 -4.08
C GLY A 44 -6.99 -7.69 -5.10
N LEU A 45 -6.52 -6.46 -4.89
CA LEU A 45 -6.80 -5.39 -5.82
C LEU A 45 -5.73 -5.33 -6.90
N GLU A 46 -6.09 -4.85 -8.07
CA GLU A 46 -5.13 -4.69 -9.15
C GLU A 46 -4.40 -3.39 -8.98
N ILE A 47 -3.13 -3.37 -9.33
CA ILE A 47 -2.28 -2.22 -9.07
C ILE A 47 -2.74 -0.98 -9.84
N GLN A 48 -3.55 -1.22 -10.87
CA GLN A 48 -4.09 -0.15 -11.68
C GLN A 48 -5.53 0.18 -11.27
N ASP A 49 -6.00 -0.48 -10.21
CA ASP A 49 -7.41 -0.41 -9.85
C ASP A 49 -7.61 -0.24 -8.33
N ILE A 50 -6.51 -0.04 -7.61
CA ILE A 50 -6.58 0.08 -6.16
C ILE A 50 -7.32 1.35 -5.73
N GLU A 51 -8.28 1.15 -4.84
CA GLU A 51 -9.10 2.24 -4.34
C GLU A 51 -8.31 3.10 -3.34
N PRO A 52 -8.26 4.42 -3.59
CA PRO A 52 -7.49 5.36 -2.76
C PRO A 52 -7.73 5.22 -1.25
N MET A 53 -9.00 5.13 -0.84
CA MET A 53 -9.32 5.05 0.59
C MET A 53 -9.01 3.67 1.14
N GLN A 54 -8.91 2.68 0.27
CA GLN A 54 -8.46 1.35 0.69
C GLN A 54 -6.96 1.34 0.89
N LEU A 55 -6.25 2.08 0.06
CA LEU A 55 -4.81 2.25 0.23
C LEU A 55 -4.54 3.05 1.51
N LEU A 56 -5.44 3.99 1.79
CA LEU A 56 -5.38 4.78 3.01
C LEU A 56 -5.80 3.92 4.20
N GLU A 57 -6.67 2.94 3.95
CA GLU A 57 -7.09 2.00 4.99
C GLU A 57 -5.91 1.16 5.43
N VAL A 58 -4.96 0.95 4.52
CA VAL A 58 -3.70 0.32 4.83
C VAL A 58 -2.87 1.22 5.74
N ILE A 59 -2.76 2.47 5.35
CA ILE A 59 -2.07 3.48 6.14
C ILE A 59 -2.65 3.51 7.56
N ARG A 60 -3.97 3.58 7.65
CA ARG A 60 -4.64 3.63 8.94
C ARG A 60 -4.73 2.25 9.59
N ARG A 61 -4.34 1.22 8.85
CA ARG A 61 -4.19 -0.11 9.41
C ARG A 61 -3.02 -0.08 10.39
N PHE A 62 -2.00 0.69 10.02
CA PHE A 62 -0.86 0.90 10.90
C PHE A 62 -1.13 2.02 11.92
N GLU A 63 -1.93 3.01 11.53
CA GLU A 63 -2.33 4.07 12.46
C GLU A 63 -3.19 3.50 13.58
N ASP A 64 -3.85 2.38 13.28
CA ASP A 64 -4.62 1.65 14.27
C ASP A 64 -3.79 1.34 15.50
N ARG A 65 -2.55 0.93 15.29
CA ARG A 65 -1.66 0.56 16.37
C ARG A 65 -0.75 1.72 16.76
N GLY A 66 -0.98 2.88 16.13
CA GLY A 66 -0.24 4.07 16.49
C GLY A 66 1.15 4.10 15.86
N ALA A 67 1.35 3.31 14.83
CA ALA A 67 2.64 3.24 14.18
C ALA A 67 2.71 4.24 13.03
N MET A 68 3.09 5.46 13.35
CA MET A 68 3.20 6.53 12.35
C MET A 68 4.27 6.19 11.33
N GLU A 69 5.37 5.63 11.80
CA GLU A 69 6.48 5.28 10.94
C GLU A 69 6.10 4.13 10.02
N ARG A 70 5.44 3.12 10.58
CA ARG A 70 5.06 1.95 9.81
C ARG A 70 3.87 2.27 8.89
N ALA A 71 3.12 3.30 9.25
CA ALA A 71 2.05 3.80 8.38
C ALA A 71 2.65 4.37 7.10
N ASN A 72 3.66 5.22 7.26
CA ASN A 72 4.36 5.77 6.11
C ASN A 72 5.21 4.70 5.44
N LYS A 73 5.60 3.70 6.23
CA LYS A 73 6.31 2.54 5.70
C LYS A 73 5.42 1.80 4.72
N ALA A 74 4.14 1.68 5.06
CA ALA A 74 3.15 1.12 4.14
C ALA A 74 3.06 1.97 2.88
N ARG A 75 2.96 3.27 3.08
CA ARG A 75 2.84 4.24 1.99
C ARG A 75 3.99 4.12 1.00
N ARG A 76 5.22 4.21 1.52
CA ARG A 76 6.40 4.19 0.66
C ARG A 76 6.60 2.83 -0.03
N ARG A 77 6.35 1.75 0.69
CA ARG A 77 6.52 0.42 0.13
C ARG A 77 5.51 0.16 -0.98
N CYS A 78 4.27 0.62 -0.79
CA CYS A 78 3.26 0.51 -1.83
C CYS A 78 3.68 1.34 -3.04
N GLY A 79 4.18 2.55 -2.79
CA GLY A 79 4.69 3.38 -3.85
C GLY A 79 5.85 2.72 -4.59
N GLU A 80 6.65 1.97 -3.86
CA GLU A 80 7.77 1.23 -4.45
C GLU A 80 7.25 0.10 -5.34
N VAL A 81 6.24 -0.61 -4.87
CA VAL A 81 5.59 -1.64 -5.67
C VAL A 81 4.98 -1.01 -6.92
N PHE A 82 4.34 0.14 -6.73
CA PHE A 82 3.78 0.90 -7.84
C PHE A 82 4.88 1.24 -8.85
N ARG A 83 5.97 1.81 -8.35
CA ARG A 83 7.10 2.19 -9.18
C ARG A 83 7.62 0.99 -9.97
N TYR A 84 7.86 -0.11 -9.26
CA TYR A 84 8.37 -1.34 -9.86
C TYR A 84 7.46 -1.80 -11.00
N ALA A 85 6.15 -1.75 -10.76
CA ALA A 85 5.18 -2.18 -11.76
C ALA A 85 5.13 -1.21 -12.93
N ILE A 86 5.28 0.08 -12.65
CA ILE A 86 5.30 1.08 -13.71
C ILE A 86 6.50 0.87 -14.63
N VAL A 87 7.66 0.58 -14.04
CA VAL A 87 8.87 0.37 -14.81
C VAL A 87 8.75 -0.86 -15.72
N THR A 88 8.14 -1.92 -15.21
CA THR A 88 7.95 -3.13 -16.01
C THR A 88 6.74 -3.00 -16.94
N GLY A 89 5.94 -1.96 -16.74
CA GLY A 89 4.81 -1.71 -17.60
C GLY A 89 3.56 -2.48 -17.20
N ARG A 90 3.48 -2.84 -15.93
CA ARG A 90 2.31 -3.54 -15.41
C ARG A 90 1.39 -2.54 -14.70
N ALA A 91 1.89 -1.32 -14.56
CA ALA A 91 1.11 -0.22 -14.03
C ALA A 91 1.33 1.00 -14.90
N LYS A 92 0.27 1.75 -15.17
CA LYS A 92 0.38 2.89 -16.07
C LYS A 92 0.65 4.15 -15.27
N TYR A 93 -0.10 4.31 -14.19
CA TYR A 93 0.11 5.40 -13.26
C TYR A 93 -0.25 4.92 -11.86
N ASN A 94 0.41 5.47 -10.85
CA ASN A 94 0.18 5.02 -9.49
C ASN A 94 -0.61 6.06 -8.70
N PRO A 95 -1.60 5.60 -7.91
CA PRO A 95 -2.47 6.47 -7.11
C PRO A 95 -1.80 7.00 -5.85
N ALA A 96 -0.50 7.26 -5.94
CA ALA A 96 0.27 7.79 -4.82
C ALA A 96 -0.16 9.22 -4.49
N PRO A 97 -0.32 10.12 -5.49
CA PRO A 97 -0.87 11.46 -5.25
C PRO A 97 -2.27 11.40 -4.64
N ASP A 98 -3.08 10.47 -5.14
CA ASP A 98 -4.42 10.25 -4.62
C ASP A 98 -4.38 9.85 -3.16
N LEU A 99 -3.42 9.00 -2.81
CA LEU A 99 -3.24 8.54 -1.43
C LEU A 99 -3.10 9.72 -0.49
N ALA A 100 -2.23 10.66 -0.85
CA ALA A 100 -1.97 11.82 -0.02
C ALA A 100 -3.19 12.74 0.07
N ASP A 101 -3.86 12.94 -1.06
CA ASP A 101 -5.01 13.84 -1.12
C ASP A 101 -6.19 13.23 -0.37
N ALA A 102 -6.35 11.91 -0.50
CA ALA A 102 -7.40 11.18 0.20
C ALA A 102 -7.17 11.20 1.70
N MET A 103 -5.90 11.15 2.10
CA MET A 103 -5.53 11.27 3.51
C MET A 103 -6.03 12.59 4.09
N LYS A 104 -5.87 13.66 3.32
CA LYS A 104 -6.35 14.97 3.74
C LYS A 104 -7.87 14.99 3.78
N GLY A 105 -8.48 14.44 2.74
CA GLY A 105 -9.93 14.39 2.66
C GLY A 105 -10.55 13.55 3.76
N TYR A 106 -9.81 12.54 4.20
CA TYR A 106 -10.28 11.66 5.26
C TYR A 106 -10.35 12.41 6.59
N ARG A 107 -9.34 13.22 6.85
CA ARG A 107 -9.27 13.99 8.09
C ARG A 107 -10.21 15.19 8.01
N LYS A 108 -10.64 15.51 6.79
CA LYS A 108 -11.57 16.62 6.55
C LYS A 108 -12.96 16.30 7.12
N LYS A 109 -13.19 15.03 7.42
CA LYS A 109 -14.45 14.58 7.95
C LYS A 109 -14.25 13.86 9.28
N ASN A 110 -14.89 14.37 10.34
CA ASN A 110 -14.73 13.81 11.67
C ASN A 110 -15.76 12.73 11.94
N LEU A 111 -15.32 11.63 12.55
CA LEU A 111 -16.20 10.51 12.85
C LEU A 111 -17.09 10.81 14.04
N GLU A 112 -18.38 10.54 13.89
CA GLU A 112 -19.35 10.79 14.94
C GLU A 112 -19.37 9.62 15.93
N HIS A 113 -19.59 9.92 17.21
CA HIS A 113 -19.73 8.89 18.22
C HIS A 113 -21.20 8.69 18.56
N HIS A 114 -21.52 7.53 19.10
CA HIS A 114 -22.90 7.20 19.42
C HIS A 114 -23.39 8.04 20.58
N HIS A 115 -22.51 8.29 21.54
CA HIS A 115 -22.82 9.14 22.69
C HIS A 115 -22.82 10.60 22.27
N HIS A 116 -23.85 10.99 21.53
CA HIS A 116 -23.97 12.34 21.02
C HIS A 116 -25.40 12.58 20.54
N HIS A 117 -26.25 11.57 20.68
CA HIS A 117 -27.63 11.65 20.22
C HIS A 117 -28.57 11.70 21.40
N HIS A 118 -28.09 12.23 22.52
CA HIS A 118 -28.82 12.26 23.78
C HIS A 118 -29.06 10.84 24.26
N SER A 1 -3.02 -16.28 -12.04
CA SER A 1 -2.31 -15.24 -11.26
C SER A 1 -0.90 -15.00 -11.81
N SER A 2 -0.58 -15.60 -12.95
CA SER A 2 0.75 -15.49 -13.53
C SER A 2 0.92 -14.16 -14.27
N ASN A 3 1.77 -13.31 -13.71
CA ASN A 3 2.08 -11.99 -14.29
C ASN A 3 0.82 -11.11 -14.31
N ASN A 4 -0.11 -11.41 -13.41
CA ASN A 4 -1.33 -10.61 -13.29
C ASN A 4 -1.01 -9.24 -12.72
N ASN A 5 -1.95 -8.31 -12.83
CA ASN A 5 -1.74 -6.97 -12.31
C ASN A 5 -2.21 -6.88 -10.87
N SER A 6 -2.55 -8.02 -10.29
CA SER A 6 -2.94 -8.10 -8.88
C SER A 6 -1.77 -7.69 -7.99
N PHE A 7 -2.08 -6.94 -6.94
CA PHE A 7 -1.05 -6.38 -6.07
C PHE A 7 -0.21 -7.48 -5.42
N SER A 8 -0.87 -8.52 -4.91
CA SER A 8 -0.16 -9.62 -4.25
C SER A 8 0.79 -10.33 -5.21
N ALA A 9 0.39 -10.45 -6.47
CA ALA A 9 1.21 -11.09 -7.48
C ALA A 9 2.51 -10.30 -7.70
N ILE A 10 2.35 -8.99 -7.89
CA ILE A 10 3.50 -8.13 -8.10
C ILE A 10 4.33 -8.03 -6.82
N TYR A 11 3.64 -8.00 -5.68
CA TYR A 11 4.30 -8.02 -4.37
C TYR A 11 5.21 -9.25 -4.24
N LYS A 12 4.72 -10.40 -4.68
CA LYS A 12 5.50 -11.63 -4.60
C LYS A 12 6.80 -11.51 -5.39
N GLU A 13 6.70 -11.02 -6.62
CA GLU A 13 7.87 -10.83 -7.46
C GLU A 13 8.79 -9.75 -6.88
N TRP A 14 8.19 -8.64 -6.47
CA TRP A 14 8.91 -7.52 -5.86
C TRP A 14 9.68 -7.97 -4.63
N TYR A 15 8.98 -8.59 -3.69
CA TYR A 15 9.58 -9.03 -2.44
C TYR A 15 10.74 -9.98 -2.68
N GLU A 16 10.51 -11.03 -3.45
CA GLU A 16 11.52 -12.05 -3.66
C GLU A 16 12.77 -11.47 -4.31
N HIS A 17 12.58 -10.45 -5.14
CA HIS A 17 13.69 -9.81 -5.81
C HIS A 17 14.40 -8.84 -4.86
N LYS A 18 13.63 -8.08 -4.10
CA LYS A 18 14.20 -7.07 -3.20
C LYS A 18 14.76 -7.75 -1.95
N LYS A 19 14.35 -9.00 -1.74
CA LYS A 19 14.84 -9.82 -0.64
C LYS A 19 16.33 -10.14 -0.83
N GLN A 20 16.80 -9.96 -2.06
CA GLN A 20 18.21 -10.18 -2.37
C GLN A 20 19.04 -9.01 -1.86
N VAL A 21 18.37 -7.95 -1.44
CA VAL A 21 19.04 -6.76 -0.91
C VAL A 21 19.02 -6.77 0.62
N TRP A 22 17.89 -7.16 1.18
CA TRP A 22 17.73 -7.17 2.63
C TRP A 22 18.13 -8.52 3.21
N SER A 23 18.36 -8.55 4.52
CA SER A 23 18.63 -9.79 5.22
C SER A 23 17.33 -10.57 5.43
N VAL A 24 17.44 -11.89 5.55
CA VAL A 24 16.26 -12.75 5.65
C VAL A 24 15.34 -12.34 6.80
N GLY A 25 15.94 -11.94 7.93
CA GLY A 25 15.14 -11.53 9.07
C GLY A 25 14.27 -10.33 8.77
N TYR A 26 14.91 -9.22 8.43
CA TYR A 26 14.20 -7.99 8.10
C TYR A 26 13.25 -8.20 6.91
N ALA A 27 13.70 -8.99 5.94
CA ALA A 27 12.89 -9.27 4.76
C ALA A 27 11.60 -9.99 5.13
N THR A 28 11.70 -10.96 6.03
CA THR A 28 10.54 -11.71 6.48
C THR A 28 9.52 -10.81 7.19
N GLU A 29 10.02 -9.99 8.10
CA GLU A 29 9.15 -9.11 8.86
C GLU A 29 8.51 -8.04 7.97
N LEU A 30 9.28 -7.52 7.02
CA LEU A 30 8.76 -6.54 6.07
C LEU A 30 7.73 -7.22 5.16
N ALA A 31 8.05 -8.42 4.71
CA ALA A 31 7.15 -9.18 3.85
C ALA A 31 5.82 -9.45 4.55
N LYS A 32 5.88 -9.92 5.79
CA LYS A 32 4.66 -10.25 6.50
C LYS A 32 3.93 -8.98 6.93
N MET A 33 4.62 -7.86 6.94
CA MET A 33 3.97 -6.58 7.18
C MET A 33 2.99 -6.31 6.05
N PHE A 34 3.43 -6.59 4.83
CA PHE A 34 2.56 -6.50 3.66
C PHE A 34 1.51 -7.61 3.70
N ASP A 35 1.91 -8.79 4.14
CA ASP A 35 1.00 -9.92 4.25
C ASP A 35 -0.15 -9.60 5.21
N ASP A 36 0.18 -9.44 6.49
CA ASP A 36 -0.80 -9.39 7.55
C ASP A 36 -1.61 -8.08 7.54
N ASP A 37 -1.01 -7.00 7.06
CA ASP A 37 -1.69 -5.70 7.08
C ASP A 37 -2.14 -5.26 5.69
N ILE A 38 -1.29 -5.42 4.69
CA ILE A 38 -1.60 -4.95 3.34
C ILE A 38 -2.53 -5.91 2.59
N LEU A 39 -2.27 -7.22 2.69
CA LEU A 39 -2.99 -8.19 1.87
C LEU A 39 -4.49 -8.28 2.18
N PRO A 40 -4.91 -8.28 3.47
CA PRO A 40 -6.34 -8.32 3.82
C PRO A 40 -7.09 -7.07 3.35
N ILE A 41 -6.33 -6.05 2.95
CA ILE A 41 -6.94 -4.81 2.47
C ILE A 41 -6.95 -4.78 0.95
N ILE A 42 -5.77 -4.69 0.33
CA ILE A 42 -5.68 -4.54 -1.11
C ILE A 42 -4.89 -5.67 -1.76
N GLY A 43 -4.62 -6.72 -1.00
CA GLY A 43 -3.81 -7.81 -1.51
C GLY A 43 -4.43 -8.49 -2.70
N GLY A 44 -5.75 -8.59 -2.70
CA GLY A 44 -6.45 -9.24 -3.78
C GLY A 44 -7.00 -8.25 -4.79
N LEU A 45 -6.45 -7.04 -4.81
CA LEU A 45 -6.88 -6.03 -5.76
C LEU A 45 -5.81 -5.84 -6.83
N GLU A 46 -6.19 -5.31 -7.97
CA GLU A 46 -5.24 -5.02 -9.04
C GLU A 46 -4.53 -3.72 -8.76
N ILE A 47 -3.24 -3.68 -9.04
CA ILE A 47 -2.40 -2.54 -8.74
C ILE A 47 -2.85 -1.30 -9.54
N GLN A 48 -3.56 -1.54 -10.63
CA GLN A 48 -4.10 -0.46 -11.45
C GLN A 48 -5.48 -0.04 -10.96
N ASP A 49 -6.07 -0.85 -10.10
CA ASP A 49 -7.46 -0.68 -9.71
C ASP A 49 -7.63 -0.70 -8.20
N ILE A 50 -6.83 0.12 -7.52
CA ILE A 50 -6.94 0.25 -6.07
C ILE A 50 -7.53 1.61 -5.72
N GLU A 51 -8.56 1.59 -4.89
CA GLU A 51 -9.20 2.83 -4.47
C GLU A 51 -8.31 3.57 -3.49
N PRO A 52 -8.30 4.91 -3.56
CA PRO A 52 -7.55 5.74 -2.62
C PRO A 52 -7.94 5.45 -1.19
N MET A 53 -9.22 5.14 -0.99
CA MET A 53 -9.73 4.82 0.35
C MET A 53 -9.13 3.53 0.87
N GLN A 54 -8.85 2.60 -0.03
CA GLN A 54 -8.31 1.30 0.35
C GLN A 54 -6.81 1.38 0.63
N LEU A 55 -6.08 2.07 -0.23
CA LEU A 55 -4.66 2.28 0.00
C LEU A 55 -4.47 3.10 1.27
N LEU A 56 -5.37 4.04 1.49
CA LEU A 56 -5.37 4.86 2.69
C LEU A 56 -5.81 4.01 3.90
N GLU A 57 -6.64 3.01 3.65
CA GLU A 57 -7.07 2.11 4.73
C GLU A 57 -5.90 1.24 5.18
N VAL A 58 -5.03 0.89 4.24
CA VAL A 58 -3.79 0.19 4.57
C VAL A 58 -2.96 1.03 5.54
N ILE A 59 -2.76 2.29 5.18
CA ILE A 59 -2.03 3.22 6.04
C ILE A 59 -2.73 3.39 7.38
N ARG A 60 -4.06 3.47 7.36
CA ARG A 60 -4.85 3.60 8.58
C ARG A 60 -4.90 2.28 9.34
N ARG A 61 -4.58 1.19 8.65
CA ARG A 61 -4.46 -0.12 9.27
C ARG A 61 -3.31 -0.10 10.26
N PHE A 62 -2.22 0.55 9.87
CA PHE A 62 -1.10 0.76 10.78
C PHE A 62 -1.46 1.79 11.85
N GLU A 63 -2.30 2.74 11.46
CA GLU A 63 -2.74 3.80 12.37
C GLU A 63 -3.56 3.23 13.52
N ASP A 64 -4.28 2.13 13.27
CA ASP A 64 -5.05 1.44 14.31
C ASP A 64 -4.15 1.05 15.49
N ARG A 65 -2.87 0.84 15.20
CA ARG A 65 -1.92 0.45 16.24
C ARG A 65 -1.01 1.61 16.61
N GLY A 66 -1.34 2.80 16.09
CA GLY A 66 -0.55 3.98 16.38
C GLY A 66 0.79 3.97 15.71
N ALA A 67 0.90 3.25 14.60
CA ALA A 67 2.16 3.14 13.87
C ALA A 67 2.28 4.22 12.81
N MET A 68 2.98 5.30 13.14
CA MET A 68 3.11 6.44 12.25
C MET A 68 4.15 6.20 11.17
N GLU A 69 5.37 5.84 11.59
CA GLU A 69 6.44 5.56 10.64
C GLU A 69 6.09 4.36 9.78
N ARG A 70 5.42 3.38 10.38
CA ARG A 70 5.07 2.17 9.66
C ARG A 70 3.98 2.45 8.63
N ALA A 71 3.15 3.44 8.90
CA ALA A 71 2.12 3.87 7.97
C ALA A 71 2.76 4.49 6.73
N ASN A 72 3.74 5.36 6.97
CA ASN A 72 4.46 5.99 5.88
C ASN A 72 5.45 5.01 5.27
N LYS A 73 5.79 3.98 6.03
CA LYS A 73 6.62 2.90 5.54
C LYS A 73 5.87 2.14 4.46
N ALA A 74 4.65 1.72 4.78
CA ALA A 74 3.77 1.09 3.82
C ALA A 74 3.53 2.02 2.63
N ARG A 75 3.20 3.26 2.96
CA ARG A 75 2.98 4.31 1.97
C ARG A 75 4.10 4.35 0.92
N ARG A 76 5.34 4.38 1.39
CA ARG A 76 6.48 4.56 0.50
C ARG A 76 6.87 3.24 -0.16
N ARG A 77 6.65 2.13 0.53
CA ARG A 77 6.98 0.82 -0.03
C ARG A 77 5.93 0.40 -1.05
N CYS A 78 4.67 0.70 -0.80
CA CYS A 78 3.62 0.45 -1.78
C CYS A 78 3.86 1.30 -3.02
N GLY A 79 4.22 2.56 -2.81
CA GLY A 79 4.61 3.43 -3.91
C GLY A 79 5.74 2.83 -4.73
N GLU A 80 6.64 2.14 -4.06
CA GLU A 80 7.74 1.45 -4.73
C GLU A 80 7.20 0.31 -5.60
N VAL A 81 6.23 -0.42 -5.06
CA VAL A 81 5.57 -1.49 -5.81
C VAL A 81 4.85 -0.94 -7.03
N PHE A 82 4.16 0.18 -6.85
CA PHE A 82 3.52 0.86 -7.98
C PHE A 82 4.55 1.25 -9.02
N ARG A 83 5.65 1.83 -8.56
CA ARG A 83 6.75 2.25 -9.44
C ARG A 83 7.37 1.03 -10.13
N TYR A 84 7.50 -0.05 -9.38
CA TYR A 84 8.01 -1.31 -9.90
C TYR A 84 7.14 -1.78 -11.06
N ALA A 85 5.83 -1.67 -10.89
CA ALA A 85 4.88 -2.06 -11.92
C ALA A 85 5.00 -1.16 -13.15
N ILE A 86 5.32 0.11 -12.93
CA ILE A 86 5.53 1.05 -14.02
C ILE A 86 6.74 0.64 -14.85
N VAL A 87 7.80 0.21 -14.17
CA VAL A 87 9.03 -0.20 -14.82
C VAL A 87 8.86 -1.57 -15.49
N THR A 88 8.03 -2.41 -14.89
CA THR A 88 7.81 -3.76 -15.42
C THR A 88 6.69 -3.78 -16.45
N GLY A 89 6.14 -2.59 -16.74
CA GLY A 89 5.10 -2.49 -17.74
C GLY A 89 3.80 -3.17 -17.33
N ARG A 90 3.49 -3.06 -16.05
CA ARG A 90 2.26 -3.63 -15.52
C ARG A 90 1.31 -2.53 -15.08
N ALA A 91 1.83 -1.32 -14.95
CA ALA A 91 1.06 -0.17 -14.53
C ALA A 91 1.71 1.11 -15.03
N LYS A 92 1.00 2.22 -14.91
CA LYS A 92 1.53 3.52 -15.29
C LYS A 92 1.18 4.55 -14.22
N TYR A 93 -0.11 4.81 -14.08
CA TYR A 93 -0.57 5.76 -13.08
C TYR A 93 -0.84 5.05 -11.77
N ASN A 94 -0.35 5.62 -10.69
CA ASN A 94 -0.55 5.08 -9.37
C ASN A 94 -1.41 6.02 -8.53
N PRO A 95 -2.20 5.46 -7.60
CA PRO A 95 -3.03 6.26 -6.69
C PRO A 95 -2.22 6.86 -5.54
N ALA A 96 -0.93 7.11 -5.79
CA ALA A 96 -0.06 7.66 -4.76
C ALA A 96 -0.41 9.13 -4.44
N PRO A 97 -0.60 10.00 -5.47
CA PRO A 97 -1.07 11.37 -5.23
C PRO A 97 -2.44 11.39 -4.58
N ASP A 98 -3.25 10.39 -4.91
CA ASP A 98 -4.58 10.25 -4.33
C ASP A 98 -4.48 9.80 -2.88
N LEU A 99 -3.50 8.94 -2.62
CA LEU A 99 -3.21 8.47 -1.26
C LEU A 99 -2.89 9.65 -0.34
N ALA A 100 -2.07 10.56 -0.84
CA ALA A 100 -1.69 11.74 -0.08
C ALA A 100 -2.91 12.62 0.20
N ASP A 101 -3.77 12.77 -0.80
CA ASP A 101 -4.98 13.58 -0.66
C ASP A 101 -5.95 12.90 0.30
N ALA A 102 -6.09 11.59 0.17
CA ALA A 102 -6.98 10.83 1.03
C ALA A 102 -6.45 10.75 2.45
N MET A 103 -5.17 11.02 2.62
CA MET A 103 -4.55 11.06 3.93
C MET A 103 -4.83 12.37 4.64
N LYS A 104 -4.58 13.47 3.94
CA LYS A 104 -4.74 14.79 4.52
C LYS A 104 -6.19 15.26 4.48
N GLY A 105 -6.89 14.91 3.40
CA GLY A 105 -8.27 15.31 3.24
C GLY A 105 -9.21 14.52 4.14
N TYR A 106 -8.70 13.43 4.70
CA TYR A 106 -9.49 12.61 5.61
C TYR A 106 -9.54 13.26 7.00
N ARG A 107 -8.70 14.27 7.20
CA ARG A 107 -8.60 14.92 8.49
C ARG A 107 -9.86 15.73 8.80
N LYS A 108 -10.70 15.91 7.78
CA LYS A 108 -12.00 16.53 7.95
C LYS A 108 -12.82 15.72 8.97
N LYS A 109 -12.59 14.41 8.96
CA LYS A 109 -13.30 13.47 9.83
C LYS A 109 -14.80 13.54 9.57
N ASN A 110 -15.22 12.83 8.53
CA ASN A 110 -16.62 12.84 8.10
C ASN A 110 -17.52 12.30 9.19
N LEU A 111 -18.71 12.87 9.31
CA LEU A 111 -19.63 12.54 10.39
C LEU A 111 -20.22 11.16 10.21
N GLU A 112 -20.62 10.84 8.99
CA GLU A 112 -21.27 9.57 8.72
C GLU A 112 -20.25 8.52 8.28
N HIS A 113 -20.18 7.44 9.04
CA HIS A 113 -19.30 6.32 8.73
C HIS A 113 -20.04 5.30 7.89
N HIS A 114 -19.52 5.03 6.70
CA HIS A 114 -20.14 4.08 5.79
C HIS A 114 -19.47 2.71 5.91
N HIS A 115 -19.95 1.75 5.14
CA HIS A 115 -19.44 0.38 5.25
C HIS A 115 -18.57 0.01 4.04
N HIS A 116 -18.52 0.90 3.05
CA HIS A 116 -17.59 0.73 1.94
C HIS A 116 -16.17 0.82 2.48
N HIS A 117 -15.97 1.79 3.35
CA HIS A 117 -14.75 1.88 4.12
C HIS A 117 -15.08 1.71 5.59
N HIS A 118 -14.75 0.55 6.13
CA HIS A 118 -15.05 0.25 7.52
C HIS A 118 -14.04 0.91 8.47
N SER A 1 -2.48 -9.01 -20.08
CA SER A 1 -3.84 -9.45 -19.72
C SER A 1 -3.79 -10.78 -18.98
N SER A 2 -3.73 -10.70 -17.65
CA SER A 2 -3.61 -11.88 -16.81
C SER A 2 -3.81 -11.50 -15.34
N ASN A 3 -4.00 -12.50 -14.49
CA ASN A 3 -4.31 -12.27 -13.08
C ASN A 3 -3.06 -11.92 -12.26
N ASN A 4 -1.98 -11.58 -12.96
CA ASN A 4 -0.73 -11.21 -12.30
C ASN A 4 -0.69 -9.70 -12.07
N ASN A 5 -1.77 -9.02 -12.42
CA ASN A 5 -1.87 -7.58 -12.20
C ASN A 5 -2.32 -7.29 -10.78
N SER A 6 -2.77 -8.33 -10.08
CA SER A 6 -3.17 -8.20 -8.69
C SER A 6 -1.97 -7.79 -7.84
N PHE A 7 -2.22 -6.92 -6.86
CA PHE A 7 -1.16 -6.35 -6.04
C PHE A 7 -0.34 -7.45 -5.37
N SER A 8 -1.03 -8.46 -4.81
CA SER A 8 -0.36 -9.56 -4.13
C SER A 8 0.63 -10.29 -5.04
N ALA A 9 0.30 -10.39 -6.32
CA ALA A 9 1.15 -11.10 -7.28
C ALA A 9 2.46 -10.35 -7.48
N ILE A 10 2.34 -9.07 -7.84
CA ILE A 10 3.51 -8.24 -8.07
C ILE A 10 4.27 -8.02 -6.76
N TYR A 11 3.51 -7.99 -5.66
CA TYR A 11 4.10 -7.87 -4.33
C TYR A 11 5.10 -8.99 -4.07
N LYS A 12 4.72 -10.23 -4.36
CA LYS A 12 5.61 -11.36 -4.13
C LYS A 12 6.85 -11.25 -4.99
N GLU A 13 6.67 -10.84 -6.24
CA GLU A 13 7.80 -10.66 -7.15
C GLU A 13 8.73 -9.57 -6.64
N TRP A 14 8.14 -8.43 -6.28
CA TRP A 14 8.88 -7.30 -5.71
C TRP A 14 9.61 -7.74 -4.44
N TYR A 15 8.88 -8.43 -3.56
CA TYR A 15 9.43 -8.93 -2.31
C TYR A 15 10.64 -9.81 -2.56
N GLU A 16 10.49 -10.81 -3.43
CA GLU A 16 11.55 -11.76 -3.68
C GLU A 16 12.78 -11.06 -4.26
N HIS A 17 12.54 -10.02 -5.06
CA HIS A 17 13.63 -9.25 -5.66
C HIS A 17 14.34 -8.41 -4.61
N LYS A 18 13.57 -7.71 -3.79
CA LYS A 18 14.13 -6.84 -2.76
C LYS A 18 14.68 -7.65 -1.59
N LYS A 19 14.30 -8.92 -1.53
CA LYS A 19 14.77 -9.83 -0.50
C LYS A 19 16.27 -10.09 -0.65
N GLN A 20 16.78 -9.79 -1.84
CA GLN A 20 18.21 -9.93 -2.11
C GLN A 20 18.94 -8.64 -1.75
N VAL A 21 18.18 -7.60 -1.46
CA VAL A 21 18.75 -6.30 -1.13
C VAL A 21 18.75 -6.07 0.38
N TRP A 22 17.66 -6.47 1.04
CA TRP A 22 17.55 -6.33 2.48
C TRP A 22 18.04 -7.58 3.18
N SER A 23 18.26 -7.47 4.48
CA SER A 23 18.60 -8.63 5.29
C SER A 23 17.39 -9.55 5.38
N VAL A 24 17.62 -10.85 5.24
CA VAL A 24 16.53 -11.82 5.24
C VAL A 24 15.67 -11.73 6.50
N GLY A 25 16.31 -11.49 7.63
CA GLY A 25 15.56 -11.34 8.88
C GLY A 25 14.56 -10.20 8.79
N TYR A 26 15.04 -9.04 8.35
CA TYR A 26 14.19 -7.87 8.21
C TYR A 26 13.20 -8.05 7.06
N ALA A 27 13.67 -8.65 5.97
CA ALA A 27 12.83 -8.86 4.80
C ALA A 27 11.62 -9.74 5.13
N THR A 28 11.85 -10.76 5.95
CA THR A 28 10.78 -11.66 6.35
C THR A 28 9.76 -10.95 7.23
N GLU A 29 10.24 -10.18 8.20
CA GLU A 29 9.35 -9.42 9.08
C GLU A 29 8.60 -8.35 8.28
N LEU A 30 9.32 -7.64 7.42
CA LEU A 30 8.72 -6.63 6.56
C LEU A 30 7.62 -7.24 5.71
N ALA A 31 7.87 -8.45 5.21
CA ALA A 31 6.90 -9.15 4.37
C ALA A 31 5.66 -9.53 5.15
N LYS A 32 5.84 -10.26 6.25
CA LYS A 32 4.69 -10.73 7.01
C LYS A 32 3.88 -9.56 7.60
N MET A 33 4.57 -8.46 7.86
CA MET A 33 3.90 -7.24 8.31
C MET A 33 3.05 -6.68 7.18
N PHE A 34 3.63 -6.63 5.98
CA PHE A 34 2.91 -6.21 4.78
C PHE A 34 1.74 -7.17 4.53
N ASP A 35 2.03 -8.45 4.69
CA ASP A 35 1.05 -9.52 4.53
C ASP A 35 -0.21 -9.28 5.35
N ASP A 36 -0.06 -9.32 6.67
CA ASP A 36 -1.21 -9.35 7.57
C ASP A 36 -1.95 -8.01 7.64
N ASP A 37 -1.25 -6.92 7.38
CA ASP A 37 -1.86 -5.59 7.52
C ASP A 37 -2.30 -5.02 6.18
N ILE A 38 -1.53 -5.23 5.13
CA ILE A 38 -1.77 -4.58 3.86
C ILE A 38 -2.55 -5.46 2.89
N LEU A 39 -2.24 -6.75 2.86
CA LEU A 39 -2.86 -7.67 1.89
C LEU A 39 -4.38 -7.79 2.07
N PRO A 40 -4.93 -7.87 3.29
CA PRO A 40 -6.38 -7.94 3.49
C PRO A 40 -7.08 -6.65 3.06
N ILE A 41 -6.30 -5.62 2.76
CA ILE A 41 -6.86 -4.34 2.36
C ILE A 41 -6.81 -4.16 0.85
N ILE A 42 -5.63 -4.19 0.26
CA ILE A 42 -5.49 -3.95 -1.17
C ILE A 42 -4.85 -5.13 -1.90
N GLY A 43 -4.66 -6.23 -1.19
CA GLY A 43 -3.99 -7.38 -1.77
C GLY A 43 -4.74 -7.96 -2.95
N GLY A 44 -6.07 -7.89 -2.89
CA GLY A 44 -6.88 -8.43 -3.95
C GLY A 44 -7.25 -7.39 -4.99
N LEU A 45 -6.63 -6.22 -4.90
CA LEU A 45 -6.87 -5.17 -5.87
C LEU A 45 -5.80 -5.18 -6.94
N GLU A 46 -6.19 -4.96 -8.18
CA GLU A 46 -5.24 -4.84 -9.27
C GLU A 46 -4.43 -3.57 -9.08
N ILE A 47 -3.12 -3.68 -9.23
CA ILE A 47 -2.20 -2.60 -8.92
C ILE A 47 -2.49 -1.33 -9.73
N GLN A 48 -3.14 -1.50 -10.87
CA GLN A 48 -3.45 -0.38 -11.75
C GLN A 48 -4.82 0.22 -11.42
N ASP A 49 -5.63 -0.54 -10.70
CA ASP A 49 -6.98 -0.11 -10.35
C ASP A 49 -7.24 -0.30 -8.86
N ILE A 50 -6.68 0.60 -8.06
CA ILE A 50 -6.82 0.52 -6.62
C ILE A 50 -7.56 1.74 -6.08
N GLU A 51 -8.48 1.47 -5.15
CA GLU A 51 -9.24 2.52 -4.48
C GLU A 51 -8.31 3.36 -3.60
N PRO A 52 -8.21 4.67 -3.91
CA PRO A 52 -7.34 5.59 -3.17
C PRO A 52 -7.58 5.59 -1.66
N MET A 53 -8.85 5.52 -1.25
CA MET A 53 -9.18 5.52 0.18
C MET A 53 -8.89 4.16 0.79
N GLN A 54 -8.70 3.16 -0.06
CA GLN A 54 -8.39 1.82 0.38
C GLN A 54 -6.91 1.73 0.70
N LEU A 55 -6.10 2.43 -0.10
CA LEU A 55 -4.68 2.52 0.14
C LEU A 55 -4.43 3.28 1.44
N LEU A 56 -5.28 4.28 1.69
CA LEU A 56 -5.22 5.02 2.94
C LEU A 56 -5.62 4.12 4.10
N GLU A 57 -6.51 3.17 3.82
CA GLU A 57 -6.93 2.20 4.83
C GLU A 57 -5.76 1.30 5.22
N VAL A 58 -4.81 1.12 4.31
CA VAL A 58 -3.56 0.45 4.63
C VAL A 58 -2.74 1.27 5.63
N ILE A 59 -2.54 2.54 5.30
CA ILE A 59 -1.84 3.45 6.20
C ILE A 59 -2.54 3.50 7.55
N ARG A 60 -3.87 3.52 7.53
CA ARG A 60 -4.65 3.59 8.75
C ARG A 60 -4.70 2.24 9.47
N ARG A 61 -4.42 1.17 8.71
CA ARG A 61 -4.26 -0.15 9.29
C ARG A 61 -3.15 -0.12 10.32
N PHE A 62 -2.07 0.53 9.96
CA PHE A 62 -0.93 0.69 10.86
C PHE A 62 -1.21 1.77 11.91
N GLU A 63 -2.17 2.64 11.64
CA GLU A 63 -2.55 3.67 12.60
C GLU A 63 -3.25 3.03 13.79
N ASP A 64 -4.08 2.01 13.52
CA ASP A 64 -4.71 1.23 14.59
C ASP A 64 -3.64 0.60 15.48
N ARG A 65 -2.53 0.25 14.87
CA ARG A 65 -1.45 -0.44 15.59
C ARG A 65 -0.51 0.57 16.24
N GLY A 66 -0.80 1.85 16.06
CA GLY A 66 0.03 2.90 16.62
C GLY A 66 1.43 2.90 16.03
N ALA A 67 1.50 2.68 14.72
CA ALA A 67 2.78 2.66 14.04
C ALA A 67 2.76 3.60 12.84
N MET A 68 3.14 4.85 13.07
CA MET A 68 3.18 5.84 11.99
C MET A 68 4.38 5.56 11.10
N GLU A 69 5.46 5.09 11.71
CA GLU A 69 6.66 4.72 10.99
C GLU A 69 6.35 3.63 9.97
N ARG A 70 5.70 2.57 10.45
CA ARG A 70 5.34 1.45 9.58
C ARG A 70 4.27 1.86 8.58
N ALA A 71 3.48 2.86 8.94
CA ALA A 71 2.47 3.40 8.03
C ALA A 71 3.14 4.14 6.87
N ASN A 72 4.18 4.90 7.20
CA ASN A 72 4.99 5.57 6.19
C ASN A 72 5.68 4.55 5.30
N LYS A 73 6.22 3.51 5.92
CA LYS A 73 6.85 2.41 5.18
C LYS A 73 5.81 1.69 4.32
N ALA A 74 4.57 1.60 4.81
CA ALA A 74 3.49 1.02 4.03
C ALA A 74 3.28 1.80 2.75
N ARG A 75 3.09 3.11 2.90
CA ARG A 75 2.93 4.00 1.75
C ARG A 75 4.11 3.85 0.78
N ARG A 76 5.32 3.87 1.34
CA ARG A 76 6.54 3.75 0.53
C ARG A 76 6.56 2.45 -0.27
N ARG A 77 6.38 1.34 0.43
CA ARG A 77 6.43 0.02 -0.20
C ARG A 77 5.39 -0.11 -1.31
N CYS A 78 4.21 0.43 -1.07
CA CYS A 78 3.19 0.44 -2.11
C CYS A 78 3.68 1.21 -3.32
N GLY A 79 4.22 2.41 -3.08
CA GLY A 79 4.79 3.20 -4.16
C GLY A 79 5.91 2.48 -4.89
N GLU A 80 6.72 1.73 -4.15
CA GLU A 80 7.78 0.92 -4.74
C GLU A 80 7.19 -0.11 -5.69
N VAL A 81 6.20 -0.86 -5.19
CA VAL A 81 5.52 -1.87 -6.00
C VAL A 81 4.86 -1.23 -7.22
N PHE A 82 4.20 -0.10 -7.00
CA PHE A 82 3.57 0.66 -8.09
C PHE A 82 4.60 1.00 -9.17
N ARG A 83 5.71 1.60 -8.75
CA ARG A 83 6.76 2.02 -9.68
C ARG A 83 7.36 0.81 -10.38
N TYR A 84 7.58 -0.26 -9.61
CA TYR A 84 8.10 -1.51 -10.16
C TYR A 84 7.19 -2.02 -11.28
N ALA A 85 5.89 -1.95 -11.04
CA ALA A 85 4.91 -2.39 -12.03
C ALA A 85 4.87 -1.45 -13.23
N ILE A 86 5.10 -0.17 -12.98
CA ILE A 86 5.14 0.81 -14.07
C ILE A 86 6.28 0.49 -15.03
N VAL A 87 7.44 0.18 -14.48
CA VAL A 87 8.62 -0.12 -15.30
C VAL A 87 8.42 -1.38 -16.13
N THR A 88 7.80 -2.40 -15.53
CA THR A 88 7.57 -3.66 -16.22
C THR A 88 6.33 -3.58 -17.12
N GLY A 89 5.57 -2.50 -16.99
CA GLY A 89 4.43 -2.29 -17.86
C GLY A 89 3.14 -2.95 -17.36
N ARG A 90 3.06 -3.17 -16.06
CA ARG A 90 1.86 -3.74 -15.46
C ARG A 90 1.05 -2.65 -14.78
N ALA A 91 1.62 -1.45 -14.76
CA ALA A 91 0.95 -0.27 -14.24
C ALA A 91 1.47 0.95 -14.99
N LYS A 92 0.78 2.07 -14.89
CA LYS A 92 1.19 3.28 -15.60
C LYS A 92 1.07 4.51 -14.70
N TYR A 93 -0.05 4.62 -14.01
CA TYR A 93 -0.24 5.69 -13.04
C TYR A 93 -0.42 5.12 -11.64
N ASN A 94 0.37 5.60 -10.70
CA ASN A 94 0.27 5.14 -9.32
C ASN A 94 -0.51 6.13 -8.46
N PRO A 95 -1.44 5.63 -7.64
CA PRO A 95 -2.29 6.46 -6.77
C PRO A 95 -1.54 6.99 -5.54
N ALA A 96 -0.27 7.33 -5.74
CA ALA A 96 0.54 7.88 -4.65
C ALA A 96 0.08 9.28 -4.24
N PRO A 97 -0.13 10.21 -5.20
CA PRO A 97 -0.67 11.53 -4.89
C PRO A 97 -2.13 11.43 -4.42
N ASP A 98 -2.83 10.41 -4.91
CA ASP A 98 -4.21 10.16 -4.51
C ASP A 98 -4.26 9.74 -3.06
N LEU A 99 -3.28 8.92 -2.66
CA LEU A 99 -3.11 8.51 -1.28
C LEU A 99 -3.03 9.73 -0.38
N ALA A 100 -2.23 10.71 -0.80
CA ALA A 100 -2.02 11.92 -0.03
C ALA A 100 -3.31 12.74 0.06
N ASP A 101 -4.03 12.86 -1.05
CA ASP A 101 -5.25 13.66 -1.07
C ASP A 101 -6.36 12.97 -0.30
N ALA A 102 -6.41 11.64 -0.40
CA ALA A 102 -7.38 10.85 0.35
C ALA A 102 -7.11 10.96 1.84
N MET A 103 -5.84 10.93 2.22
CA MET A 103 -5.44 11.10 3.61
C MET A 103 -5.90 12.46 4.14
N LYS A 104 -5.84 13.47 3.27
CA LYS A 104 -6.30 14.81 3.62
C LYS A 104 -7.81 14.83 3.83
N GLY A 105 -8.54 14.40 2.81
CA GLY A 105 -9.99 14.43 2.86
C GLY A 105 -10.57 13.54 3.94
N TYR A 106 -9.87 12.45 4.23
CA TYR A 106 -10.30 11.50 5.25
C TYR A 106 -10.30 12.17 6.63
N ARG A 107 -9.39 13.12 6.82
CA ARG A 107 -9.24 13.78 8.10
C ARG A 107 -10.07 15.07 8.17
N LYS A 108 -10.76 15.38 7.08
CA LYS A 108 -11.72 16.47 7.07
C LYS A 108 -13.06 15.97 7.60
N LYS A 109 -13.18 14.64 7.58
CA LYS A 109 -14.36 13.95 8.06
C LYS A 109 -15.63 14.44 7.37
N ASN A 110 -15.76 14.10 6.10
CA ASN A 110 -17.02 14.26 5.38
C ASN A 110 -17.75 12.93 5.40
N LEU A 111 -17.08 11.91 4.86
CA LEU A 111 -17.56 10.53 4.87
C LEU A 111 -18.76 10.35 3.94
N GLU A 112 -19.88 10.93 4.33
CA GLU A 112 -21.11 10.81 3.58
C GLU A 112 -21.40 12.14 2.89
N HIS A 113 -22.07 12.09 1.75
CA HIS A 113 -22.23 13.27 0.91
C HIS A 113 -23.29 14.22 1.45
N HIS A 114 -24.14 13.71 2.33
CA HIS A 114 -25.08 14.56 3.05
C HIS A 114 -24.36 15.38 4.10
N HIS A 115 -23.15 14.93 4.46
CA HIS A 115 -22.34 15.62 5.45
C HIS A 115 -21.18 16.34 4.78
N HIS A 116 -21.50 17.40 4.06
CA HIS A 116 -20.48 18.24 3.45
C HIS A 116 -20.01 19.26 4.48
N HIS A 117 -18.76 19.14 4.89
CA HIS A 117 -18.19 19.92 6.00
C HIS A 117 -18.60 21.40 5.93
N HIS A 118 -18.29 22.04 4.81
CA HIS A 118 -18.68 23.42 4.60
C HIS A 118 -19.11 23.62 3.14
N SER A 1 -10.81 -15.54 -9.71
CA SER A 1 -9.47 -15.78 -10.28
C SER A 1 -8.58 -14.57 -10.07
N SER A 2 -7.27 -14.77 -10.19
CA SER A 2 -6.32 -13.71 -9.95
C SER A 2 -5.81 -13.15 -11.28
N ASN A 3 -5.29 -11.92 -11.24
CA ASN A 3 -4.68 -11.32 -12.42
C ASN A 3 -3.16 -11.38 -12.24
N ASN A 4 -2.43 -11.55 -13.34
CA ASN A 4 -0.97 -11.57 -13.30
C ASN A 4 -0.44 -10.23 -12.79
N ASN A 5 -1.29 -9.20 -12.86
CA ASN A 5 -0.89 -7.86 -12.43
C ASN A 5 -1.64 -7.45 -11.16
N SER A 6 -2.11 -8.42 -10.39
CA SER A 6 -2.70 -8.14 -9.10
C SER A 6 -1.62 -7.73 -8.11
N PHE A 7 -2.01 -7.00 -7.07
CA PHE A 7 -1.04 -6.41 -6.14
C PHE A 7 -0.18 -7.48 -5.49
N SER A 8 -0.80 -8.52 -4.93
CA SER A 8 -0.06 -9.59 -4.26
C SER A 8 1.00 -10.21 -5.17
N ALA A 9 0.65 -10.39 -6.45
CA ALA A 9 1.56 -11.02 -7.41
C ALA A 9 2.78 -10.14 -7.64
N ILE A 10 2.54 -8.87 -7.94
CA ILE A 10 3.62 -7.93 -8.22
C ILE A 10 4.39 -7.62 -6.94
N TYR A 11 3.67 -7.52 -5.83
CA TYR A 11 4.30 -7.33 -4.52
C TYR A 11 5.29 -8.44 -4.24
N LYS A 12 4.89 -9.68 -4.55
CA LYS A 12 5.75 -10.82 -4.26
C LYS A 12 6.96 -10.83 -5.19
N GLU A 13 6.77 -10.41 -6.44
CA GLU A 13 7.88 -10.31 -7.39
C GLU A 13 8.86 -9.23 -6.89
N TRP A 14 8.31 -8.12 -6.43
CA TRP A 14 9.10 -7.05 -5.83
C TRP A 14 9.78 -7.52 -4.54
N TYR A 15 9.00 -8.14 -3.66
CA TYR A 15 9.48 -8.68 -2.39
C TYR A 15 10.63 -9.67 -2.62
N GLU A 16 10.43 -10.59 -3.54
CA GLU A 16 11.40 -11.63 -3.82
C GLU A 16 12.68 -11.03 -4.39
N HIS A 17 12.52 -9.95 -5.15
CA HIS A 17 13.65 -9.25 -5.74
C HIS A 17 14.40 -8.44 -4.68
N LYS A 18 13.63 -7.81 -3.79
CA LYS A 18 14.22 -7.03 -2.71
C LYS A 18 14.84 -7.94 -1.66
N LYS A 19 14.30 -9.15 -1.53
CA LYS A 19 14.85 -10.14 -0.60
C LYS A 19 16.24 -10.60 -1.07
N GLN A 20 16.56 -10.30 -2.31
CA GLN A 20 17.88 -10.60 -2.85
C GLN A 20 18.88 -9.55 -2.37
N VAL A 21 18.38 -8.50 -1.74
CA VAL A 21 19.21 -7.43 -1.21
C VAL A 21 19.14 -7.39 0.32
N TRP A 22 17.95 -7.58 0.86
CA TRP A 22 17.74 -7.55 2.29
C TRP A 22 18.16 -8.87 2.94
N SER A 23 18.25 -8.86 4.26
CA SER A 23 18.46 -10.07 5.01
C SER A 23 17.15 -10.86 5.08
N VAL A 24 17.25 -12.18 5.18
CA VAL A 24 16.07 -13.04 5.16
C VAL A 24 15.12 -12.71 6.32
N GLY A 25 15.70 -12.37 7.47
CA GLY A 25 14.88 -12.03 8.62
C GLY A 25 14.13 -10.73 8.40
N TYR A 26 14.82 -9.73 7.87
CA TYR A 26 14.22 -8.44 7.60
C TYR A 26 13.17 -8.55 6.48
N ALA A 27 13.50 -9.33 5.46
CA ALA A 27 12.59 -9.50 4.33
C ALA A 27 11.32 -10.22 4.77
N THR A 28 11.48 -11.25 5.58
CA THR A 28 10.34 -12.00 6.08
C THR A 28 9.50 -11.15 7.02
N GLU A 29 10.16 -10.45 7.94
CA GLU A 29 9.46 -9.62 8.91
C GLU A 29 8.71 -8.49 8.20
N LEU A 30 9.29 -7.98 7.12
CA LEU A 30 8.67 -6.94 6.32
C LEU A 30 7.43 -7.49 5.61
N ALA A 31 7.62 -8.61 4.91
CA ALA A 31 6.53 -9.24 4.18
C ALA A 31 5.43 -9.69 5.13
N LYS A 32 5.83 -10.10 6.32
CA LYS A 32 4.89 -10.46 7.39
C LYS A 32 4.04 -9.25 7.78
N MET A 33 4.73 -8.14 8.08
CA MET A 33 4.07 -6.89 8.43
C MET A 33 3.11 -6.45 7.33
N PHE A 34 3.61 -6.45 6.10
CA PHE A 34 2.85 -6.05 4.93
C PHE A 34 1.64 -6.96 4.75
N ASP A 35 1.85 -8.26 4.87
CA ASP A 35 0.79 -9.23 4.68
C ASP A 35 -0.33 -9.08 5.73
N ASP A 36 0.05 -9.04 7.00
CA ASP A 36 -0.93 -9.03 8.08
C ASP A 36 -1.83 -7.80 8.06
N ASP A 37 -1.28 -6.64 7.74
CA ASP A 37 -2.03 -5.39 7.85
C ASP A 37 -2.44 -4.82 6.49
N ILE A 38 -1.78 -5.23 5.42
CA ILE A 38 -2.03 -4.64 4.10
C ILE A 38 -2.74 -5.61 3.16
N LEU A 39 -2.38 -6.88 3.24
CA LEU A 39 -2.89 -7.90 2.31
C LEU A 39 -4.43 -8.01 2.35
N PRO A 40 -5.06 -8.10 3.55
CA PRO A 40 -6.54 -8.19 3.64
C PRO A 40 -7.26 -6.94 3.13
N ILE A 41 -6.48 -5.89 2.84
CA ILE A 41 -7.07 -4.62 2.41
C ILE A 41 -6.96 -4.44 0.90
N ILE A 42 -5.76 -4.53 0.35
CA ILE A 42 -5.57 -4.31 -1.08
C ILE A 42 -4.83 -5.46 -1.75
N GLY A 43 -4.50 -6.50 -1.00
CA GLY A 43 -3.71 -7.59 -1.54
C GLY A 43 -4.38 -8.26 -2.72
N GLY A 44 -5.70 -8.45 -2.61
CA GLY A 44 -6.44 -9.09 -3.66
C GLY A 44 -6.87 -8.13 -4.75
N LEU A 45 -6.41 -6.89 -4.70
CA LEU A 45 -6.78 -5.91 -5.70
C LEU A 45 -5.74 -5.88 -6.82
N GLU A 46 -6.06 -5.20 -7.90
CA GLU A 46 -5.14 -5.05 -9.01
C GLU A 46 -4.33 -3.78 -8.83
N ILE A 47 -3.06 -3.84 -9.20
CA ILE A 47 -2.18 -2.70 -8.98
C ILE A 47 -2.56 -1.53 -9.91
N GLN A 48 -3.37 -1.83 -10.91
CA GLN A 48 -3.85 -0.81 -11.83
C GLN A 48 -5.18 -0.27 -11.35
N ASP A 49 -5.75 -0.91 -10.34
CA ASP A 49 -7.09 -0.57 -9.88
C ASP A 49 -7.15 -0.57 -8.36
N ILE A 50 -6.66 0.51 -7.75
CA ILE A 50 -6.73 0.69 -6.33
C ILE A 50 -7.25 2.07 -5.99
N GLU A 51 -8.38 2.10 -5.33
CA GLU A 51 -9.02 3.35 -4.94
C GLU A 51 -8.27 3.98 -3.76
N PRO A 52 -8.12 5.31 -3.77
CA PRO A 52 -7.36 6.05 -2.76
C PRO A 52 -7.80 5.72 -1.32
N MET A 53 -9.11 5.59 -1.12
CA MET A 53 -9.66 5.29 0.19
C MET A 53 -9.20 3.92 0.68
N GLN A 54 -9.01 2.99 -0.25
CA GLN A 54 -8.61 1.64 0.10
C GLN A 54 -7.12 1.61 0.43
N LEU A 55 -6.35 2.36 -0.33
CA LEU A 55 -4.91 2.46 -0.12
C LEU A 55 -4.62 3.20 1.19
N LEU A 56 -5.41 4.23 1.46
CA LEU A 56 -5.29 4.95 2.72
C LEU A 56 -5.80 4.08 3.87
N GLU A 57 -6.72 3.18 3.57
CA GLU A 57 -7.22 2.24 4.57
C GLU A 57 -6.05 1.42 5.12
N VAL A 58 -5.14 1.04 4.22
CA VAL A 58 -3.90 0.37 4.60
C VAL A 58 -3.07 1.27 5.53
N ILE A 59 -2.79 2.47 5.07
CA ILE A 59 -1.97 3.42 5.81
C ILE A 59 -2.58 3.70 7.18
N ARG A 60 -3.87 3.99 7.18
CA ARG A 60 -4.59 4.32 8.40
C ARG A 60 -4.70 3.10 9.31
N ARG A 61 -4.71 1.91 8.69
CA ARG A 61 -4.67 0.67 9.43
C ARG A 61 -3.50 0.67 10.40
N PHE A 62 -2.34 1.09 9.90
CA PHE A 62 -1.16 1.19 10.75
C PHE A 62 -1.30 2.33 11.77
N GLU A 63 -2.00 3.39 11.39
CA GLU A 63 -2.23 4.52 12.29
C GLU A 63 -3.16 4.14 13.43
N ASP A 64 -4.18 3.32 13.12
CA ASP A 64 -5.08 2.77 14.14
C ASP A 64 -4.28 1.94 15.13
N ARG A 65 -3.21 1.33 14.65
CA ARG A 65 -2.34 0.52 15.50
C ARG A 65 -1.46 1.42 16.36
N GLY A 66 -1.22 2.64 15.88
CA GLY A 66 -0.30 3.53 16.56
C GLY A 66 1.11 3.36 16.03
N ALA A 67 1.23 2.59 14.96
CA ALA A 67 2.51 2.32 14.35
C ALA A 67 2.81 3.36 13.28
N MET A 68 3.33 4.50 13.71
CA MET A 68 3.55 5.63 12.82
C MET A 68 4.67 5.33 11.84
N GLU A 69 5.66 4.57 12.30
CA GLU A 69 6.77 4.15 11.45
C GLU A 69 6.25 3.29 10.31
N ARG A 70 5.43 2.31 10.67
CA ARG A 70 4.94 1.33 9.70
C ARG A 70 3.94 1.98 8.75
N ALA A 71 3.20 2.97 9.25
CA ALA A 71 2.26 3.70 8.42
C ALA A 71 3.00 4.43 7.30
N ASN A 72 4.10 5.07 7.66
CA ASN A 72 4.93 5.78 6.68
C ASN A 72 5.69 4.80 5.80
N LYS A 73 6.16 3.71 6.40
CA LYS A 73 6.85 2.66 5.65
C LYS A 73 5.94 2.06 4.59
N ALA A 74 4.68 1.86 4.95
CA ALA A 74 3.69 1.36 4.02
C ALA A 74 3.58 2.30 2.82
N ARG A 75 3.39 3.57 3.10
CA ARG A 75 3.24 4.59 2.06
C ARG A 75 4.43 4.58 1.11
N ARG A 76 5.63 4.61 1.69
CA ARG A 76 6.86 4.68 0.90
C ARG A 76 7.02 3.47 -0.02
N ARG A 77 6.90 2.27 0.55
CA ARG A 77 7.21 1.07 -0.21
C ARG A 77 6.03 0.59 -1.06
N CYS A 78 4.82 1.01 -0.74
CA CYS A 78 3.70 0.75 -1.65
C CYS A 78 3.90 1.55 -2.93
N GLY A 79 4.29 2.82 -2.76
CA GLY A 79 4.61 3.65 -3.91
C GLY A 79 5.75 3.08 -4.72
N GLU A 80 6.68 2.41 -4.05
CA GLU A 80 7.79 1.76 -4.75
C GLU A 80 7.29 0.57 -5.56
N VAL A 81 6.36 -0.20 -4.98
CA VAL A 81 5.75 -1.32 -5.69
C VAL A 81 5.03 -0.82 -6.94
N PHE A 82 4.26 0.25 -6.78
CA PHE A 82 3.57 0.87 -7.91
C PHE A 82 4.57 1.30 -8.99
N ARG A 83 5.67 1.92 -8.56
CA ARG A 83 6.70 2.38 -9.48
C ARG A 83 7.42 1.20 -10.12
N TYR A 84 7.66 0.17 -9.32
CA TYR A 84 8.26 -1.07 -9.83
C TYR A 84 7.41 -1.63 -10.95
N ALA A 85 6.11 -1.64 -10.74
CA ALA A 85 5.16 -2.13 -11.72
C ALA A 85 5.21 -1.29 -12.99
N ILE A 86 5.36 0.01 -12.85
CA ILE A 86 5.47 0.89 -14.01
C ILE A 86 6.72 0.54 -14.83
N VAL A 87 7.84 0.32 -14.14
CA VAL A 87 9.09 -0.03 -14.79
C VAL A 87 9.02 -1.43 -15.41
N THR A 88 8.28 -2.32 -14.77
CA THR A 88 8.14 -3.69 -15.25
C THR A 88 7.02 -3.81 -16.28
N GLY A 89 6.40 -2.68 -16.60
CA GLY A 89 5.34 -2.65 -17.58
C GLY A 89 4.10 -3.36 -17.10
N ARG A 90 3.86 -3.30 -15.81
CA ARG A 90 2.70 -3.93 -15.20
C ARG A 90 1.65 -2.89 -14.82
N ALA A 91 2.08 -1.64 -14.63
CA ALA A 91 1.17 -0.59 -14.22
C ALA A 91 1.38 0.66 -15.07
N LYS A 92 0.35 1.48 -15.16
CA LYS A 92 0.39 2.71 -15.93
C LYS A 92 0.39 3.91 -15.01
N TYR A 93 -0.70 4.07 -14.29
CA TYR A 93 -0.86 5.17 -13.35
C TYR A 93 -0.94 4.63 -11.94
N ASN A 94 -0.15 5.20 -11.04
CA ASN A 94 -0.17 4.78 -9.65
C ASN A 94 -0.94 5.78 -8.80
N PRO A 95 -1.86 5.28 -7.96
CA PRO A 95 -2.72 6.13 -7.12
C PRO A 95 -1.99 6.75 -5.94
N ALA A 96 -0.70 6.98 -6.10
CA ALA A 96 0.10 7.60 -5.05
C ALA A 96 -0.38 9.03 -4.75
N PRO A 97 -0.59 9.88 -5.77
CA PRO A 97 -1.16 11.23 -5.57
C PRO A 97 -2.53 11.18 -4.88
N ASP A 98 -3.34 10.19 -5.27
CA ASP A 98 -4.66 10.01 -4.67
C ASP A 98 -4.54 9.60 -3.21
N LEU A 99 -3.58 8.73 -2.93
CA LEU A 99 -3.30 8.30 -1.57
C LEU A 99 -3.04 9.51 -0.68
N ALA A 100 -2.18 10.42 -1.14
CA ALA A 100 -1.83 11.59 -0.37
C ALA A 100 -3.03 12.50 -0.18
N ASP A 101 -3.81 12.69 -1.23
CA ASP A 101 -4.93 13.61 -1.20
C ASP A 101 -6.06 13.08 -0.33
N ALA A 102 -6.38 11.80 -0.51
CA ALA A 102 -7.44 11.16 0.26
C ALA A 102 -7.09 11.12 1.74
N MET A 103 -5.81 10.89 2.03
CA MET A 103 -5.32 10.88 3.40
C MET A 103 -5.59 12.22 4.06
N LYS A 104 -5.33 13.29 3.33
CA LYS A 104 -5.52 14.64 3.83
C LYS A 104 -7.01 14.96 4.00
N GLY A 105 -7.80 14.55 3.02
CA GLY A 105 -9.22 14.86 3.03
C GLY A 105 -10.00 14.05 4.04
N TYR A 106 -9.64 12.78 4.20
CA TYR A 106 -10.34 11.89 5.10
C TYR A 106 -10.37 12.41 6.54
N ARG A 107 -9.24 12.95 6.97
CA ARG A 107 -9.09 13.37 8.36
C ARG A 107 -9.98 14.55 8.70
N LYS A 108 -10.53 15.21 7.69
CA LYS A 108 -11.38 16.37 7.91
C LYS A 108 -12.76 15.96 8.41
N LYS A 109 -13.10 14.69 8.22
CA LYS A 109 -14.40 14.19 8.66
C LYS A 109 -14.33 13.74 10.12
N ASN A 110 -13.15 13.86 10.70
CA ASN A 110 -12.97 13.58 12.11
C ASN A 110 -12.68 14.87 12.86
N LEU A 111 -13.66 15.35 13.59
CA LEU A 111 -13.55 16.62 14.30
C LEU A 111 -12.65 16.48 15.53
N GLU A 112 -12.92 15.47 16.32
CA GLU A 112 -12.17 15.25 17.55
C GLU A 112 -11.15 14.13 17.35
N HIS A 113 -9.89 14.41 17.69
CA HIS A 113 -8.82 13.45 17.46
C HIS A 113 -9.02 12.20 18.31
N HIS A 114 -9.70 12.38 19.43
CA HIS A 114 -10.17 11.26 20.21
C HIS A 114 -11.67 11.18 20.09
N HIS A 115 -12.13 10.27 19.23
CA HIS A 115 -13.54 10.13 18.93
C HIS A 115 -14.29 9.73 20.20
N HIS A 116 -13.65 8.89 21.01
CA HIS A 116 -14.19 8.54 22.30
C HIS A 116 -13.87 9.63 23.31
N HIS A 117 -14.88 10.09 24.03
CA HIS A 117 -14.71 11.18 24.97
C HIS A 117 -14.17 10.67 26.29
N HIS A 118 -13.48 11.55 27.01
CA HIS A 118 -12.84 11.17 28.26
C HIS A 118 -13.78 11.46 29.42
N SER A 1 9.33 -13.89 -11.25
CA SER A 1 8.54 -13.73 -12.48
C SER A 1 7.04 -13.60 -12.15
N SER A 2 6.55 -12.37 -12.17
CA SER A 2 5.15 -12.12 -11.92
C SER A 2 4.38 -12.01 -13.25
N ASN A 3 3.43 -12.91 -13.45
CA ASN A 3 2.66 -12.92 -14.69
C ASN A 3 1.24 -12.41 -14.43
N ASN A 4 0.91 -12.20 -13.16
CA ASN A 4 -0.38 -11.64 -12.78
C ASN A 4 -0.29 -10.13 -12.69
N ASN A 5 -1.43 -9.46 -12.65
CA ASN A 5 -1.47 -8.01 -12.50
C ASN A 5 -1.98 -7.63 -11.11
N SER A 6 -2.14 -8.65 -10.27
CA SER A 6 -2.64 -8.45 -8.92
C SER A 6 -1.53 -7.89 -8.02
N PHE A 7 -1.92 -7.17 -6.98
CA PHE A 7 -0.97 -6.51 -6.10
C PHE A 7 -0.03 -7.52 -5.44
N SER A 8 -0.60 -8.60 -4.91
CA SER A 8 0.19 -9.63 -4.23
C SER A 8 1.24 -10.24 -5.15
N ALA A 9 0.90 -10.38 -6.43
CA ALA A 9 1.83 -10.97 -7.40
C ALA A 9 3.05 -10.09 -7.57
N ILE A 10 2.83 -8.80 -7.80
CA ILE A 10 3.93 -7.86 -8.01
C ILE A 10 4.64 -7.58 -6.68
N TYR A 11 3.88 -7.63 -5.59
CA TYR A 11 4.45 -7.52 -4.25
C TYR A 11 5.40 -8.69 -3.99
N LYS A 12 5.02 -9.86 -4.46
CA LYS A 12 5.84 -11.06 -4.30
C LYS A 12 7.08 -10.96 -5.18
N GLU A 13 6.90 -10.46 -6.40
CA GLU A 13 8.02 -10.21 -7.31
C GLU A 13 8.99 -9.21 -6.68
N TRP A 14 8.42 -8.15 -6.13
CA TRP A 14 9.18 -7.12 -5.43
C TRP A 14 9.93 -7.72 -4.25
N TYR A 15 9.19 -8.40 -3.37
CA TYR A 15 9.78 -9.04 -2.19
C TYR A 15 10.89 -10.00 -2.58
N GLU A 16 10.63 -10.84 -3.58
CA GLU A 16 11.57 -11.86 -4.02
C GLU A 16 12.93 -11.24 -4.34
N HIS A 17 12.92 -10.15 -5.10
CA HIS A 17 14.15 -9.53 -5.56
C HIS A 17 14.72 -8.59 -4.48
N LYS A 18 13.84 -7.87 -3.80
CA LYS A 18 14.26 -6.88 -2.83
C LYS A 18 14.83 -7.52 -1.57
N LYS A 19 14.47 -8.78 -1.33
CA LYS A 19 14.93 -9.52 -0.15
C LYS A 19 16.44 -9.80 -0.25
N GLN A 20 17.00 -9.59 -1.44
CA GLN A 20 18.43 -9.76 -1.66
C GLN A 20 19.19 -8.56 -1.10
N VAL A 21 18.52 -7.41 -1.05
CA VAL A 21 19.11 -6.19 -0.53
C VAL A 21 18.92 -6.13 0.99
N TRP A 22 17.85 -6.74 1.46
CA TRP A 22 17.57 -6.80 2.88
C TRP A 22 18.10 -8.10 3.46
N SER A 23 17.94 -8.26 4.76
CA SER A 23 18.19 -9.53 5.41
C SER A 23 16.92 -10.36 5.36
N VAL A 24 17.07 -11.67 5.19
CA VAL A 24 15.93 -12.55 4.98
C VAL A 24 14.94 -12.48 6.14
N GLY A 25 15.45 -12.26 7.35
CA GLY A 25 14.58 -12.14 8.51
C GLY A 25 13.66 -10.95 8.39
N TYR A 26 14.23 -9.77 8.18
CA TYR A 26 13.43 -8.56 8.05
C TYR A 26 12.62 -8.56 6.77
N ALA A 27 13.17 -9.16 5.72
CA ALA A 27 12.47 -9.28 4.45
C ALA A 27 11.16 -10.02 4.62
N THR A 28 11.23 -11.17 5.28
CA THR A 28 10.04 -11.97 5.53
C THR A 28 9.14 -11.28 6.57
N GLU A 29 9.76 -10.55 7.50
CA GLU A 29 9.01 -9.79 8.49
C GLU A 29 8.20 -8.69 7.82
N LEU A 30 8.85 -7.96 6.93
CA LEU A 30 8.20 -6.91 6.16
C LEU A 30 7.15 -7.52 5.26
N ALA A 31 7.45 -8.69 4.71
CA ALA A 31 6.50 -9.42 3.88
C ALA A 31 5.27 -9.81 4.69
N LYS A 32 5.50 -10.30 5.91
CA LYS A 32 4.41 -10.70 6.79
C LYS A 32 3.62 -9.48 7.25
N MET A 33 4.31 -8.35 7.36
CA MET A 33 3.66 -7.08 7.69
C MET A 33 2.71 -6.67 6.56
N PHE A 34 3.24 -6.65 5.33
CA PHE A 34 2.42 -6.42 4.15
C PHE A 34 1.28 -7.43 4.08
N ASP A 35 1.61 -8.68 4.42
CA ASP A 35 0.67 -9.78 4.39
C ASP A 35 -0.51 -9.52 5.32
N ASP A 36 -0.23 -9.50 6.61
CA ASP A 36 -1.27 -9.53 7.63
C ASP A 36 -2.18 -8.31 7.58
N ASP A 37 -1.63 -7.16 7.25
CA ASP A 37 -2.41 -5.93 7.26
C ASP A 37 -2.84 -5.52 5.86
N ILE A 38 -1.89 -5.43 4.96
CA ILE A 38 -2.13 -4.84 3.65
C ILE A 38 -2.85 -5.79 2.69
N LEU A 39 -2.57 -7.08 2.78
CA LEU A 39 -3.12 -8.03 1.82
C LEU A 39 -4.65 -8.15 1.90
N PRO A 40 -5.25 -8.29 3.10
CA PRO A 40 -6.71 -8.33 3.23
C PRO A 40 -7.39 -7.03 2.79
N ILE A 41 -6.59 -5.96 2.67
CA ILE A 41 -7.12 -4.67 2.27
C ILE A 41 -7.06 -4.50 0.75
N ILE A 42 -5.85 -4.54 0.19
CA ILE A 42 -5.70 -4.32 -1.25
C ILE A 42 -4.84 -5.39 -1.92
N GLY A 43 -4.31 -6.32 -1.13
CA GLY A 43 -3.42 -7.33 -1.69
C GLY A 43 -4.09 -8.18 -2.74
N GLY A 44 -5.37 -8.43 -2.54
CA GLY A 44 -6.12 -9.23 -3.50
C GLY A 44 -6.66 -8.41 -4.64
N LEU A 45 -6.32 -7.13 -4.68
CA LEU A 45 -6.79 -6.26 -5.75
C LEU A 45 -5.77 -6.18 -6.87
N GLU A 46 -6.17 -5.60 -7.98
CA GLU A 46 -5.28 -5.41 -9.11
C GLU A 46 -4.53 -4.10 -8.95
N ILE A 47 -3.24 -4.11 -9.26
CA ILE A 47 -2.37 -2.96 -9.02
C ILE A 47 -2.81 -1.75 -9.85
N GLN A 48 -3.55 -2.01 -10.92
CA GLN A 48 -4.04 -0.96 -11.80
C GLN A 48 -5.36 -0.37 -11.29
N ASP A 49 -6.02 -1.08 -10.37
CA ASP A 49 -7.33 -0.66 -9.88
C ASP A 49 -7.42 -0.79 -8.38
N ILE A 50 -6.94 0.23 -7.69
CA ILE A 50 -7.03 0.29 -6.23
C ILE A 50 -7.58 1.64 -5.80
N GLU A 51 -8.57 1.62 -4.90
CA GLU A 51 -9.17 2.85 -4.43
C GLU A 51 -8.21 3.63 -3.54
N PRO A 52 -8.18 4.96 -3.67
CA PRO A 52 -7.38 5.81 -2.79
C PRO A 52 -7.77 5.61 -1.33
N MET A 53 -9.06 5.37 -1.11
CA MET A 53 -9.58 5.13 0.23
C MET A 53 -9.02 3.82 0.79
N GLN A 54 -8.85 2.84 -0.07
CA GLN A 54 -8.36 1.54 0.35
C GLN A 54 -6.86 1.58 0.62
N LEU A 55 -6.13 2.31 -0.20
CA LEU A 55 -4.70 2.48 0.03
C LEU A 55 -4.49 3.28 1.31
N LEU A 56 -5.40 4.21 1.58
CA LEU A 56 -5.39 4.97 2.81
C LEU A 56 -5.78 4.07 3.98
N GLU A 57 -6.70 3.15 3.73
CA GLU A 57 -7.12 2.19 4.75
C GLU A 57 -5.94 1.34 5.19
N VAL A 58 -5.05 1.05 4.24
CA VAL A 58 -3.80 0.36 4.54
C VAL A 58 -2.96 1.18 5.52
N ILE A 59 -2.70 2.41 5.15
CA ILE A 59 -1.92 3.33 5.98
C ILE A 59 -2.59 3.50 7.34
N ARG A 60 -3.91 3.69 7.33
CA ARG A 60 -4.68 3.92 8.54
C ARG A 60 -4.76 2.65 9.38
N ARG A 61 -4.61 1.50 8.71
CA ARG A 61 -4.56 0.21 9.39
C ARG A 61 -3.37 0.19 10.34
N PHE A 62 -2.24 0.71 9.88
CA PHE A 62 -1.05 0.81 10.71
C PHE A 62 -1.21 1.93 11.73
N GLU A 63 -1.93 2.98 11.36
CA GLU A 63 -2.16 4.11 12.27
C GLU A 63 -3.07 3.72 13.42
N ASP A 64 -3.83 2.64 13.26
CA ASP A 64 -4.68 2.12 14.32
C ASP A 64 -3.84 1.67 15.51
N ARG A 65 -2.73 1.01 15.20
CA ARG A 65 -1.82 0.54 16.24
C ARG A 65 -0.82 1.63 16.60
N GLY A 66 -0.72 2.62 15.74
CA GLY A 66 0.17 3.74 16.01
C GLY A 66 1.55 3.56 15.42
N ALA A 67 1.65 2.66 14.44
CA ALA A 67 2.93 2.39 13.80
C ALA A 67 3.21 3.42 12.71
N MET A 68 3.64 4.61 13.14
CA MET A 68 3.90 5.71 12.23
C MET A 68 4.98 5.36 11.21
N GLU A 69 6.02 4.70 11.68
CA GLU A 69 7.15 4.32 10.84
C GLU A 69 6.70 3.37 9.74
N ARG A 70 5.93 2.35 10.14
CA ARG A 70 5.49 1.32 9.22
C ARG A 70 4.35 1.82 8.34
N ALA A 71 3.58 2.79 8.83
CA ALA A 71 2.51 3.38 8.05
C ALA A 71 3.08 4.17 6.88
N ASN A 72 4.08 4.99 7.17
CA ASN A 72 4.74 5.79 6.15
C ASN A 72 5.56 4.90 5.23
N LYS A 73 6.09 3.81 5.78
CA LYS A 73 6.86 2.87 4.99
C LYS A 73 5.94 2.05 4.09
N ALA A 74 4.73 1.78 4.59
CA ALA A 74 3.73 1.09 3.79
C ALA A 74 3.43 1.92 2.55
N ARG A 75 3.19 3.22 2.76
CA ARG A 75 2.96 4.15 1.66
C ARG A 75 4.11 4.11 0.66
N ARG A 76 5.33 4.23 1.16
CA ARG A 76 6.52 4.21 0.30
C ARG A 76 6.65 2.92 -0.47
N ARG A 77 6.61 1.79 0.24
CA ARG A 77 6.88 0.50 -0.38
C ARG A 77 5.74 0.05 -1.28
N CYS A 78 4.51 0.41 -0.95
CA CYS A 78 3.40 0.17 -1.85
C CYS A 78 3.61 0.97 -3.13
N GLY A 79 3.96 2.24 -2.97
CA GLY A 79 4.28 3.07 -4.12
C GLY A 79 5.46 2.54 -4.90
N GLU A 80 6.34 1.82 -4.20
CA GLU A 80 7.49 1.20 -4.85
C GLU A 80 7.05 -0.02 -5.65
N VAL A 81 6.07 -0.75 -5.14
CA VAL A 81 5.45 -1.85 -5.88
C VAL A 81 4.78 -1.29 -7.14
N PHE A 82 4.04 -0.20 -6.97
CA PHE A 82 3.45 0.50 -8.10
C PHE A 82 4.53 0.95 -9.09
N ARG A 83 5.56 1.59 -8.56
CA ARG A 83 6.68 2.07 -9.38
C ARG A 83 7.35 0.92 -10.13
N TYR A 84 7.52 -0.21 -9.45
CA TYR A 84 8.12 -1.39 -10.07
C TYR A 84 7.27 -1.86 -11.24
N ALA A 85 5.96 -1.81 -11.07
CA ALA A 85 5.03 -2.20 -12.12
C ALA A 85 5.01 -1.16 -13.24
N ILE A 86 5.28 0.09 -12.90
CA ILE A 86 5.42 1.15 -13.89
C ILE A 86 6.66 0.90 -14.75
N VAL A 87 7.75 0.52 -14.09
CA VAL A 87 9.00 0.23 -14.78
C VAL A 87 8.85 -0.96 -15.71
N THR A 88 8.18 -2.00 -15.24
CA THR A 88 7.96 -3.19 -16.05
C THR A 88 6.93 -2.93 -17.16
N GLY A 89 6.20 -1.82 -17.02
CA GLY A 89 5.27 -1.40 -18.05
C GLY A 89 3.91 -2.04 -17.92
N ARG A 90 3.52 -2.39 -16.71
CA ARG A 90 2.21 -2.99 -16.47
C ARG A 90 1.39 -2.15 -15.50
N ALA A 91 1.90 -0.96 -15.17
CA ALA A 91 1.15 0.01 -14.42
C ALA A 91 1.43 1.40 -14.99
N LYS A 92 0.39 2.19 -15.18
CA LYS A 92 0.52 3.50 -15.81
C LYS A 92 0.76 4.59 -14.77
N TYR A 93 -0.03 4.59 -13.72
CA TYR A 93 0.08 5.59 -12.68
C TYR A 93 -0.08 4.94 -11.31
N ASN A 94 0.35 5.64 -10.28
CA ASN A 94 0.20 5.16 -8.92
C ASN A 94 -0.65 6.14 -8.12
N PRO A 95 -1.61 5.64 -7.33
CA PRO A 95 -2.52 6.47 -6.54
C PRO A 95 -1.85 7.08 -5.29
N ALA A 96 -0.57 7.38 -5.40
CA ALA A 96 0.18 7.97 -4.29
C ALA A 96 -0.31 9.38 -3.96
N PRO A 97 -0.54 10.26 -4.98
CA PRO A 97 -1.11 11.58 -4.75
C PRO A 97 -2.48 11.52 -4.07
N ASP A 98 -3.32 10.60 -4.54
CA ASP A 98 -4.65 10.42 -3.96
C ASP A 98 -4.56 9.82 -2.57
N LEU A 99 -3.56 8.97 -2.35
CA LEU A 99 -3.27 8.44 -1.03
C LEU A 99 -3.02 9.60 -0.06
N ALA A 100 -2.14 10.51 -0.47
CA ALA A 100 -1.82 11.67 0.34
C ALA A 100 -3.04 12.56 0.50
N ASP A 101 -3.78 12.75 -0.58
CA ASP A 101 -4.96 13.61 -0.57
C ASP A 101 -6.04 13.04 0.35
N ALA A 102 -6.21 11.73 0.31
CA ALA A 102 -7.17 11.06 1.17
C ALA A 102 -6.76 11.19 2.63
N MET A 103 -5.46 11.12 2.87
CA MET A 103 -4.92 11.28 4.21
C MET A 103 -5.21 12.69 4.75
N LYS A 104 -5.12 13.67 3.86
CA LYS A 104 -5.38 15.07 4.21
C LYS A 104 -6.88 15.34 4.27
N GLY A 105 -7.64 14.57 3.50
CA GLY A 105 -9.06 14.82 3.39
C GLY A 105 -9.89 14.00 4.37
N TYR A 106 -9.28 12.96 4.94
CA TYR A 106 -10.00 12.10 5.87
C TYR A 106 -10.27 12.84 7.17
N ARG A 107 -9.47 13.87 7.45
CA ARG A 107 -9.68 14.70 8.62
C ARG A 107 -10.79 15.72 8.35
N LYS A 108 -11.11 15.90 7.07
CA LYS A 108 -12.27 16.69 6.67
C LYS A 108 -13.52 15.83 6.82
N LYS A 109 -13.33 14.56 6.46
CA LYS A 109 -14.41 13.58 6.40
C LYS A 109 -15.43 13.95 5.35
N ASN A 110 -15.08 13.69 4.10
CA ASN A 110 -15.98 13.89 2.99
C ASN A 110 -17.07 12.84 3.03
N LEU A 111 -16.64 11.58 3.14
CA LEU A 111 -17.55 10.44 3.32
C LEU A 111 -18.59 10.41 2.21
N GLU A 112 -18.13 10.59 0.98
CA GLU A 112 -19.00 10.68 -0.18
C GLU A 112 -19.61 9.32 -0.53
N HIS A 113 -19.06 8.28 0.06
CA HIS A 113 -19.60 6.93 -0.10
C HIS A 113 -20.75 6.70 0.87
N HIS A 114 -21.11 7.74 1.60
CA HIS A 114 -22.27 7.73 2.48
C HIS A 114 -22.99 9.07 2.42
N HIS A 115 -24.16 9.09 1.80
CA HIS A 115 -24.91 10.32 1.66
C HIS A 115 -25.55 10.70 2.99
N HIS A 116 -25.00 11.72 3.62
CA HIS A 116 -25.39 12.08 4.97
C HIS A 116 -26.55 13.05 4.95
N HIS A 117 -27.56 12.75 5.74
CA HIS A 117 -28.75 13.60 5.87
C HIS A 117 -29.09 13.81 7.33
N HIS A 118 -29.82 14.86 7.62
CA HIS A 118 -30.29 15.12 8.97
C HIS A 118 -31.78 14.81 9.05
N SER A 1 3.06 -20.14 -16.39
CA SER A 1 3.58 -18.76 -16.35
C SER A 1 2.46 -17.77 -16.08
N SER A 2 1.96 -17.79 -14.86
CA SER A 2 0.87 -16.92 -14.45
C SER A 2 1.37 -15.50 -14.21
N ASN A 3 1.08 -14.62 -15.15
CA ASN A 3 1.49 -13.22 -15.03
C ASN A 3 0.29 -12.34 -14.80
N ASN A 4 -0.09 -12.21 -13.52
CA ASN A 4 -1.28 -11.46 -13.15
C ASN A 4 -0.90 -10.04 -12.76
N ASN A 5 -1.91 -9.18 -12.66
CA ASN A 5 -1.68 -7.78 -12.33
C ASN A 5 -2.18 -7.49 -10.91
N SER A 6 -2.37 -8.54 -10.13
CA SER A 6 -2.80 -8.39 -8.75
C SER A 6 -1.65 -7.83 -7.91
N PHE A 7 -2.00 -7.05 -6.90
CA PHE A 7 -1.00 -6.36 -6.08
C PHE A 7 -0.14 -7.39 -5.33
N SER A 8 -0.78 -8.43 -4.82
CA SER A 8 -0.07 -9.48 -4.10
C SER A 8 1.02 -10.12 -4.97
N ALA A 9 0.67 -10.43 -6.21
CA ALA A 9 1.60 -11.07 -7.14
C ALA A 9 2.81 -10.19 -7.42
N ILE A 10 2.54 -8.94 -7.78
CA ILE A 10 3.61 -8.01 -8.13
C ILE A 10 4.45 -7.66 -6.90
N TYR A 11 3.79 -7.53 -5.75
CA TYR A 11 4.49 -7.32 -4.49
C TYR A 11 5.46 -8.46 -4.23
N LYS A 12 5.03 -9.68 -4.56
CA LYS A 12 5.86 -10.85 -4.31
C LYS A 12 7.09 -10.85 -5.20
N GLU A 13 6.92 -10.44 -6.46
CA GLU A 13 8.05 -10.33 -7.37
C GLU A 13 9.02 -9.27 -6.87
N TRP A 14 8.49 -8.09 -6.57
CA TRP A 14 9.27 -7.00 -6.02
C TRP A 14 9.95 -7.43 -4.72
N TYR A 15 9.20 -8.13 -3.87
CA TYR A 15 9.71 -8.65 -2.61
C TYR A 15 10.85 -9.64 -2.84
N GLU A 16 10.66 -10.58 -3.76
CA GLU A 16 11.65 -11.61 -4.01
C GLU A 16 12.98 -10.99 -4.44
N HIS A 17 12.90 -9.97 -5.29
CA HIS A 17 14.10 -9.26 -5.73
C HIS A 17 14.73 -8.50 -4.58
N LYS A 18 13.90 -7.85 -3.77
CA LYS A 18 14.38 -7.11 -2.60
C LYS A 18 14.92 -8.06 -1.53
N LYS A 19 14.38 -9.27 -1.52
CA LYS A 19 14.80 -10.30 -0.57
C LYS A 19 16.25 -10.69 -0.81
N GLN A 20 16.72 -10.46 -2.03
CA GLN A 20 18.10 -10.75 -2.39
C GLN A 20 19.00 -9.62 -1.92
N VAL A 21 18.40 -8.48 -1.62
CA VAL A 21 19.12 -7.30 -1.18
C VAL A 21 19.17 -7.24 0.34
N TRP A 22 18.00 -7.36 0.95
CA TRP A 22 17.90 -7.29 2.41
C TRP A 22 18.25 -8.63 3.04
N SER A 23 18.35 -8.64 4.36
CA SER A 23 18.53 -9.87 5.10
C SER A 23 17.21 -10.62 5.18
N VAL A 24 17.26 -11.95 5.10
CA VAL A 24 16.05 -12.77 5.07
C VAL A 24 15.18 -12.52 6.30
N GLY A 25 15.79 -12.31 7.46
CA GLY A 25 15.04 -12.04 8.67
C GLY A 25 14.25 -10.75 8.58
N TYR A 26 14.90 -9.72 8.04
CA TYR A 26 14.26 -8.42 7.87
C TYR A 26 13.22 -8.50 6.76
N ALA A 27 13.57 -9.21 5.69
CA ALA A 27 12.68 -9.38 4.55
C ALA A 27 11.39 -10.06 4.95
N THR A 28 11.49 -11.14 5.72
CA THR A 28 10.32 -11.86 6.19
C THR A 28 9.42 -10.95 7.04
N GLU A 29 10.04 -10.19 7.95
CA GLU A 29 9.28 -9.30 8.82
C GLU A 29 8.54 -8.24 7.99
N LEU A 30 9.25 -7.67 7.02
CA LEU A 30 8.69 -6.63 6.16
C LEU A 30 7.54 -7.18 5.35
N ALA A 31 7.72 -8.37 4.78
CA ALA A 31 6.70 -8.98 3.94
C ALA A 31 5.50 -9.42 4.77
N LYS A 32 5.75 -10.09 5.89
CA LYS A 32 4.67 -10.57 6.75
C LYS A 32 3.82 -9.40 7.25
N MET A 33 4.49 -8.30 7.59
CA MET A 33 3.81 -7.09 8.02
C MET A 33 2.88 -6.58 6.92
N PHE A 34 3.35 -6.68 5.68
CA PHE A 34 2.55 -6.27 4.53
C PHE A 34 1.36 -7.21 4.38
N ASP A 35 1.63 -8.51 4.46
CA ASP A 35 0.57 -9.51 4.39
C ASP A 35 -0.47 -9.28 5.46
N ASP A 36 -0.02 -9.20 6.71
CA ASP A 36 -0.92 -9.12 7.85
C ASP A 36 -1.93 -7.98 7.73
N ASP A 37 -1.44 -6.75 7.63
CA ASP A 37 -2.32 -5.59 7.67
C ASP A 37 -2.80 -5.20 6.28
N ILE A 38 -1.90 -5.25 5.31
CA ILE A 38 -2.15 -4.64 4.01
C ILE A 38 -2.86 -5.60 3.04
N LEU A 39 -2.59 -6.89 3.16
CA LEU A 39 -3.14 -7.86 2.22
C LEU A 39 -4.68 -7.86 2.23
N PRO A 40 -5.34 -7.94 3.41
CA PRO A 40 -6.81 -7.91 3.49
C PRO A 40 -7.40 -6.56 3.10
N ILE A 41 -6.53 -5.60 2.79
CA ILE A 41 -6.99 -4.27 2.40
C ILE A 41 -6.89 -4.09 0.88
N ILE A 42 -5.69 -4.22 0.33
CA ILE A 42 -5.49 -4.04 -1.10
C ILE A 42 -4.73 -5.21 -1.74
N GLY A 43 -4.36 -6.18 -0.93
CA GLY A 43 -3.53 -7.26 -1.42
C GLY A 43 -4.20 -8.07 -2.51
N GLY A 44 -5.51 -8.23 -2.39
CA GLY A 44 -6.25 -8.98 -3.39
C GLY A 44 -6.72 -8.13 -4.54
N LEU A 45 -6.40 -6.84 -4.51
CA LEU A 45 -6.80 -5.93 -5.57
C LEU A 45 -5.75 -5.93 -6.66
N GLU A 46 -6.12 -5.40 -7.83
CA GLU A 46 -5.17 -5.29 -8.92
C GLU A 46 -4.44 -3.97 -8.83
N ILE A 47 -3.15 -3.99 -9.11
CA ILE A 47 -2.29 -2.83 -8.93
C ILE A 47 -2.69 -1.68 -9.86
N GLN A 48 -3.45 -2.01 -10.89
CA GLN A 48 -3.88 -1.02 -11.87
C GLN A 48 -5.15 -0.33 -11.42
N ASP A 49 -5.88 -0.96 -10.50
CA ASP A 49 -7.16 -0.44 -10.07
C ASP A 49 -7.26 -0.47 -8.55
N ILE A 50 -6.74 0.57 -7.93
CA ILE A 50 -6.84 0.74 -6.49
C ILE A 50 -7.29 2.14 -6.16
N GLU A 51 -8.38 2.24 -5.42
CA GLU A 51 -8.89 3.52 -4.99
C GLU A 51 -8.01 4.11 -3.88
N PRO A 52 -7.75 5.42 -3.94
CA PRO A 52 -6.86 6.10 -2.98
C PRO A 52 -7.27 5.90 -1.54
N MET A 53 -8.58 5.84 -1.29
CA MET A 53 -9.10 5.69 0.06
C MET A 53 -8.83 4.29 0.60
N GLN A 54 -8.72 3.31 -0.29
CA GLN A 54 -8.43 1.94 0.09
C GLN A 54 -6.95 1.82 0.44
N LEU A 55 -6.10 2.47 -0.36
CA LEU A 55 -4.67 2.52 -0.09
C LEU A 55 -4.43 3.29 1.21
N LEU A 56 -5.25 4.32 1.41
CA LEU A 56 -5.19 5.11 2.64
C LEU A 56 -5.64 4.28 3.83
N GLU A 57 -6.57 3.35 3.59
CA GLU A 57 -7.02 2.46 4.66
C GLU A 57 -5.87 1.57 5.11
N VAL A 58 -4.97 1.25 4.18
CA VAL A 58 -3.73 0.55 4.52
C VAL A 58 -2.93 1.38 5.52
N ILE A 59 -2.66 2.63 5.15
CA ILE A 59 -1.93 3.55 6.01
C ILE A 59 -2.59 3.66 7.39
N ARG A 60 -3.91 3.80 7.41
CA ARG A 60 -4.63 3.96 8.66
C ARG A 60 -4.85 2.63 9.36
N ARG A 61 -4.57 1.53 8.67
CA ARG A 61 -4.58 0.23 9.30
C ARG A 61 -3.42 0.14 10.27
N PHE A 62 -2.29 0.69 9.87
CA PHE A 62 -1.15 0.82 10.75
C PHE A 62 -1.42 1.89 11.80
N GLU A 63 -2.16 2.92 11.41
CA GLU A 63 -2.53 4.00 12.32
C GLU A 63 -3.31 3.45 13.52
N ASP A 64 -4.38 2.69 13.25
CA ASP A 64 -5.19 2.12 14.33
C ASP A 64 -4.43 1.03 15.06
N ARG A 65 -3.40 0.47 14.41
CA ARG A 65 -2.55 -0.52 15.05
C ARG A 65 -1.58 0.15 16.00
N GLY A 66 -1.35 1.44 15.78
CA GLY A 66 -0.47 2.21 16.65
C GLY A 66 0.87 2.47 16.03
N ALA A 67 1.14 1.85 14.90
CA ALA A 67 2.43 1.96 14.24
C ALA A 67 2.46 3.14 13.28
N MET A 68 3.17 4.20 13.66
CA MET A 68 3.24 5.41 12.85
C MET A 68 4.33 5.29 11.80
N GLU A 69 5.50 4.85 12.22
CA GLU A 69 6.64 4.71 11.31
C GLU A 69 6.34 3.69 10.23
N ARG A 70 5.77 2.56 10.66
CA ARG A 70 5.47 1.47 9.74
C ARG A 70 4.26 1.82 8.86
N ALA A 71 3.52 2.84 9.26
CA ALA A 71 2.44 3.36 8.42
C ALA A 71 3.05 4.06 7.21
N ASN A 72 4.10 4.84 7.45
CA ASN A 72 4.85 5.49 6.37
C ASN A 72 5.55 4.43 5.53
N LYS A 73 6.02 3.38 6.20
CA LYS A 73 6.65 2.26 5.51
C LYS A 73 5.68 1.60 4.52
N ALA A 74 4.42 1.53 4.88
CA ALA A 74 3.40 1.01 3.99
C ALA A 74 3.28 1.89 2.75
N ARG A 75 3.03 3.17 3.00
CA ARG A 75 2.90 4.18 1.96
C ARG A 75 4.08 4.14 0.99
N ARG A 76 5.28 4.17 1.55
CA ARG A 76 6.51 4.18 0.76
C ARG A 76 6.67 2.92 -0.09
N ARG A 77 6.49 1.76 0.54
CA ARG A 77 6.67 0.49 -0.16
C ARG A 77 5.66 0.33 -1.28
N CYS A 78 4.38 0.56 -0.98
CA CYS A 78 3.33 0.46 -1.98
C CYS A 78 3.64 1.35 -3.17
N GLY A 79 4.11 2.56 -2.88
CA GLY A 79 4.50 3.50 -3.92
C GLY A 79 5.58 2.94 -4.83
N GLU A 80 6.54 2.23 -4.25
CA GLU A 80 7.62 1.65 -5.05
C GLU A 80 7.13 0.39 -5.77
N VAL A 81 6.18 -0.32 -5.18
CA VAL A 81 5.55 -1.45 -5.86
C VAL A 81 4.83 -0.96 -7.12
N PHE A 82 4.11 0.15 -6.98
CA PHE A 82 3.49 0.81 -8.12
C PHE A 82 4.56 1.21 -9.13
N ARG A 83 5.63 1.84 -8.62
CA ARG A 83 6.77 2.25 -9.43
C ARG A 83 7.34 1.06 -10.21
N TYR A 84 7.61 -0.03 -9.49
CA TYR A 84 8.13 -1.26 -10.07
C TYR A 84 7.23 -1.74 -11.20
N ALA A 85 5.93 -1.69 -10.97
CA ALA A 85 4.95 -2.12 -11.96
C ALA A 85 4.96 -1.20 -13.18
N ILE A 86 5.10 0.11 -12.94
CA ILE A 86 5.15 1.08 -14.04
C ILE A 86 6.38 0.83 -14.91
N VAL A 87 7.49 0.52 -14.27
CA VAL A 87 8.74 0.23 -14.98
C VAL A 87 8.64 -1.09 -15.73
N THR A 88 7.97 -2.06 -15.13
CA THR A 88 7.85 -3.38 -15.74
C THR A 88 6.71 -3.44 -16.76
N GLY A 89 5.93 -2.37 -16.82
CA GLY A 89 4.86 -2.28 -17.81
C GLY A 89 3.57 -2.93 -17.34
N ARG A 90 3.38 -3.02 -16.04
CA ARG A 90 2.18 -3.60 -15.47
C ARG A 90 1.32 -2.51 -14.82
N ALA A 91 1.84 -1.29 -14.81
CA ALA A 91 1.10 -0.14 -14.34
C ALA A 91 1.58 1.09 -15.10
N LYS A 92 0.82 2.19 -15.03
CA LYS A 92 1.18 3.40 -15.76
C LYS A 92 1.11 4.65 -14.89
N TYR A 93 0.52 4.55 -13.72
CA TYR A 93 0.44 5.71 -12.83
C TYR A 93 0.50 5.26 -11.36
N ASN A 94 0.78 6.19 -10.48
CA ASN A 94 0.77 5.90 -9.04
C ASN A 94 -0.43 6.56 -8.39
N PRO A 95 -1.16 5.83 -7.54
CA PRO A 95 -2.20 6.41 -6.70
C PRO A 95 -1.60 7.15 -5.51
N ALA A 96 -0.29 7.37 -5.55
CA ALA A 96 0.43 8.04 -4.48
C ALA A 96 -0.04 9.48 -4.25
N PRO A 97 -0.19 10.31 -5.31
CA PRO A 97 -0.75 11.66 -5.19
C PRO A 97 -2.12 11.65 -4.49
N ASP A 98 -2.99 10.78 -4.96
CA ASP A 98 -4.33 10.65 -4.41
C ASP A 98 -4.30 10.08 -3.00
N LEU A 99 -3.29 9.27 -2.72
CA LEU A 99 -3.09 8.72 -1.38
C LEU A 99 -2.95 9.85 -0.36
N ALA A 100 -2.13 10.85 -0.72
CA ALA A 100 -1.90 11.99 0.15
C ALA A 100 -3.18 12.81 0.30
N ASP A 101 -3.91 12.95 -0.80
CA ASP A 101 -5.17 13.69 -0.78
C ASP A 101 -6.23 12.96 0.02
N ALA A 102 -6.28 11.64 -0.14
CA ALA A 102 -7.22 10.81 0.59
C ALA A 102 -6.91 10.83 2.08
N MET A 103 -5.63 10.90 2.42
CA MET A 103 -5.22 11.03 3.82
C MET A 103 -5.79 12.31 4.42
N LYS A 104 -5.80 13.35 3.60
CA LYS A 104 -6.35 14.64 3.98
C LYS A 104 -7.88 14.59 4.00
N GLY A 105 -8.45 14.03 2.95
CA GLY A 105 -9.91 13.97 2.81
C GLY A 105 -10.57 13.06 3.84
N TYR A 106 -9.84 12.03 4.27
CA TYR A 106 -10.38 11.10 5.26
C TYR A 106 -10.50 11.77 6.62
N ARG A 107 -9.83 12.90 6.77
CA ARG A 107 -9.87 13.66 8.02
C ARG A 107 -11.21 14.40 8.16
N LYS A 108 -11.98 14.40 7.09
CA LYS A 108 -13.31 15.00 7.11
C LYS A 108 -14.27 14.13 7.91
N LYS A 109 -13.92 12.86 8.04
CA LYS A 109 -14.74 11.91 8.79
C LYS A 109 -14.39 11.95 10.26
N ASN A 110 -15.40 11.85 11.11
CA ASN A 110 -15.19 11.77 12.54
C ASN A 110 -15.65 10.42 13.05
N LEU A 111 -14.76 9.74 13.77
CA LEU A 111 -15.05 8.41 14.28
C LEU A 111 -16.21 8.44 15.26
N GLU A 112 -16.18 9.42 16.15
CA GLU A 112 -17.22 9.55 17.15
C GLU A 112 -18.47 10.19 16.56
N HIS A 113 -19.39 9.36 16.09
CA HIS A 113 -20.67 9.84 15.61
C HIS A 113 -21.61 9.99 16.81
N HIS A 114 -22.40 11.07 16.79
CA HIS A 114 -23.23 11.45 17.92
C HIS A 114 -22.37 11.81 19.12
N HIS A 115 -21.62 12.89 18.99
CA HIS A 115 -20.73 13.35 20.06
C HIS A 115 -21.54 13.80 21.27
N HIS A 116 -22.63 14.52 21.02
CA HIS A 116 -23.48 15.00 22.09
C HIS A 116 -24.87 14.40 21.95
N HIS A 117 -25.67 14.50 22.99
CA HIS A 117 -27.05 14.04 22.94
C HIS A 117 -27.89 15.08 22.22
N HIS A 118 -27.64 16.34 22.53
CA HIS A 118 -28.28 17.44 21.86
C HIS A 118 -27.22 18.37 21.29
N SER A 1 -1.59 -16.01 -15.81
CA SER A 1 -2.44 -16.52 -14.72
C SER A 1 -3.65 -15.60 -14.54
N SER A 2 -4.60 -16.03 -13.72
CA SER A 2 -5.80 -15.25 -13.46
C SER A 2 -5.44 -13.98 -12.70
N ASN A 3 -5.60 -12.84 -13.34
CA ASN A 3 -5.32 -11.53 -12.75
C ASN A 3 -3.82 -11.41 -12.43
N ASN A 4 -3.06 -10.91 -13.38
CA ASN A 4 -1.61 -10.81 -13.22
C ASN A 4 -1.20 -9.41 -12.81
N ASN A 5 -2.17 -8.51 -12.72
CA ASN A 5 -1.91 -7.14 -12.26
C ASN A 5 -2.31 -6.99 -10.81
N SER A 6 -2.60 -8.11 -10.15
CA SER A 6 -2.94 -8.11 -8.74
C SER A 6 -1.79 -7.57 -7.91
N PHE A 7 -2.12 -6.79 -6.88
CA PHE A 7 -1.10 -6.25 -6.00
C PHE A 7 -0.29 -7.37 -5.38
N SER A 8 -0.98 -8.40 -4.89
CA SER A 8 -0.33 -9.57 -4.32
C SER A 8 0.66 -10.20 -5.31
N ALA A 9 0.27 -10.25 -6.58
CA ALA A 9 1.11 -10.84 -7.62
C ALA A 9 2.39 -10.03 -7.80
N ILE A 10 2.24 -8.72 -8.00
CA ILE A 10 3.40 -7.85 -8.20
C ILE A 10 4.21 -7.75 -6.92
N TYR A 11 3.52 -7.73 -5.79
CA TYR A 11 4.18 -7.72 -4.49
C TYR A 11 5.03 -8.97 -4.29
N LYS A 12 4.48 -10.13 -4.66
CA LYS A 12 5.22 -11.38 -4.55
C LYS A 12 6.50 -11.32 -5.35
N GLU A 13 6.41 -10.79 -6.57
CA GLU A 13 7.57 -10.62 -7.43
C GLU A 13 8.56 -9.65 -6.82
N TRP A 14 8.04 -8.49 -6.42
CA TRP A 14 8.86 -7.44 -5.81
C TRP A 14 9.53 -7.95 -4.53
N TYR A 15 8.77 -8.67 -3.71
CA TYR A 15 9.29 -9.21 -2.46
C TYR A 15 10.51 -10.08 -2.69
N GLU A 16 10.36 -11.15 -3.46
CA GLU A 16 11.45 -12.10 -3.65
C GLU A 16 12.61 -11.47 -4.41
N HIS A 17 12.32 -10.43 -5.19
CA HIS A 17 13.36 -9.69 -5.89
C HIS A 17 14.18 -8.87 -4.89
N LYS A 18 13.50 -8.11 -4.04
CA LYS A 18 14.18 -7.29 -3.04
C LYS A 18 14.75 -8.15 -1.91
N LYS A 19 14.19 -9.34 -1.77
CA LYS A 19 14.67 -10.31 -0.78
C LYS A 19 16.08 -10.78 -1.12
N GLN A 20 16.45 -10.63 -2.40
CA GLN A 20 17.79 -10.99 -2.84
C GLN A 20 18.73 -9.79 -2.69
N VAL A 21 18.21 -8.73 -2.10
CA VAL A 21 18.98 -7.52 -1.84
C VAL A 21 19.06 -7.27 -0.33
N TRP A 22 17.94 -7.48 0.34
CA TRP A 22 17.87 -7.31 1.79
C TRP A 22 18.39 -8.55 2.51
N SER A 23 18.25 -8.57 3.82
CA SER A 23 18.57 -9.74 4.62
C SER A 23 17.29 -10.54 4.88
N VAL A 24 17.43 -11.82 5.21
CA VAL A 24 16.28 -12.70 5.31
C VAL A 24 15.31 -12.26 6.43
N GLY A 25 15.84 -11.94 7.60
CA GLY A 25 15.00 -11.53 8.70
C GLY A 25 14.27 -10.24 8.41
N TYR A 26 15.01 -9.24 7.95
CA TYR A 26 14.44 -7.95 7.57
C TYR A 26 13.36 -8.12 6.52
N ALA A 27 13.63 -8.93 5.51
CA ALA A 27 12.68 -9.18 4.43
C ALA A 27 11.43 -9.87 4.95
N THR A 28 11.62 -10.84 5.84
CA THR A 28 10.51 -11.60 6.40
C THR A 28 9.61 -10.70 7.25
N GLU A 29 10.22 -9.84 8.07
CA GLU A 29 9.47 -8.92 8.92
C GLU A 29 8.67 -7.94 8.06
N LEU A 30 9.32 -7.38 7.06
CA LEU A 30 8.67 -6.43 6.15
C LEU A 30 7.53 -7.11 5.40
N ALA A 31 7.77 -8.35 4.99
CA ALA A 31 6.76 -9.12 4.25
C ALA A 31 5.53 -9.38 5.09
N LYS A 32 5.72 -9.83 6.32
CA LYS A 32 4.60 -10.13 7.19
C LYS A 32 3.84 -8.85 7.57
N MET A 33 4.56 -7.73 7.61
CA MET A 33 3.95 -6.44 7.83
C MET A 33 2.92 -6.16 6.73
N PHE A 34 3.31 -6.45 5.49
CA PHE A 34 2.42 -6.32 4.35
C PHE A 34 1.29 -7.34 4.43
N ASP A 35 1.60 -8.56 4.87
CA ASP A 35 0.57 -9.58 5.01
C ASP A 35 -0.52 -9.16 5.98
N ASP A 36 -0.14 -8.97 7.24
CA ASP A 36 -1.11 -8.74 8.31
C ASP A 36 -1.94 -7.48 8.11
N ASP A 37 -1.29 -6.36 7.84
CA ASP A 37 -2.01 -5.08 7.82
C ASP A 37 -2.49 -4.70 6.42
N ILE A 38 -1.80 -5.17 5.40
CA ILE A 38 -2.04 -4.67 4.04
C ILE A 38 -2.78 -5.68 3.17
N LEU A 39 -2.46 -6.96 3.32
CA LEU A 39 -2.97 -8.01 2.44
C LEU A 39 -4.50 -8.13 2.53
N PRO A 40 -5.11 -8.19 3.73
CA PRO A 40 -6.58 -8.29 3.86
C PRO A 40 -7.30 -7.03 3.38
N ILE A 41 -6.54 -5.99 3.08
CA ILE A 41 -7.10 -4.73 2.62
C ILE A 41 -7.06 -4.65 1.09
N ILE A 42 -5.84 -4.58 0.53
CA ILE A 42 -5.69 -4.39 -0.91
C ILE A 42 -4.98 -5.55 -1.59
N GLY A 43 -4.66 -6.59 -0.82
CA GLY A 43 -3.89 -7.70 -1.35
C GLY A 43 -4.53 -8.34 -2.57
N GLY A 44 -5.85 -8.44 -2.55
CA GLY A 44 -6.57 -9.08 -3.64
C GLY A 44 -7.01 -8.10 -4.70
N LEU A 45 -6.53 -6.87 -4.61
CA LEU A 45 -6.88 -5.85 -5.58
C LEU A 45 -5.79 -5.72 -6.63
N GLU A 46 -6.17 -5.34 -7.84
CA GLU A 46 -5.20 -5.14 -8.89
C GLU A 46 -4.63 -3.74 -8.84
N ILE A 47 -3.36 -3.62 -9.18
CA ILE A 47 -2.58 -2.42 -8.94
C ILE A 47 -3.15 -1.19 -9.66
N GLN A 48 -3.91 -1.41 -10.73
CA GLN A 48 -4.52 -0.31 -11.46
C GLN A 48 -5.89 0.04 -10.87
N ASP A 49 -6.44 -0.89 -10.10
CA ASP A 49 -7.85 -0.81 -9.67
C ASP A 49 -7.96 -0.30 -8.24
N ILE A 50 -6.86 -0.40 -7.48
CA ILE A 50 -6.85 0.00 -6.08
C ILE A 50 -7.30 1.45 -5.89
N GLU A 51 -8.22 1.66 -4.97
CA GLU A 51 -8.73 2.98 -4.66
C GLU A 51 -7.85 3.67 -3.62
N PRO A 52 -7.81 5.01 -3.65
CA PRO A 52 -7.06 5.79 -2.65
C PRO A 52 -7.59 5.53 -1.24
N MET A 53 -8.88 5.25 -1.13
CA MET A 53 -9.50 4.94 0.15
C MET A 53 -8.91 3.67 0.75
N GLN A 54 -8.69 2.68 -0.10
CA GLN A 54 -8.19 1.38 0.35
C GLN A 54 -6.71 1.46 0.71
N LEU A 55 -5.95 2.19 -0.08
CA LEU A 55 -4.53 2.36 0.19
C LEU A 55 -4.33 3.14 1.49
N LEU A 56 -5.22 4.10 1.73
CA LEU A 56 -5.19 4.88 2.96
C LEU A 56 -5.73 4.03 4.11
N GLU A 57 -6.67 3.16 3.79
CA GLU A 57 -7.20 2.20 4.76
C GLU A 57 -6.08 1.33 5.28
N VAL A 58 -5.17 0.96 4.38
CA VAL A 58 -3.96 0.24 4.74
C VAL A 58 -3.15 1.02 5.77
N ILE A 59 -2.84 2.27 5.44
CA ILE A 59 -2.08 3.14 6.33
C ILE A 59 -2.80 3.32 7.67
N ARG A 60 -4.13 3.46 7.63
CA ARG A 60 -4.92 3.57 8.85
C ARG A 60 -4.90 2.28 9.65
N ARG A 61 -4.76 1.15 8.96
CA ARG A 61 -4.66 -0.13 9.64
C ARG A 61 -3.43 -0.12 10.55
N PHE A 62 -2.37 0.51 10.08
CA PHE A 62 -1.18 0.72 10.90
C PHE A 62 -1.48 1.69 12.05
N GLU A 63 -2.24 2.73 11.75
CA GLU A 63 -2.61 3.72 12.76
C GLU A 63 -3.45 3.08 13.86
N ASP A 64 -4.40 2.23 13.47
CA ASP A 64 -5.19 1.45 14.42
C ASP A 64 -4.31 0.77 15.45
N ARG A 65 -3.19 0.21 15.00
CA ARG A 65 -2.27 -0.46 15.90
C ARG A 65 -1.36 0.53 16.62
N GLY A 66 -1.08 1.65 15.96
CA GLY A 66 -0.26 2.68 16.57
C GLY A 66 1.12 2.78 15.93
N ALA A 67 1.25 2.29 14.71
CA ALA A 67 2.51 2.33 14.00
C ALA A 67 2.56 3.53 13.06
N MET A 68 3.23 4.60 13.49
CA MET A 68 3.30 5.82 12.69
C MET A 68 4.34 5.73 11.60
N GLU A 69 5.58 5.45 12.00
CA GLU A 69 6.69 5.37 11.04
C GLU A 69 6.43 4.28 10.02
N ARG A 70 5.95 3.13 10.47
CA ARG A 70 5.70 2.01 9.58
C ARG A 70 4.45 2.23 8.73
N ALA A 71 3.61 3.19 9.12
CA ALA A 71 2.50 3.59 8.27
C ALA A 71 3.03 4.33 7.05
N ASN A 72 4.04 5.17 7.28
CA ASN A 72 4.69 5.89 6.20
C ASN A 72 5.56 4.93 5.39
N LYS A 73 6.20 3.98 6.08
CA LYS A 73 6.97 2.93 5.40
C LYS A 73 6.08 2.14 4.45
N ALA A 74 4.85 1.84 4.89
CA ALA A 74 3.89 1.14 4.04
C ALA A 74 3.67 1.91 2.75
N ARG A 75 3.32 3.18 2.88
CA ARG A 75 3.14 4.05 1.73
C ARG A 75 4.39 4.06 0.85
N ARG A 76 5.54 4.26 1.47
CA ARG A 76 6.81 4.36 0.76
C ARG A 76 7.11 3.08 -0.02
N ARG A 77 6.98 1.94 0.64
CA ARG A 77 7.27 0.66 0.00
C ARG A 77 6.23 0.33 -1.07
N CYS A 78 4.97 0.66 -0.82
CA CYS A 78 3.92 0.45 -1.81
C CYS A 78 4.19 1.33 -3.02
N GLY A 79 4.63 2.56 -2.78
CA GLY A 79 5.02 3.44 -3.86
C GLY A 79 6.11 2.85 -4.73
N GLU A 80 7.00 2.08 -4.10
CA GLU A 80 8.05 1.38 -4.82
C GLU A 80 7.46 0.25 -5.64
N VAL A 81 6.46 -0.42 -5.08
CA VAL A 81 5.75 -1.47 -5.81
C VAL A 81 5.08 -0.89 -7.05
N PHE A 82 4.42 0.27 -6.87
CA PHE A 82 3.84 0.99 -8.00
C PHE A 82 4.92 1.38 -8.99
N ARG A 83 6.03 1.89 -8.47
CA ARG A 83 7.18 2.28 -9.29
C ARG A 83 7.72 1.09 -10.08
N TYR A 84 7.86 -0.04 -9.39
CA TYR A 84 8.32 -1.28 -10.01
C TYR A 84 7.37 -1.67 -11.14
N ALA A 85 6.08 -1.46 -10.92
CA ALA A 85 5.07 -1.75 -11.93
C ALA A 85 5.16 -0.78 -13.10
N ILE A 86 5.53 0.46 -12.82
CA ILE A 86 5.74 1.45 -13.87
C ILE A 86 6.95 1.06 -14.72
N VAL A 87 8.02 0.64 -14.04
CA VAL A 87 9.24 0.18 -14.71
C VAL A 87 8.94 -1.05 -15.57
N THR A 88 8.27 -2.02 -14.98
CA THR A 88 7.92 -3.25 -15.69
C THR A 88 6.87 -2.98 -16.77
N GLY A 89 6.15 -1.87 -16.64
CA GLY A 89 5.18 -1.48 -17.64
C GLY A 89 3.80 -2.06 -17.38
N ARG A 90 3.49 -2.32 -16.13
CA ARG A 90 2.19 -2.87 -15.76
C ARG A 90 1.27 -1.76 -15.26
N ALA A 91 1.86 -0.73 -14.68
CA ALA A 91 1.08 0.39 -14.18
C ALA A 91 1.49 1.68 -14.88
N LYS A 92 0.55 2.27 -15.61
CA LYS A 92 0.81 3.50 -16.35
C LYS A 92 0.64 4.69 -15.41
N TYR A 93 -0.12 4.48 -14.34
CA TYR A 93 -0.37 5.51 -13.35
C TYR A 93 -0.50 4.87 -11.98
N ASN A 94 0.01 5.55 -10.96
CA ASN A 94 -0.08 5.07 -9.60
C ASN A 94 -0.83 6.09 -8.73
N PRO A 95 -1.80 5.61 -7.94
CA PRO A 95 -2.61 6.47 -7.07
C PRO A 95 -1.86 6.92 -5.82
N ALA A 96 -0.55 7.10 -5.94
CA ALA A 96 0.28 7.52 -4.82
C ALA A 96 -0.04 8.96 -4.38
N PRO A 97 -0.13 9.92 -5.32
CA PRO A 97 -0.55 11.30 -4.99
C PRO A 97 -1.98 11.34 -4.46
N ASP A 98 -2.82 10.45 -4.98
CA ASP A 98 -4.21 10.35 -4.55
C ASP A 98 -4.29 9.83 -3.12
N LEU A 99 -3.41 8.88 -2.82
CA LEU A 99 -3.24 8.38 -1.47
C LEU A 99 -2.85 9.52 -0.54
N ALA A 100 -1.94 10.36 -1.01
CA ALA A 100 -1.51 11.52 -0.24
C ALA A 100 -2.69 12.43 0.07
N ASP A 101 -3.53 12.67 -0.93
CA ASP A 101 -4.70 13.53 -0.76
C ASP A 101 -5.69 12.94 0.22
N ALA A 102 -5.78 11.61 0.26
CA ALA A 102 -6.64 10.94 1.23
C ALA A 102 -6.09 11.10 2.64
N MET A 103 -4.77 11.20 2.73
CA MET A 103 -4.10 11.42 4.00
C MET A 103 -4.22 12.89 4.42
N LYS A 104 -4.43 13.76 3.45
CA LYS A 104 -4.60 15.19 3.72
C LYS A 104 -6.01 15.47 4.23
N GLY A 105 -6.98 14.93 3.51
CA GLY A 105 -8.37 15.10 3.88
C GLY A 105 -9.11 13.79 3.93
N TYR A 106 -8.89 13.05 5.00
CA TYR A 106 -9.47 11.71 5.19
C TYR A 106 -10.98 11.72 4.93
N ARG A 107 -11.72 12.30 5.87
CA ARG A 107 -13.17 12.29 5.81
C ARG A 107 -13.71 13.65 5.40
N LYS A 108 -12.85 14.45 4.79
CA LYS A 108 -13.24 15.79 4.36
C LYS A 108 -13.91 15.74 3.00
N LYS A 109 -13.70 14.63 2.30
CA LYS A 109 -14.26 14.48 0.96
C LYS A 109 -15.16 13.25 0.90
N ASN A 110 -16.36 13.44 0.37
CA ASN A 110 -17.28 12.34 0.15
C ASN A 110 -17.07 11.79 -1.25
N LEU A 111 -16.32 10.70 -1.35
CA LEU A 111 -15.87 10.18 -2.63
C LEU A 111 -16.96 9.36 -3.32
N GLU A 112 -18.11 10.00 -3.51
CA GLU A 112 -19.23 9.46 -4.28
C GLU A 112 -19.84 8.21 -3.66
N HIS A 113 -19.34 7.04 -4.06
CA HIS A 113 -19.95 5.78 -3.65
C HIS A 113 -19.17 5.12 -2.53
N HIS A 114 -19.89 4.64 -1.52
CA HIS A 114 -19.27 4.00 -0.37
C HIS A 114 -18.95 2.53 -0.67
N HIS A 115 -17.70 2.26 -1.00
CA HIS A 115 -17.26 0.88 -1.18
C HIS A 115 -17.01 0.24 0.17
N HIS A 116 -17.65 -0.89 0.42
CA HIS A 116 -17.58 -1.54 1.71
C HIS A 116 -16.81 -2.85 1.64
N HIS A 117 -16.18 -3.21 2.74
CA HIS A 117 -15.62 -4.55 2.91
C HIS A 117 -16.66 -5.42 3.61
N HIS A 118 -17.82 -4.82 3.82
CA HIS A 118 -18.93 -5.46 4.49
C HIS A 118 -20.18 -5.28 3.63
N SER A 1 4.54 -13.71 -12.98
CA SER A 1 3.67 -12.74 -12.30
C SER A 1 2.24 -12.85 -12.81
N SER A 2 1.27 -12.75 -11.89
CA SER A 2 -0.14 -12.84 -12.25
C SER A 2 -0.52 -11.76 -13.26
N ASN A 3 -1.26 -12.16 -14.28
CA ASN A 3 -1.60 -11.29 -15.40
C ASN A 3 -2.68 -10.30 -15.01
N ASN A 4 -3.39 -10.58 -13.93
CA ASN A 4 -4.43 -9.69 -13.44
C ASN A 4 -3.84 -8.42 -12.83
N ASN A 5 -2.51 -8.37 -12.73
CA ASN A 5 -1.81 -7.21 -12.19
C ASN A 5 -2.18 -7.02 -10.72
N SER A 6 -2.51 -8.11 -10.07
CA SER A 6 -2.87 -8.10 -8.66
C SER A 6 -1.72 -7.54 -7.83
N PHE A 7 -2.05 -6.75 -6.82
CA PHE A 7 -1.05 -6.13 -5.97
C PHE A 7 -0.10 -7.19 -5.40
N SER A 8 -0.67 -8.26 -4.86
CA SER A 8 0.13 -9.34 -4.26
C SER A 8 1.11 -9.95 -5.27
N ALA A 9 0.74 -9.97 -6.54
CA ALA A 9 1.57 -10.58 -7.57
C ALA A 9 2.83 -9.76 -7.81
N ILE A 10 2.65 -8.47 -8.02
CA ILE A 10 3.75 -7.57 -8.30
C ILE A 10 4.53 -7.29 -7.02
N TYR A 11 3.81 -7.22 -5.90
CA TYR A 11 4.44 -7.12 -4.59
C TYR A 11 5.34 -8.33 -4.35
N LYS A 12 4.86 -9.51 -4.72
CA LYS A 12 5.64 -10.74 -4.60
C LYS A 12 6.98 -10.59 -5.34
N GLU A 13 6.90 -10.10 -6.56
CA GLU A 13 8.09 -9.95 -7.39
C GLU A 13 9.04 -8.90 -6.81
N TRP A 14 8.45 -7.80 -6.34
CA TRP A 14 9.20 -6.73 -5.70
C TRP A 14 9.86 -7.22 -4.41
N TYR A 15 9.08 -7.91 -3.57
CA TYR A 15 9.59 -8.48 -2.33
C TYR A 15 10.71 -9.48 -2.60
N GLU A 16 10.47 -10.39 -3.54
CA GLU A 16 11.41 -11.45 -3.82
C GLU A 16 12.75 -10.88 -4.30
N HIS A 17 12.71 -9.71 -4.92
CA HIS A 17 13.93 -9.02 -5.34
C HIS A 17 14.57 -8.31 -4.15
N LYS A 18 13.76 -7.61 -3.37
CA LYS A 18 14.26 -6.89 -2.21
C LYS A 18 14.76 -7.85 -1.13
N LYS A 19 14.24 -9.05 -1.14
CA LYS A 19 14.63 -10.10 -0.20
C LYS A 19 16.13 -10.42 -0.33
N GLN A 20 16.68 -10.14 -1.51
CA GLN A 20 18.10 -10.37 -1.76
C GLN A 20 18.94 -9.32 -1.05
N VAL A 21 18.34 -8.17 -0.78
CA VAL A 21 19.06 -7.05 -0.19
C VAL A 21 18.81 -6.96 1.31
N TRP A 22 17.57 -7.16 1.71
CA TRP A 22 17.20 -7.06 3.12
C TRP A 22 17.65 -8.28 3.90
N SER A 23 17.83 -8.10 5.20
CA SER A 23 18.11 -9.20 6.10
C SER A 23 16.87 -10.08 6.22
N VAL A 24 17.06 -11.39 6.36
CA VAL A 24 15.95 -12.34 6.32
C VAL A 24 14.88 -12.04 7.35
N GLY A 25 15.31 -11.76 8.58
CA GLY A 25 14.38 -11.41 9.63
C GLY A 25 13.55 -10.19 9.28
N TYR A 26 14.23 -9.13 8.86
CA TYR A 26 13.59 -7.89 8.44
C TYR A 26 12.71 -8.12 7.21
N ALA A 27 13.22 -8.88 6.24
CA ALA A 27 12.50 -9.12 5.00
C ALA A 27 11.19 -9.85 5.26
N THR A 28 11.26 -10.92 6.03
CA THR A 28 10.09 -11.74 6.32
C THR A 28 9.07 -10.95 7.15
N GLU A 29 9.57 -10.12 8.07
CA GLU A 29 8.71 -9.31 8.92
C GLU A 29 8.02 -8.24 8.09
N LEU A 30 8.78 -7.55 7.25
CA LEU A 30 8.24 -6.53 6.37
C LEU A 30 7.20 -7.15 5.45
N ALA A 31 7.50 -8.34 4.94
CA ALA A 31 6.60 -9.02 4.05
C ALA A 31 5.31 -9.45 4.76
N LYS A 32 5.41 -9.83 6.03
CA LYS A 32 4.24 -10.32 6.72
C LYS A 32 3.42 -9.18 7.33
N MET A 33 3.99 -7.99 7.41
CA MET A 33 3.19 -6.83 7.80
C MET A 33 2.35 -6.41 6.61
N PHE A 34 2.89 -6.63 5.41
CA PHE A 34 2.12 -6.50 4.19
C PHE A 34 1.05 -7.58 4.15
N ASP A 35 1.45 -8.77 4.56
CA ASP A 35 0.53 -9.91 4.63
C ASP A 35 -0.65 -9.62 5.55
N ASP A 36 -0.39 -9.59 6.85
CA ASP A 36 -1.46 -9.51 7.86
C ASP A 36 -2.26 -8.21 7.78
N ASP A 37 -1.62 -7.12 7.38
CA ASP A 37 -2.29 -5.82 7.42
C ASP A 37 -2.77 -5.37 6.04
N ILE A 38 -1.92 -5.52 5.02
CA ILE A 38 -2.20 -4.94 3.71
C ILE A 38 -2.99 -5.88 2.81
N LEU A 39 -2.75 -7.19 2.91
CA LEU A 39 -3.39 -8.14 2.01
C LEU A 39 -4.92 -8.19 2.19
N PRO A 40 -5.44 -8.23 3.44
CA PRO A 40 -6.89 -8.16 3.67
C PRO A 40 -7.51 -6.85 3.19
N ILE A 41 -6.67 -5.87 2.91
CA ILE A 41 -7.14 -4.56 2.47
C ILE A 41 -7.13 -4.45 0.95
N ILE A 42 -5.96 -4.50 0.34
CA ILE A 42 -5.84 -4.32 -1.11
C ILE A 42 -5.03 -5.44 -1.75
N GLY A 43 -4.73 -6.47 -0.99
CA GLY A 43 -3.88 -7.54 -1.47
C GLY A 43 -4.40 -8.19 -2.74
N GLY A 44 -5.71 -8.37 -2.79
CA GLY A 44 -6.31 -9.04 -3.93
C GLY A 44 -6.87 -8.06 -4.94
N LEU A 45 -6.46 -6.81 -4.86
CA LEU A 45 -6.92 -5.80 -5.81
C LEU A 45 -5.90 -5.61 -6.93
N GLU A 46 -6.39 -5.26 -8.11
CA GLU A 46 -5.53 -5.00 -9.25
C GLU A 46 -4.81 -3.68 -9.08
N ILE A 47 -3.49 -3.70 -9.24
CA ILE A 47 -2.65 -2.54 -8.96
C ILE A 47 -3.01 -1.33 -9.83
N GLN A 48 -3.69 -1.59 -10.94
CA GLN A 48 -4.08 -0.52 -11.85
C GLN A 48 -5.34 0.18 -11.36
N ASP A 49 -6.14 -0.53 -10.57
CA ASP A 49 -7.42 0.01 -10.11
C ASP A 49 -7.58 -0.21 -8.62
N ILE A 50 -6.92 0.62 -7.85
CA ILE A 50 -7.03 0.59 -6.40
C ILE A 50 -7.56 1.93 -5.92
N GLU A 51 -8.53 1.89 -5.01
CA GLU A 51 -9.09 3.12 -4.46
C GLU A 51 -8.03 3.85 -3.64
N PRO A 52 -7.83 5.15 -3.89
CA PRO A 52 -6.88 5.97 -3.14
C PRO A 52 -7.19 5.95 -1.65
N MET A 53 -8.47 5.81 -1.34
CA MET A 53 -8.92 5.78 0.04
C MET A 53 -8.69 4.38 0.64
N GLN A 54 -8.64 3.37 -0.23
CA GLN A 54 -8.33 2.01 0.20
C GLN A 54 -6.83 1.86 0.42
N LEU A 55 -6.05 2.55 -0.39
CA LEU A 55 -4.61 2.62 -0.17
C LEU A 55 -4.34 3.38 1.13
N LEU A 56 -5.18 4.37 1.39
CA LEU A 56 -5.13 5.10 2.64
C LEU A 56 -5.56 4.19 3.79
N GLU A 57 -6.47 3.26 3.50
CA GLU A 57 -6.91 2.28 4.50
C GLU A 57 -5.75 1.39 4.92
N VAL A 58 -4.85 1.10 3.98
CA VAL A 58 -3.62 0.38 4.28
C VAL A 58 -2.77 1.15 5.28
N ILE A 59 -2.49 2.40 4.95
CA ILE A 59 -1.73 3.27 5.85
C ILE A 59 -2.48 3.47 7.16
N ARG A 60 -3.80 3.59 7.06
CA ARG A 60 -4.67 3.74 8.22
C ARG A 60 -4.54 2.53 9.12
N ARG A 61 -4.44 1.36 8.51
CA ARG A 61 -4.27 0.09 9.22
C ARG A 61 -3.03 0.13 10.11
N PHE A 62 -1.91 0.58 9.56
CA PHE A 62 -0.67 0.67 10.33
C PHE A 62 -0.77 1.73 11.42
N GLU A 63 -1.28 2.90 11.07
CA GLU A 63 -1.43 3.99 12.03
C GLU A 63 -2.45 3.63 13.11
N ASP A 64 -3.42 2.81 12.75
CA ASP A 64 -4.44 2.36 13.68
C ASP A 64 -3.82 1.46 14.74
N ARG A 65 -2.81 0.69 14.33
CA ARG A 65 -2.08 -0.16 15.26
C ARG A 65 -1.01 0.63 15.99
N GLY A 66 -0.73 1.85 15.53
CA GLY A 66 0.24 2.68 16.20
C GLY A 66 1.61 2.59 15.57
N ALA A 67 1.70 1.86 14.46
CA ALA A 67 2.95 1.75 13.73
C ALA A 67 3.12 2.94 12.81
N MET A 68 3.56 4.04 13.37
CA MET A 68 3.64 5.30 12.64
C MET A 68 4.78 5.26 11.62
N GLU A 69 5.87 4.65 12.01
CA GLU A 69 7.03 4.54 11.14
C GLU A 69 6.80 3.50 10.06
N ARG A 70 6.07 2.45 10.41
CA ARG A 70 5.73 1.41 9.46
C ARG A 70 4.61 1.88 8.53
N ALA A 71 3.86 2.89 8.96
CA ALA A 71 2.84 3.49 8.11
C ALA A 71 3.49 4.24 6.96
N ASN A 72 4.42 5.13 7.29
CA ASN A 72 5.21 5.82 6.27
C ASN A 72 5.96 4.82 5.41
N LYS A 73 6.42 3.74 6.03
CA LYS A 73 7.07 2.65 5.32
C LYS A 73 6.15 2.06 4.28
N ALA A 74 4.97 1.58 4.72
CA ALA A 74 3.99 0.98 3.81
C ALA A 74 3.72 1.88 2.62
N ARG A 75 3.49 3.15 2.92
CA ARG A 75 3.22 4.16 1.90
C ARG A 75 4.32 4.20 0.84
N ARG A 76 5.56 4.31 1.31
CA ARG A 76 6.70 4.43 0.41
C ARG A 76 6.99 3.10 -0.30
N ARG A 77 6.87 2.00 0.44
CA ARG A 77 7.13 0.68 -0.11
C ARG A 77 6.14 0.35 -1.24
N CYS A 78 4.88 0.73 -1.05
CA CYS A 78 3.86 0.52 -2.06
C CYS A 78 4.18 1.34 -3.31
N GLY A 79 4.71 2.55 -3.10
CA GLY A 79 5.15 3.37 -4.22
C GLY A 79 6.16 2.64 -5.08
N GLU A 80 7.05 1.89 -4.45
CA GLU A 80 8.01 1.06 -5.17
C GLU A 80 7.30 -0.03 -5.95
N VAL A 81 6.30 -0.65 -5.32
CA VAL A 81 5.51 -1.70 -5.97
C VAL A 81 4.83 -1.15 -7.21
N PHE A 82 4.26 0.04 -7.07
CA PHE A 82 3.63 0.73 -8.19
C PHE A 82 4.62 0.97 -9.32
N ARG A 83 5.78 1.50 -8.96
CA ARG A 83 6.84 1.77 -9.94
C ARG A 83 7.34 0.48 -10.57
N TYR A 84 7.49 -0.56 -9.74
CA TYR A 84 7.92 -1.87 -10.20
C TYR A 84 6.96 -2.37 -11.27
N ALA A 85 5.68 -2.12 -11.06
CA ALA A 85 4.65 -2.50 -12.01
C ALA A 85 4.71 -1.66 -13.28
N ILE A 86 5.00 -0.38 -13.12
CA ILE A 86 5.14 0.52 -14.27
C ILE A 86 6.29 0.07 -15.15
N VAL A 87 7.43 -0.23 -14.54
CA VAL A 87 8.62 -0.66 -15.27
C VAL A 87 8.36 -1.99 -15.99
N THR A 88 7.64 -2.88 -15.34
CA THR A 88 7.38 -4.21 -15.89
C THR A 88 6.21 -4.18 -16.88
N GLY A 89 5.64 -3.00 -17.08
CA GLY A 89 4.52 -2.85 -18.01
C GLY A 89 3.25 -3.50 -17.49
N ARG A 90 3.07 -3.43 -16.18
CA ARG A 90 1.89 -4.01 -15.54
C ARG A 90 0.98 -2.90 -15.00
N ALA A 91 1.50 -1.69 -14.93
CA ALA A 91 0.71 -0.55 -14.48
C ALA A 91 1.11 0.72 -15.23
N LYS A 92 0.20 1.68 -15.31
CA LYS A 92 0.48 2.92 -16.02
C LYS A 92 0.89 4.03 -15.05
N TYR A 93 0.29 4.06 -13.88
CA TYR A 93 0.52 5.15 -12.93
C TYR A 93 0.44 4.65 -11.49
N ASN A 94 0.77 5.51 -10.54
CA ASN A 94 0.66 5.18 -9.13
C ASN A 94 -0.29 6.15 -8.46
N PRO A 95 -1.26 5.64 -7.68
CA PRO A 95 -2.24 6.46 -6.95
C PRO A 95 -1.65 7.13 -5.72
N ALA A 96 -0.34 7.35 -5.73
CA ALA A 96 0.37 7.93 -4.60
C ALA A 96 -0.06 9.38 -4.32
N PRO A 97 -0.16 10.25 -5.35
CA PRO A 97 -0.66 11.62 -5.18
C PRO A 97 -2.05 11.66 -4.54
N ASP A 98 -2.93 10.76 -4.99
CA ASP A 98 -4.29 10.68 -4.47
C ASP A 98 -4.28 10.13 -3.05
N LEU A 99 -3.33 9.24 -2.79
CA LEU A 99 -3.13 8.67 -1.45
C LEU A 99 -2.85 9.78 -0.44
N ALA A 100 -1.96 10.70 -0.81
CA ALA A 100 -1.61 11.81 0.07
C ALA A 100 -2.79 12.76 0.22
N ASP A 101 -3.56 12.90 -0.85
CA ASP A 101 -4.71 13.80 -0.86
C ASP A 101 -5.80 13.29 0.07
N ALA A 102 -6.10 12.00 -0.02
CA ALA A 102 -7.11 11.38 0.83
C ALA A 102 -6.66 11.38 2.29
N MET A 103 -5.36 11.19 2.49
CA MET A 103 -4.79 11.18 3.83
C MET A 103 -4.92 12.56 4.48
N LYS A 104 -4.90 13.59 3.65
CA LYS A 104 -4.96 14.96 4.13
C LYS A 104 -6.38 15.33 4.56
N GLY A 105 -7.37 14.56 4.10
CA GLY A 105 -8.75 14.85 4.45
C GLY A 105 -9.50 13.61 4.91
N TYR A 106 -8.92 12.90 5.86
CA TYR A 106 -9.50 11.64 6.35
C TYR A 106 -10.77 11.89 7.15
N ARG A 107 -10.87 13.03 7.82
CA ARG A 107 -12.04 13.34 8.64
C ARG A 107 -13.22 13.75 7.78
N LYS A 108 -12.95 14.16 6.54
CA LYS A 108 -13.99 14.56 5.59
C LYS A 108 -14.75 15.78 6.12
N LYS A 109 -14.04 16.65 6.84
CA LYS A 109 -14.67 17.84 7.41
C LYS A 109 -14.96 18.85 6.32
N ASN A 110 -16.21 18.87 5.87
CA ASN A 110 -16.64 19.76 4.80
C ASN A 110 -17.10 21.10 5.35
N LEU A 111 -16.76 21.36 6.61
CA LEU A 111 -17.13 22.61 7.26
C LEU A 111 -16.16 23.71 6.87
N GLU A 112 -16.65 24.95 6.90
CA GLU A 112 -15.84 26.11 6.58
C GLU A 112 -14.79 26.33 7.66
N HIS A 113 -13.87 27.25 7.40
CA HIS A 113 -12.84 27.59 8.38
C HIS A 113 -13.28 28.80 9.19
N HIS A 114 -13.84 29.78 8.50
CA HIS A 114 -14.33 30.99 9.14
C HIS A 114 -15.69 31.36 8.56
N HIS A 115 -16.64 31.63 9.43
CA HIS A 115 -17.98 32.00 8.99
C HIS A 115 -18.19 33.50 9.15
N HIS A 116 -18.36 33.94 10.39
CA HIS A 116 -18.55 35.35 10.71
C HIS A 116 -18.57 35.51 12.22
N HIS A 117 -19.48 34.80 12.86
CA HIS A 117 -19.53 34.75 14.31
C HIS A 117 -18.44 33.81 14.79
N HIS A 118 -18.29 32.71 14.07
CA HIS A 118 -17.18 31.77 14.27
C HIS A 118 -17.01 30.93 13.02
N SER A 1 -8.37 -15.75 -5.99
CA SER A 1 -8.28 -14.70 -7.02
C SER A 1 -6.88 -14.09 -7.07
N SER A 2 -6.16 -14.40 -8.12
CA SER A 2 -4.84 -13.83 -8.36
C SER A 2 -4.71 -13.44 -9.82
N ASN A 3 -4.88 -12.16 -10.11
CA ASN A 3 -4.85 -11.66 -11.47
C ASN A 3 -3.42 -11.27 -11.86
N ASN A 4 -3.19 -11.01 -13.14
CA ASN A 4 -1.86 -10.69 -13.65
C ASN A 4 -1.37 -9.35 -13.09
N ASN A 5 -2.29 -8.40 -12.99
CA ASN A 5 -1.95 -7.07 -12.47
C ASN A 5 -2.32 -6.97 -11.00
N SER A 6 -2.62 -8.10 -10.39
CA SER A 6 -3.00 -8.10 -8.99
C SER A 6 -1.82 -7.68 -8.14
N PHE A 7 -2.10 -6.87 -7.12
CA PHE A 7 -1.05 -6.32 -6.26
C PHE A 7 -0.22 -7.43 -5.63
N SER A 8 -0.88 -8.53 -5.26
CA SER A 8 -0.21 -9.66 -4.65
C SER A 8 0.83 -10.27 -5.59
N ALA A 9 0.49 -10.34 -6.88
CA ALA A 9 1.37 -10.93 -7.88
C ALA A 9 2.65 -10.11 -8.04
N ILE A 10 2.47 -8.81 -8.25
CA ILE A 10 3.60 -7.91 -8.46
C ILE A 10 4.41 -7.76 -7.16
N TYR A 11 3.70 -7.78 -6.03
CA TYR A 11 4.35 -7.75 -4.72
C TYR A 11 5.27 -8.95 -4.54
N LYS A 12 4.83 -10.10 -5.03
CA LYS A 12 5.62 -11.32 -4.93
C LYS A 12 6.93 -11.17 -5.70
N GLU A 13 6.83 -10.65 -6.92
CA GLU A 13 8.01 -10.40 -7.74
C GLU A 13 8.96 -9.43 -7.04
N TRP A 14 8.39 -8.33 -6.57
CA TRP A 14 9.14 -7.29 -5.88
C TRP A 14 9.86 -7.85 -4.64
N TYR A 15 9.10 -8.53 -3.78
CA TYR A 15 9.66 -9.08 -2.54
C TYR A 15 10.72 -10.13 -2.82
N GLU A 16 10.40 -11.11 -3.67
CA GLU A 16 11.30 -12.23 -3.93
C GLU A 16 12.63 -11.72 -4.49
N HIS A 17 12.55 -10.71 -5.34
CA HIS A 17 13.74 -10.12 -5.95
C HIS A 17 14.58 -9.36 -4.92
N LYS A 18 13.95 -8.43 -4.20
CA LYS A 18 14.68 -7.57 -3.27
C LYS A 18 14.96 -8.29 -1.95
N LYS A 19 14.48 -9.51 -1.84
CA LYS A 19 14.80 -10.38 -0.69
C LYS A 19 16.29 -10.69 -0.69
N GLN A 20 16.90 -10.62 -1.87
CA GLN A 20 18.34 -10.85 -2.00
C GLN A 20 19.11 -9.61 -1.56
N VAL A 21 18.42 -8.47 -1.56
CA VAL A 21 19.03 -7.19 -1.27
C VAL A 21 19.04 -6.91 0.23
N TRP A 22 17.93 -7.22 0.88
CA TRP A 22 17.80 -6.97 2.30
C TRP A 22 18.26 -8.19 3.11
N SER A 23 18.47 -7.99 4.40
CA SER A 23 18.72 -9.08 5.31
C SER A 23 17.44 -9.90 5.45
N VAL A 24 17.56 -11.22 5.55
CA VAL A 24 16.39 -12.09 5.57
C VAL A 24 15.49 -11.79 6.77
N GLY A 25 16.09 -11.37 7.88
CA GLY A 25 15.31 -10.98 9.04
C GLY A 25 14.45 -9.78 8.76
N TYR A 26 15.05 -8.76 8.15
CA TYR A 26 14.32 -7.55 7.79
C TYR A 26 13.30 -7.84 6.69
N ALA A 27 13.72 -8.61 5.70
CA ALA A 27 12.86 -8.95 4.58
C ALA A 27 11.61 -9.69 5.03
N THR A 28 11.80 -10.68 5.91
CA THR A 28 10.68 -11.47 6.40
C THR A 28 9.78 -10.64 7.31
N GLU A 29 10.36 -9.75 8.11
CA GLU A 29 9.56 -8.88 8.97
C GLU A 29 8.72 -7.93 8.13
N LEU A 30 9.36 -7.32 7.13
CA LEU A 30 8.67 -6.39 6.23
C LEU A 30 7.55 -7.11 5.50
N ALA A 31 7.86 -8.27 4.95
CA ALA A 31 6.90 -9.05 4.18
C ALA A 31 5.76 -9.55 5.05
N LYS A 32 6.08 -9.96 6.28
CA LYS A 32 5.06 -10.49 7.17
C LYS A 32 4.08 -9.40 7.56
N MET A 33 4.61 -8.23 7.89
CA MET A 33 3.78 -7.09 8.23
C MET A 33 2.92 -6.70 7.02
N PHE A 34 3.54 -6.76 5.85
CA PHE A 34 2.87 -6.40 4.61
C PHE A 34 1.69 -7.34 4.34
N ASP A 35 1.90 -8.65 4.43
CA ASP A 35 0.82 -9.59 4.15
C ASP A 35 -0.23 -9.58 5.26
N ASP A 36 0.24 -9.53 6.51
CA ASP A 36 -0.63 -9.66 7.66
C ASP A 36 -1.63 -8.50 7.77
N ASP A 37 -1.26 -7.34 7.25
CA ASP A 37 -2.15 -6.19 7.30
C ASP A 37 -2.61 -5.76 5.91
N ILE A 38 -1.69 -5.65 4.97
CA ILE A 38 -1.99 -5.05 3.68
C ILE A 38 -2.65 -6.03 2.72
N LEU A 39 -2.37 -7.33 2.86
CA LEU A 39 -2.89 -8.31 1.92
C LEU A 39 -4.43 -8.39 1.95
N PRO A 40 -5.06 -8.51 3.15
CA PRO A 40 -6.52 -8.54 3.25
C PRO A 40 -7.17 -7.23 2.79
N ILE A 41 -6.36 -6.20 2.59
CA ILE A 41 -6.88 -4.90 2.20
C ILE A 41 -6.88 -4.73 0.68
N ILE A 42 -5.72 -4.88 0.05
CA ILE A 42 -5.61 -4.64 -1.38
C ILE A 42 -4.91 -5.79 -2.12
N GLY A 43 -4.60 -6.86 -1.40
CA GLY A 43 -3.82 -7.95 -1.98
C GLY A 43 -4.46 -8.54 -3.23
N GLY A 44 -5.79 -8.63 -3.22
CA GLY A 44 -6.49 -9.22 -4.34
C GLY A 44 -7.00 -8.20 -5.34
N LEU A 45 -6.53 -6.96 -5.22
CA LEU A 45 -6.97 -5.91 -6.12
C LEU A 45 -5.99 -5.73 -7.27
N GLU A 46 -6.49 -5.17 -8.36
CA GLU A 46 -5.65 -4.83 -9.50
C GLU A 46 -4.81 -3.61 -9.16
N ILE A 47 -3.50 -3.70 -9.38
CA ILE A 47 -2.60 -2.61 -9.06
C ILE A 47 -2.88 -1.39 -9.93
N GLN A 48 -3.60 -1.61 -11.04
CA GLN A 48 -3.99 -0.54 -11.93
C GLN A 48 -5.22 0.18 -11.41
N ASP A 49 -5.92 -0.45 -10.48
CA ASP A 49 -7.16 0.12 -9.95
C ASP A 49 -7.31 -0.17 -8.47
N ILE A 50 -6.66 0.64 -7.65
CA ILE A 50 -6.82 0.56 -6.21
C ILE A 50 -7.37 1.89 -5.70
N GLU A 51 -8.42 1.81 -4.89
CA GLU A 51 -9.09 3.01 -4.40
C GLU A 51 -8.17 3.79 -3.47
N PRO A 52 -8.25 5.12 -3.52
CA PRO A 52 -7.44 5.99 -2.65
C PRO A 52 -7.72 5.70 -1.18
N MET A 53 -8.99 5.51 -0.85
CA MET A 53 -9.40 5.23 0.52
C MET A 53 -9.17 3.76 0.87
N GLN A 54 -8.82 2.98 -0.15
CA GLN A 54 -8.50 1.57 0.04
C GLN A 54 -7.04 1.45 0.46
N LEU A 55 -6.18 2.17 -0.25
CA LEU A 55 -4.78 2.25 0.12
C LEU A 55 -4.66 3.01 1.44
N LEU A 56 -5.59 3.94 1.66
CA LEU A 56 -5.67 4.66 2.92
C LEU A 56 -6.08 3.69 4.03
N GLU A 57 -6.89 2.70 3.69
CA GLU A 57 -7.26 1.68 4.67
C GLU A 57 -6.02 0.92 5.14
N VAL A 58 -5.07 0.74 4.23
CA VAL A 58 -3.77 0.16 4.60
C VAL A 58 -3.04 1.06 5.61
N ILE A 59 -2.83 2.32 5.22
CA ILE A 59 -2.18 3.28 6.09
C ILE A 59 -2.92 3.39 7.43
N ARG A 60 -4.24 3.48 7.35
CA ARG A 60 -5.10 3.59 8.51
C ARG A 60 -5.01 2.34 9.38
N ARG A 61 -4.85 1.19 8.73
CA ARG A 61 -4.64 -0.08 9.40
C ARG A 61 -3.49 0.03 10.40
N PHE A 62 -2.42 0.68 9.98
CA PHE A 62 -1.26 0.91 10.85
C PHE A 62 -1.51 2.07 11.81
N GLU A 63 -2.13 3.14 11.32
CA GLU A 63 -2.42 4.32 12.15
C GLU A 63 -3.31 3.96 13.32
N ASP A 64 -4.25 3.05 13.10
CA ASP A 64 -5.19 2.63 14.12
C ASP A 64 -4.45 2.03 15.32
N ARG A 65 -3.29 1.45 15.07
CA ARG A 65 -2.50 0.84 16.13
C ARG A 65 -1.38 1.77 16.58
N GLY A 66 -1.25 2.92 15.93
CA GLY A 66 -0.30 3.93 16.37
C GLY A 66 1.05 3.81 15.69
N ALA A 67 1.17 2.86 14.78
CA ALA A 67 2.43 2.66 14.06
C ALA A 67 2.56 3.70 12.96
N MET A 68 3.09 4.86 13.32
CA MET A 68 3.16 5.99 12.40
C MET A 68 4.19 5.72 11.31
N GLU A 69 5.36 5.22 11.71
CA GLU A 69 6.41 4.91 10.75
C GLU A 69 5.94 3.88 9.75
N ARG A 70 5.33 2.82 10.26
CA ARG A 70 4.94 1.70 9.44
C ARG A 70 3.71 2.01 8.58
N ALA A 71 2.97 3.04 8.97
CA ALA A 71 1.90 3.55 8.12
C ALA A 71 2.51 4.24 6.90
N ASN A 72 3.56 5.02 7.16
CA ASN A 72 4.29 5.70 6.09
C ASN A 72 5.09 4.69 5.27
N LYS A 73 5.68 3.71 5.95
CA LYS A 73 6.39 2.63 5.29
C LYS A 73 5.49 1.91 4.30
N ALA A 74 4.25 1.68 4.71
CA ALA A 74 3.28 1.04 3.83
C ALA A 74 3.09 1.86 2.56
N ARG A 75 2.85 3.16 2.72
CA ARG A 75 2.71 4.06 1.57
C ARG A 75 3.96 4.01 0.69
N ARG A 76 5.12 4.12 1.31
CA ARG A 76 6.39 4.15 0.59
C ARG A 76 6.67 2.82 -0.12
N ARG A 77 6.48 1.72 0.58
CA ARG A 77 6.79 0.40 0.01
C ARG A 77 5.76 0.00 -1.03
N CYS A 78 4.49 0.29 -0.80
CA CYS A 78 3.47 0.04 -1.80
C CYS A 78 3.76 0.87 -3.04
N GLY A 79 4.15 2.12 -2.83
CA GLY A 79 4.51 3.00 -3.93
C GLY A 79 5.72 2.48 -4.70
N GLU A 80 6.56 1.72 -4.02
CA GLU A 80 7.72 1.11 -4.66
C GLU A 80 7.27 -0.07 -5.51
N VAL A 81 6.23 -0.76 -5.03
CA VAL A 81 5.61 -1.83 -5.81
C VAL A 81 4.93 -1.26 -7.04
N PHE A 82 4.23 -0.14 -6.87
CA PHE A 82 3.63 0.57 -7.99
C PHE A 82 4.70 0.98 -9.00
N ARG A 83 5.83 1.47 -8.48
CA ARG A 83 6.96 1.84 -9.34
C ARG A 83 7.43 0.63 -10.13
N TYR A 84 7.59 -0.50 -9.45
CA TYR A 84 8.00 -1.74 -10.09
C TYR A 84 6.99 -2.15 -11.15
N ALA A 85 5.71 -1.92 -10.87
CA ALA A 85 4.65 -2.21 -11.82
C ALA A 85 4.76 -1.32 -13.06
N ILE A 86 5.21 -0.09 -12.87
CA ILE A 86 5.45 0.81 -13.99
C ILE A 86 6.66 0.32 -14.79
N VAL A 87 7.73 -0.04 -14.08
CA VAL A 87 8.96 -0.52 -14.72
C VAL A 87 8.71 -1.82 -15.49
N THR A 88 7.84 -2.68 -14.96
CA THR A 88 7.53 -3.94 -15.62
C THR A 88 6.49 -3.74 -16.72
N GLY A 89 5.99 -2.51 -16.83
CA GLY A 89 5.06 -2.17 -17.91
C GLY A 89 3.65 -2.62 -17.64
N ARG A 90 3.18 -2.43 -16.42
CA ARG A 90 1.81 -2.76 -16.06
C ARG A 90 1.06 -1.53 -15.55
N ALA A 91 1.73 -0.71 -14.76
CA ALA A 91 1.11 0.49 -14.21
C ALA A 91 1.63 1.74 -14.91
N LYS A 92 0.95 2.86 -14.71
CA LYS A 92 1.33 4.12 -15.32
C LYS A 92 1.90 5.09 -14.29
N TYR A 93 1.22 5.21 -13.17
CA TYR A 93 1.63 6.12 -12.11
C TYR A 93 1.31 5.53 -10.75
N ASN A 94 1.87 6.11 -9.71
CA ASN A 94 1.59 5.67 -8.35
C ASN A 94 0.49 6.54 -7.77
N PRO A 95 -0.55 5.93 -7.17
CA PRO A 95 -1.64 6.67 -6.54
C PRO A 95 -1.23 7.24 -5.18
N ALA A 96 0.07 7.30 -4.95
CA ALA A 96 0.62 7.83 -3.71
C ALA A 96 0.16 9.27 -3.43
N PRO A 97 0.26 10.19 -4.42
CA PRO A 97 -0.25 11.57 -4.26
C PRO A 97 -1.73 11.61 -3.89
N ASP A 98 -2.53 10.76 -4.55
CA ASP A 98 -3.97 10.74 -4.31
C ASP A 98 -4.26 10.12 -2.95
N LEU A 99 -3.42 9.18 -2.55
CA LEU A 99 -3.46 8.59 -1.22
C LEU A 99 -3.28 9.68 -0.18
N ALA A 100 -2.37 10.60 -0.47
CA ALA A 100 -2.09 11.71 0.44
C ALA A 100 -3.30 12.62 0.56
N ASP A 101 -4.04 12.77 -0.54
CA ASP A 101 -5.25 13.60 -0.55
C ASP A 101 -6.41 12.90 0.15
N ALA A 102 -6.45 11.58 0.06
CA ALA A 102 -7.46 10.81 0.78
C ALA A 102 -7.27 10.99 2.28
N MET A 103 -6.05 10.77 2.73
CA MET A 103 -5.65 11.00 4.12
C MET A 103 -5.87 12.47 4.50
N LYS A 104 -5.66 13.34 3.54
CA LYS A 104 -5.79 14.78 3.70
C LYS A 104 -7.24 15.16 4.00
N GLY A 105 -8.12 14.80 3.06
CA GLY A 105 -9.54 15.11 3.22
C GLY A 105 -10.21 14.26 4.28
N TYR A 106 -9.56 13.15 4.64
CA TYR A 106 -10.04 12.27 5.68
C TYR A 106 -10.22 13.02 7.00
N ARG A 107 -9.36 14.01 7.23
CA ARG A 107 -9.35 14.71 8.50
C ARG A 107 -10.46 15.75 8.59
N LYS A 108 -11.42 15.66 7.66
CA LYS A 108 -12.65 16.44 7.76
C LYS A 108 -13.70 15.61 8.48
N LYS A 109 -13.51 14.29 8.43
CA LYS A 109 -14.42 13.30 9.03
C LYS A 109 -15.71 13.16 8.21
N ASN A 110 -16.33 14.27 7.88
CA ASN A 110 -17.50 14.26 7.00
C ASN A 110 -17.11 14.77 5.62
N LEU A 111 -17.51 14.03 4.60
CA LEU A 111 -17.14 14.38 3.24
C LEU A 111 -18.11 15.38 2.63
N GLU A 112 -17.76 15.87 1.45
CA GLU A 112 -18.57 16.84 0.72
C GLU A 112 -19.89 16.23 0.26
N HIS A 113 -19.91 14.92 0.10
CA HIS A 113 -21.11 14.23 -0.38
C HIS A 113 -21.48 13.09 0.56
N HIS A 114 -22.71 13.13 1.05
CA HIS A 114 -23.21 12.05 1.90
C HIS A 114 -23.60 10.86 1.03
N HIS A 115 -24.11 11.16 -0.16
CA HIS A 115 -24.35 10.14 -1.17
C HIS A 115 -23.25 10.21 -2.22
N HIS A 116 -22.80 9.05 -2.67
CA HIS A 116 -21.72 8.95 -3.65
C HIS A 116 -20.42 9.54 -3.09
N HIS A 117 -19.71 8.72 -2.33
CA HIS A 117 -18.46 9.14 -1.72
C HIS A 117 -17.31 8.89 -2.67
N HIS A 118 -17.50 7.94 -3.56
CA HIS A 118 -16.48 7.55 -4.51
C HIS A 118 -16.91 7.95 -5.93
N SER A 1 -8.58 -16.89 -15.54
CA SER A 1 -8.04 -15.52 -15.50
C SER A 1 -6.54 -15.53 -15.78
N SER A 2 -6.10 -14.61 -16.62
CA SER A 2 -4.71 -14.57 -17.04
C SER A 2 -4.14 -13.17 -16.86
N ASN A 3 -3.20 -13.05 -15.92
CA ASN A 3 -2.58 -11.78 -15.56
C ASN A 3 -3.63 -10.81 -15.04
N ASN A 4 -3.90 -10.90 -13.74
CA ASN A 4 -4.91 -10.06 -13.11
C ASN A 4 -4.29 -8.74 -12.66
N ASN A 5 -2.96 -8.70 -12.69
CA ASN A 5 -2.18 -7.53 -12.28
C ASN A 5 -2.44 -7.21 -10.81
N SER A 6 -2.69 -8.27 -10.04
CA SER A 6 -2.99 -8.14 -8.63
C SER A 6 -1.78 -7.62 -7.86
N PHE A 7 -2.03 -6.76 -6.89
CA PHE A 7 -0.98 -6.16 -6.09
C PHE A 7 -0.11 -7.23 -5.46
N SER A 8 -0.74 -8.23 -4.83
CA SER A 8 -0.01 -9.31 -4.16
C SER A 8 0.88 -10.09 -5.12
N ALA A 9 0.46 -10.20 -6.39
CA ALA A 9 1.24 -10.93 -7.37
C ALA A 9 2.57 -10.24 -7.63
N ILE A 10 2.51 -8.94 -7.87
CA ILE A 10 3.71 -8.15 -8.08
C ILE A 10 4.46 -7.99 -6.77
N TYR A 11 3.72 -7.90 -5.67
CA TYR A 11 4.29 -7.83 -4.33
C TYR A 11 5.22 -9.01 -4.08
N LYS A 12 4.79 -10.21 -4.46
CA LYS A 12 5.61 -11.40 -4.26
C LYS A 12 6.87 -11.34 -5.12
N GLU A 13 6.71 -10.97 -6.38
CA GLU A 13 7.85 -10.86 -7.30
C GLU A 13 8.83 -9.81 -6.78
N TRP A 14 8.27 -8.68 -6.36
CA TRP A 14 9.03 -7.59 -5.77
C TRP A 14 9.79 -8.08 -4.54
N TYR A 15 9.07 -8.75 -3.65
CA TYR A 15 9.64 -9.28 -2.41
C TYR A 15 10.78 -10.26 -2.70
N GLU A 16 10.54 -11.22 -3.58
CA GLU A 16 11.54 -12.25 -3.88
C GLU A 16 12.76 -11.64 -4.56
N HIS A 17 12.53 -10.58 -5.34
CA HIS A 17 13.61 -9.91 -6.05
C HIS A 17 14.44 -9.05 -5.08
N LYS A 18 13.76 -8.21 -4.31
CA LYS A 18 14.44 -7.30 -3.40
C LYS A 18 14.94 -8.04 -2.16
N LYS A 19 14.57 -9.31 -2.04
CA LYS A 19 15.08 -10.17 -0.98
C LYS A 19 16.59 -10.31 -1.07
N GLN A 20 17.11 -10.18 -2.29
CA GLN A 20 18.55 -10.28 -2.52
C GLN A 20 19.25 -9.01 -2.03
N VAL A 21 18.48 -7.94 -1.88
CA VAL A 21 19.03 -6.65 -1.49
C VAL A 21 18.99 -6.49 0.02
N TRP A 22 17.91 -6.94 0.63
CA TRP A 22 17.76 -6.83 2.07
C TRP A 22 18.28 -8.07 2.77
N SER A 23 18.19 -8.08 4.10
CA SER A 23 18.51 -9.25 4.88
C SER A 23 17.27 -10.14 4.99
N VAL A 24 17.46 -11.45 5.05
CA VAL A 24 16.34 -12.39 4.99
C VAL A 24 15.34 -12.18 6.13
N GLY A 25 15.85 -11.99 7.35
CA GLY A 25 14.98 -11.78 8.49
C GLY A 25 14.21 -10.49 8.39
N TYR A 26 14.92 -9.42 8.02
CA TYR A 26 14.31 -8.12 7.81
C TYR A 26 13.23 -8.21 6.74
N ALA A 27 13.56 -8.86 5.63
CA ALA A 27 12.62 -9.01 4.53
C ALA A 27 11.40 -9.82 4.95
N THR A 28 11.62 -10.81 5.80
CA THR A 28 10.53 -11.64 6.30
C THR A 28 9.56 -10.82 7.13
N GLU A 29 10.07 -10.05 8.09
CA GLU A 29 9.22 -9.23 8.94
C GLU A 29 8.56 -8.11 8.14
N LEU A 30 9.27 -7.62 7.12
CA LEU A 30 8.72 -6.64 6.20
C LEU A 30 7.52 -7.24 5.45
N ALA A 31 7.76 -8.39 4.83
CA ALA A 31 6.75 -9.07 4.04
C ALA A 31 5.56 -9.48 4.90
N LYS A 32 5.83 -10.00 6.09
CA LYS A 32 4.78 -10.42 7.00
C LYS A 32 3.89 -9.26 7.39
N MET A 33 4.50 -8.11 7.68
CA MET A 33 3.75 -6.91 8.02
C MET A 33 2.90 -6.47 6.83
N PHE A 34 3.52 -6.48 5.66
CA PHE A 34 2.84 -6.11 4.42
C PHE A 34 1.66 -7.07 4.17
N ASP A 35 1.83 -8.32 4.58
CA ASP A 35 0.80 -9.33 4.37
C ASP A 35 -0.32 -9.22 5.41
N ASP A 36 0.02 -9.34 6.68
CA ASP A 36 -0.99 -9.39 7.75
C ASP A 36 -1.75 -8.07 7.90
N ASP A 37 -1.23 -7.00 7.31
CA ASP A 37 -1.89 -5.71 7.41
C ASP A 37 -2.48 -5.26 6.07
N ILE A 38 -1.71 -5.37 5.01
CA ILE A 38 -2.09 -4.79 3.71
C ILE A 38 -2.86 -5.77 2.83
N LEU A 39 -2.57 -7.07 2.98
CA LEU A 39 -3.20 -8.10 2.15
C LEU A 39 -4.73 -8.11 2.27
N PRO A 40 -5.30 -8.08 3.50
CA PRO A 40 -6.76 -8.08 3.68
C PRO A 40 -7.41 -6.77 3.22
N ILE A 41 -6.60 -5.88 2.65
CA ILE A 41 -7.10 -4.59 2.18
C ILE A 41 -7.07 -4.52 0.65
N ILE A 42 -5.89 -4.65 0.06
CA ILE A 42 -5.74 -4.46 -1.39
C ILE A 42 -5.09 -5.66 -2.06
N GLY A 43 -5.05 -6.80 -1.38
CA GLY A 43 -4.36 -7.97 -1.89
C GLY A 43 -4.77 -8.35 -3.30
N GLY A 44 -6.07 -8.51 -3.50
CA GLY A 44 -6.58 -8.95 -4.79
C GLY A 44 -6.98 -7.81 -5.70
N LEU A 45 -6.49 -6.61 -5.42
CA LEU A 45 -6.81 -5.46 -6.26
C LEU A 45 -5.75 -5.28 -7.32
N GLU A 46 -6.14 -4.72 -8.47
CA GLU A 46 -5.19 -4.44 -9.53
C GLU A 46 -4.27 -3.30 -9.11
N ILE A 47 -2.99 -3.50 -9.29
CA ILE A 47 -1.99 -2.52 -8.88
C ILE A 47 -2.14 -1.21 -9.67
N GLN A 48 -2.87 -1.28 -10.78
CA GLN A 48 -3.08 -0.13 -11.63
C GLN A 48 -4.46 0.51 -11.34
N ASP A 49 -5.27 -0.20 -10.58
CA ASP A 49 -6.62 0.26 -10.27
C ASP A 49 -6.97 -0.03 -8.82
N ILE A 50 -6.57 0.87 -7.94
CA ILE A 50 -6.86 0.72 -6.52
C ILE A 50 -7.59 1.95 -6.02
N GLU A 51 -8.72 1.74 -5.34
CA GLU A 51 -9.49 2.83 -4.79
C GLU A 51 -8.71 3.51 -3.67
N PRO A 52 -8.71 4.85 -3.65
CA PRO A 52 -8.04 5.65 -2.62
C PRO A 52 -8.48 5.23 -1.23
N MET A 53 -9.74 4.83 -1.11
CA MET A 53 -10.30 4.38 0.16
C MET A 53 -9.52 3.18 0.68
N GLN A 54 -9.21 2.26 -0.22
CA GLN A 54 -8.52 1.02 0.14
C GLN A 54 -7.04 1.28 0.45
N LEU A 55 -6.39 2.10 -0.36
CA LEU A 55 -4.98 2.40 -0.13
C LEU A 55 -4.82 3.17 1.19
N LEU A 56 -5.77 4.05 1.47
CA LEU A 56 -5.78 4.78 2.72
C LEU A 56 -6.10 3.81 3.86
N GLU A 57 -6.94 2.83 3.57
CA GLU A 57 -7.30 1.81 4.54
C GLU A 57 -6.07 1.02 4.97
N VAL A 58 -5.10 0.91 4.05
CA VAL A 58 -3.81 0.29 4.35
C VAL A 58 -3.06 1.13 5.39
N ILE A 59 -2.87 2.40 5.08
CA ILE A 59 -2.21 3.30 6.03
C ILE A 59 -3.01 3.36 7.33
N ARG A 60 -4.34 3.37 7.19
CA ARG A 60 -5.24 3.40 8.34
C ARG A 60 -5.13 2.10 9.15
N ARG A 61 -4.75 1.03 8.48
CA ARG A 61 -4.50 -0.25 9.14
C ARG A 61 -3.35 -0.12 10.11
N PHE A 62 -2.31 0.60 9.69
CA PHE A 62 -1.16 0.85 10.54
C PHE A 62 -1.48 1.92 11.58
N GLU A 63 -2.35 2.87 11.24
CA GLU A 63 -2.82 3.87 12.20
C GLU A 63 -3.68 3.20 13.27
N ASP A 64 -4.35 2.12 12.86
CA ASP A 64 -5.11 1.28 13.79
C ASP A 64 -4.17 0.73 14.86
N ARG A 65 -3.01 0.25 14.40
CA ARG A 65 -1.99 -0.26 15.29
C ARG A 65 -1.36 0.87 16.10
N GLY A 66 -1.33 2.06 15.50
CA GLY A 66 -0.78 3.22 16.17
C GLY A 66 0.62 3.53 15.69
N ALA A 67 1.11 2.71 14.78
CA ALA A 67 2.46 2.85 14.28
C ALA A 67 2.52 3.91 13.17
N MET A 68 2.84 5.13 13.54
CA MET A 68 2.92 6.23 12.60
C MET A 68 4.07 6.01 11.62
N GLU A 69 5.16 5.46 12.14
CA GLU A 69 6.33 5.17 11.34
C GLU A 69 6.00 4.16 10.24
N ARG A 70 5.30 3.09 10.63
CA ARG A 70 4.97 2.02 9.72
C ARG A 70 3.87 2.43 8.75
N ALA A 71 3.02 3.36 9.18
CA ALA A 71 1.97 3.88 8.31
C ALA A 71 2.58 4.66 7.15
N ASN A 72 3.49 5.58 7.49
CA ASN A 72 4.19 6.39 6.50
C ASN A 72 5.05 5.48 5.63
N LYS A 73 5.70 4.51 6.24
CA LYS A 73 6.56 3.57 5.54
C LYS A 73 5.75 2.67 4.61
N ALA A 74 4.54 2.30 5.04
CA ALA A 74 3.66 1.48 4.21
C ALA A 74 3.39 2.18 2.88
N ARG A 75 3.09 3.47 2.95
CA ARG A 75 2.86 4.26 1.75
C ARG A 75 4.08 4.22 0.84
N ARG A 76 5.26 4.44 1.41
CA ARG A 76 6.49 4.46 0.63
C ARG A 76 6.81 3.09 0.04
N ARG A 77 6.48 2.03 0.76
CA ARG A 77 6.77 0.69 0.27
C ARG A 77 5.73 0.24 -0.74
N CYS A 78 4.50 0.70 -0.59
CA CYS A 78 3.49 0.48 -1.62
C CYS A 78 3.90 1.24 -2.88
N GLY A 79 4.39 2.46 -2.69
CA GLY A 79 4.93 3.25 -3.78
C GLY A 79 6.08 2.55 -4.46
N GLU A 80 6.92 1.89 -3.67
CA GLU A 80 8.02 1.08 -4.19
C GLU A 80 7.49 -0.05 -5.07
N VAL A 81 6.39 -0.65 -4.65
CA VAL A 81 5.75 -1.70 -5.44
C VAL A 81 5.17 -1.12 -6.73
N PHE A 82 4.48 0.01 -6.62
CA PHE A 82 3.97 0.71 -7.79
C PHE A 82 5.12 1.07 -8.73
N ARG A 83 6.19 1.59 -8.14
CA ARG A 83 7.40 1.94 -8.85
C ARG A 83 7.93 0.74 -9.64
N TYR A 84 8.06 -0.39 -8.94
CA TYR A 84 8.50 -1.63 -9.55
C TYR A 84 7.57 -2.04 -10.69
N ALA A 85 6.27 -1.91 -10.44
CA ALA A 85 5.27 -2.28 -11.42
C ALA A 85 5.34 -1.39 -12.66
N ILE A 86 5.57 -0.10 -12.48
CA ILE A 86 5.70 0.82 -13.60
C ILE A 86 6.91 0.44 -14.45
N VAL A 87 8.03 0.18 -13.79
CA VAL A 87 9.26 -0.21 -14.48
C VAL A 87 9.08 -1.54 -15.22
N THR A 88 8.26 -2.41 -14.66
CA THR A 88 8.01 -3.72 -15.25
C THR A 88 6.80 -3.68 -16.18
N GLY A 89 6.31 -2.47 -16.47
CA GLY A 89 5.26 -2.29 -17.45
C GLY A 89 3.91 -2.86 -17.03
N ARG A 90 3.68 -2.92 -15.73
CA ARG A 90 2.42 -3.45 -15.20
C ARG A 90 1.58 -2.36 -14.56
N ALA A 91 2.18 -1.21 -14.31
CA ALA A 91 1.47 -0.09 -13.73
C ALA A 91 1.55 1.13 -14.65
N LYS A 92 0.42 1.49 -15.23
CA LYS A 92 0.33 2.66 -16.09
C LYS A 92 -0.03 3.89 -15.27
N TYR A 93 -0.66 3.66 -14.13
CA TYR A 93 -1.07 4.73 -13.23
C TYR A 93 -1.00 4.24 -11.78
N ASN A 94 -0.63 5.12 -10.86
CA ASN A 94 -0.61 4.77 -9.45
C ASN A 94 -1.34 5.84 -8.63
N PRO A 95 -2.00 5.42 -7.54
CA PRO A 95 -2.70 6.33 -6.64
C PRO A 95 -1.77 6.90 -5.57
N ALA A 96 -0.48 6.95 -5.87
CA ALA A 96 0.53 7.39 -4.92
C ALA A 96 0.32 8.83 -4.43
N PRO A 97 0.22 9.83 -5.35
CA PRO A 97 -0.02 11.22 -4.95
C PRO A 97 -1.44 11.42 -4.45
N ASP A 98 -2.36 10.62 -4.96
CA ASP A 98 -3.77 10.75 -4.62
C ASP A 98 -4.02 10.24 -3.20
N LEU A 99 -3.23 9.26 -2.79
CA LEU A 99 -3.28 8.74 -1.42
C LEU A 99 -2.93 9.86 -0.43
N ALA A 100 -1.93 10.66 -0.81
CA ALA A 100 -1.49 11.77 0.02
C ALA A 100 -2.60 12.80 0.17
N ASP A 101 -3.31 13.04 -0.93
CA ASP A 101 -4.42 13.99 -0.93
C ASP A 101 -5.57 13.46 -0.08
N ALA A 102 -5.78 12.15 -0.13
CA ALA A 102 -6.81 11.49 0.66
C ALA A 102 -6.52 11.65 2.15
N MET A 103 -5.33 11.21 2.57
CA MET A 103 -4.88 11.37 3.96
C MET A 103 -5.04 12.82 4.43
N LYS A 104 -4.68 13.76 3.56
CA LYS A 104 -4.79 15.18 3.85
C LYS A 104 -6.21 15.58 4.23
N GLY A 105 -7.16 15.15 3.42
CA GLY A 105 -8.54 15.54 3.61
C GLY A 105 -9.30 14.58 4.52
N TYR A 106 -8.59 13.60 5.08
CA TYR A 106 -9.22 12.58 5.90
C TYR A 106 -9.75 13.18 7.20
N ARG A 107 -8.96 14.08 7.79
CA ARG A 107 -9.32 14.66 9.09
C ARG A 107 -10.60 15.50 8.98
N LYS A 108 -10.78 16.17 7.84
CA LYS A 108 -12.00 16.92 7.57
C LYS A 108 -12.24 17.99 8.62
N LYS A 109 -11.20 18.76 8.92
CA LYS A 109 -11.31 19.85 9.86
C LYS A 109 -12.06 21.00 9.21
N ASN A 110 -13.38 20.98 9.35
CA ASN A 110 -14.24 21.92 8.65
C ASN A 110 -14.35 23.24 9.39
N LEU A 111 -14.22 24.33 8.63
CA LEU A 111 -14.45 25.66 9.15
C LEU A 111 -15.93 26.02 8.97
N GLU A 112 -16.25 27.30 9.01
CA GLU A 112 -17.61 27.73 8.75
C GLU A 112 -17.82 27.91 7.25
N HIS A 113 -19.08 27.91 6.84
CA HIS A 113 -19.42 28.21 5.44
C HIS A 113 -19.66 29.72 5.32
N HIS A 114 -19.33 30.42 6.39
CA HIS A 114 -19.37 31.87 6.40
C HIS A 114 -18.04 32.40 5.89
N HIS A 115 -17.93 33.72 5.72
CA HIS A 115 -16.65 34.30 5.39
C HIS A 115 -16.49 35.68 6.02
N HIS A 116 -17.45 36.06 6.85
CA HIS A 116 -17.30 37.25 7.67
C HIS A 116 -16.37 36.91 8.84
N HIS A 117 -16.43 35.66 9.27
CA HIS A 117 -15.49 35.13 10.24
C HIS A 117 -14.26 34.59 9.51
N HIS A 118 -13.15 34.51 10.23
CA HIS A 118 -11.92 33.92 9.71
C HIS A 118 -11.40 34.70 8.51
N SER A 1 -5.59 -20.56 -15.54
CA SER A 1 -4.43 -19.66 -15.71
C SER A 1 -4.88 -18.20 -15.63
N SER A 2 -3.92 -17.29 -15.55
CA SER A 2 -4.21 -15.86 -15.50
C SER A 2 -2.96 -15.08 -15.93
N ASN A 3 -3.14 -13.80 -16.24
CA ASN A 3 -1.99 -12.92 -16.50
C ASN A 3 -1.48 -12.39 -15.17
N ASN A 4 -2.42 -12.15 -14.27
CA ASN A 4 -2.15 -11.82 -12.88
C ASN A 4 -1.54 -10.43 -12.74
N ASN A 5 -2.40 -9.44 -12.54
CA ASN A 5 -1.94 -8.08 -12.29
C ASN A 5 -2.26 -7.69 -10.86
N SER A 6 -2.49 -8.70 -10.04
CA SER A 6 -2.82 -8.50 -8.63
C SER A 6 -1.64 -7.89 -7.89
N PHE A 7 -1.94 -7.02 -6.94
CA PHE A 7 -0.91 -6.36 -6.14
C PHE A 7 -0.04 -7.39 -5.44
N SER A 8 -0.67 -8.43 -4.90
CA SER A 8 0.03 -9.49 -4.20
C SER A 8 1.05 -10.19 -5.11
N ALA A 9 0.72 -10.33 -6.38
CA ALA A 9 1.59 -11.01 -7.33
C ALA A 9 2.87 -10.21 -7.55
N ILE A 10 2.70 -8.93 -7.87
CA ILE A 10 3.84 -8.04 -8.09
C ILE A 10 4.59 -7.82 -6.78
N TYR A 11 3.85 -7.81 -5.68
CA TYR A 11 4.45 -7.69 -4.35
C TYR A 11 5.41 -8.84 -4.09
N LYS A 12 5.00 -10.08 -4.38
CA LYS A 12 5.86 -11.22 -4.12
C LYS A 12 7.09 -11.19 -5.03
N GLU A 13 6.89 -10.73 -6.27
CA GLU A 13 8.03 -10.54 -7.18
C GLU A 13 8.99 -9.51 -6.61
N TRP A 14 8.44 -8.34 -6.26
CA TRP A 14 9.20 -7.27 -5.63
C TRP A 14 9.92 -7.79 -4.40
N TYR A 15 9.18 -8.53 -3.58
CA TYR A 15 9.72 -9.10 -2.36
C TYR A 15 10.92 -9.99 -2.66
N GLU A 16 10.73 -10.97 -3.55
CA GLU A 16 11.78 -11.93 -3.87
C GLU A 16 13.03 -11.24 -4.41
N HIS A 17 12.84 -10.10 -5.08
CA HIS A 17 13.97 -9.35 -5.60
C HIS A 17 14.74 -8.67 -4.46
N LYS A 18 14.02 -7.93 -3.61
CA LYS A 18 14.65 -7.19 -2.52
C LYS A 18 15.02 -8.13 -1.37
N LYS A 19 14.50 -9.35 -1.44
CA LYS A 19 14.80 -10.40 -0.47
C LYS A 19 16.26 -10.83 -0.59
N GLN A 20 16.86 -10.56 -1.75
CA GLN A 20 18.26 -10.84 -1.96
C GLN A 20 19.11 -9.66 -1.50
N VAL A 21 18.46 -8.54 -1.26
CA VAL A 21 19.14 -7.34 -0.79
C VAL A 21 19.22 -7.33 0.73
N TRP A 22 18.07 -7.52 1.36
CA TRP A 22 18.00 -7.54 2.81
C TRP A 22 18.31 -8.94 3.33
N SER A 23 18.51 -9.05 4.64
CA SER A 23 18.72 -10.35 5.26
C SER A 23 17.40 -11.10 5.31
N VAL A 24 17.44 -12.42 5.20
CA VAL A 24 16.23 -13.23 5.14
C VAL A 24 15.33 -13.00 6.37
N GLY A 25 15.95 -12.92 7.54
CA GLY A 25 15.19 -12.66 8.76
C GLY A 25 14.49 -11.31 8.72
N TYR A 26 15.16 -10.34 8.13
CA TYR A 26 14.61 -9.00 7.98
C TYR A 26 13.55 -9.00 6.90
N ALA A 27 13.86 -9.65 5.78
CA ALA A 27 12.95 -9.71 4.64
C ALA A 27 11.65 -10.40 5.04
N THR A 28 11.77 -11.50 5.77
CA THR A 28 10.60 -12.24 6.22
C THR A 28 9.75 -11.40 7.18
N GLU A 29 10.41 -10.67 8.07
CA GLU A 29 9.69 -9.82 9.02
C GLU A 29 9.01 -8.65 8.32
N LEU A 30 9.74 -8.03 7.39
CA LEU A 30 9.20 -6.94 6.60
C LEU A 30 7.97 -7.40 5.81
N ALA A 31 8.09 -8.60 5.24
CA ALA A 31 7.00 -9.19 4.48
C ALA A 31 5.86 -9.58 5.39
N LYS A 32 6.18 -10.05 6.59
CA LYS A 32 5.16 -10.45 7.56
C LYS A 32 4.20 -9.30 7.85
N MET A 33 4.75 -8.11 8.05
CA MET A 33 3.94 -6.93 8.29
C MET A 33 3.16 -6.52 7.04
N PHE A 34 3.82 -6.58 5.90
CA PHE A 34 3.21 -6.15 4.64
C PHE A 34 2.09 -7.13 4.26
N ASP A 35 2.37 -8.42 4.32
CA ASP A 35 1.40 -9.46 4.01
C ASP A 35 0.18 -9.36 4.91
N ASP A 36 0.41 -9.37 6.21
CA ASP A 36 -0.68 -9.44 7.19
C ASP A 36 -1.54 -8.18 7.17
N ASP A 37 -0.97 -7.08 6.71
CA ASP A 37 -1.70 -5.82 6.64
C ASP A 37 -2.28 -5.55 5.26
N ILE A 38 -1.41 -5.50 4.26
CA ILE A 38 -1.80 -5.09 2.92
C ILE A 38 -2.71 -6.12 2.24
N LEU A 39 -2.42 -7.39 2.45
CA LEU A 39 -3.14 -8.47 1.74
C LEU A 39 -4.64 -8.48 2.03
N PRO A 40 -5.07 -8.48 3.31
CA PRO A 40 -6.49 -8.43 3.65
C PRO A 40 -7.19 -7.18 3.12
N ILE A 41 -6.41 -6.13 2.85
CA ILE A 41 -6.97 -4.88 2.38
C ILE A 41 -7.00 -4.85 0.85
N ILE A 42 -5.83 -4.82 0.22
CA ILE A 42 -5.76 -4.64 -1.23
C ILE A 42 -4.98 -5.77 -1.91
N GLY A 43 -4.65 -6.81 -1.15
CA GLY A 43 -3.82 -7.88 -1.68
C GLY A 43 -4.40 -8.54 -2.92
N GLY A 44 -5.70 -8.75 -2.91
CA GLY A 44 -6.35 -9.42 -4.01
C GLY A 44 -6.87 -8.45 -5.05
N LEU A 45 -6.44 -7.20 -4.96
CA LEU A 45 -6.88 -6.19 -5.92
C LEU A 45 -5.82 -6.01 -7.00
N GLU A 46 -6.26 -5.66 -8.20
CA GLU A 46 -5.36 -5.45 -9.31
C GLU A 46 -4.67 -4.10 -9.16
N ILE A 47 -3.38 -4.06 -9.47
CA ILE A 47 -2.54 -2.91 -9.18
C ILE A 47 -3.00 -1.65 -9.94
N GLN A 48 -3.74 -1.83 -11.02
CA GLN A 48 -4.25 -0.69 -11.79
C GLN A 48 -5.59 -0.21 -11.24
N ASP A 49 -6.25 -1.05 -10.47
CA ASP A 49 -7.64 -0.80 -10.07
C ASP A 49 -7.80 -0.83 -8.57
N ILE A 50 -6.78 -0.40 -7.86
CA ILE A 50 -6.82 -0.31 -6.40
C ILE A 50 -7.48 0.98 -5.98
N GLU A 51 -8.47 0.87 -5.08
CA GLU A 51 -9.18 2.03 -4.58
C GLU A 51 -8.28 2.86 -3.68
N PRO A 52 -8.17 4.17 -3.97
CA PRO A 52 -7.34 5.10 -3.18
C PRO A 52 -7.69 5.08 -1.70
N MET A 53 -8.99 5.10 -1.40
CA MET A 53 -9.45 5.11 -0.01
C MET A 53 -9.14 3.78 0.67
N GLN A 54 -9.04 2.72 -0.13
CA GLN A 54 -8.73 1.40 0.40
C GLN A 54 -7.23 1.29 0.64
N LEU A 55 -6.45 1.96 -0.19
CA LEU A 55 -5.02 2.08 0.04
C LEU A 55 -4.79 2.91 1.30
N LEU A 56 -5.69 3.86 1.53
CA LEU A 56 -5.68 4.64 2.76
C LEU A 56 -6.03 3.74 3.93
N GLU A 57 -6.91 2.77 3.71
CA GLU A 57 -7.27 1.80 4.73
C GLU A 57 -6.02 1.08 5.24
N VAL A 58 -5.08 0.78 4.34
CA VAL A 58 -3.80 0.21 4.73
C VAL A 58 -3.02 1.16 5.64
N ILE A 59 -2.80 2.39 5.16
CA ILE A 59 -2.08 3.41 5.93
C ILE A 59 -2.78 3.68 7.26
N ARG A 60 -4.11 3.73 7.21
CA ARG A 60 -4.91 4.02 8.38
C ARG A 60 -4.99 2.80 9.30
N ARG A 61 -4.74 1.63 8.74
CA ARG A 61 -4.62 0.41 9.53
C ARG A 61 -3.50 0.59 10.53
N PHE A 62 -2.37 1.10 10.03
CA PHE A 62 -1.22 1.43 10.88
C PHE A 62 -1.53 2.66 11.74
N GLU A 63 -2.25 3.62 11.17
CA GLU A 63 -2.60 4.86 11.87
C GLU A 63 -3.27 4.58 13.21
N ASP A 64 -4.24 3.67 13.21
CA ASP A 64 -5.01 3.34 14.40
C ASP A 64 -4.11 2.86 15.53
N ARG A 65 -2.99 2.25 15.16
CA ARG A 65 -2.05 1.71 16.14
C ARG A 65 -1.11 2.79 16.65
N GLY A 66 -1.11 3.92 15.98
CA GLY A 66 -0.12 4.94 16.23
C GLY A 66 1.15 4.63 15.47
N ALA A 67 1.06 3.66 14.58
CA ALA A 67 2.19 3.20 13.79
C ALA A 67 2.38 4.08 12.56
N MET A 68 2.41 5.40 12.81
CA MET A 68 2.53 6.38 11.73
C MET A 68 3.85 6.22 10.97
N GLU A 69 4.89 5.84 11.70
CA GLU A 69 6.21 5.64 11.11
C GLU A 69 6.16 4.48 10.12
N ARG A 70 5.60 3.36 10.55
CA ARG A 70 5.49 2.18 9.69
C ARG A 70 4.39 2.37 8.64
N ALA A 71 3.50 3.34 8.87
CA ALA A 71 2.48 3.69 7.90
C ALA A 71 3.10 4.37 6.70
N ASN A 72 4.07 5.25 6.98
CA ASN A 72 4.83 5.90 5.91
C ASN A 72 5.61 4.85 5.12
N LYS A 73 6.15 3.87 5.84
CA LYS A 73 6.80 2.73 5.21
C LYS A 73 5.82 1.97 4.34
N ALA A 74 4.59 1.79 4.82
CA ALA A 74 3.56 1.11 4.07
C ALA A 74 3.29 1.80 2.74
N ARG A 75 3.07 3.11 2.80
CA ARG A 75 2.81 3.91 1.60
C ARG A 75 3.96 3.81 0.61
N ARG A 76 5.19 3.99 1.10
CA ARG A 76 6.35 3.99 0.23
C ARG A 76 6.67 2.61 -0.34
N ARG A 77 6.47 1.56 0.46
CA ARG A 77 6.68 0.20 -0.01
C ARG A 77 5.70 -0.13 -1.13
N CYS A 78 4.44 0.26 -0.93
CA CYS A 78 3.43 0.09 -1.97
C CYS A 78 3.80 0.92 -3.19
N GLY A 79 4.29 2.14 -2.94
CA GLY A 79 4.74 3.01 -4.01
C GLY A 79 5.83 2.38 -4.85
N GLU A 80 6.73 1.63 -4.21
CA GLU A 80 7.79 0.95 -4.93
C GLU A 80 7.24 -0.21 -5.73
N VAL A 81 6.23 -0.88 -5.19
CA VAL A 81 5.52 -1.93 -5.94
C VAL A 81 4.86 -1.32 -7.17
N PHE A 82 4.19 -0.18 -6.98
CA PHE A 82 3.62 0.57 -8.09
C PHE A 82 4.70 0.98 -9.07
N ARG A 83 5.83 1.43 -8.53
CA ARG A 83 6.97 1.86 -9.36
C ARG A 83 7.45 0.71 -10.24
N TYR A 84 7.55 -0.48 -9.65
CA TYR A 84 7.98 -1.65 -10.39
C TYR A 84 6.97 -1.98 -11.49
N ALA A 85 5.70 -1.72 -11.20
CA ALA A 85 4.65 -1.92 -12.19
C ALA A 85 4.73 -0.87 -13.29
N ILE A 86 5.25 0.31 -12.95
CA ILE A 86 5.49 1.35 -13.93
C ILE A 86 6.67 0.96 -14.82
N VAL A 87 7.69 0.37 -14.21
CA VAL A 87 8.87 -0.10 -14.92
C VAL A 87 8.52 -1.28 -15.83
N THR A 88 7.58 -2.11 -15.38
CA THR A 88 7.14 -3.24 -16.19
C THR A 88 6.13 -2.81 -17.26
N GLY A 89 5.70 -1.55 -17.17
CA GLY A 89 4.81 -1.00 -18.18
C GLY A 89 3.36 -1.34 -17.91
N ARG A 90 3.06 -1.73 -16.68
CA ARG A 90 1.70 -2.08 -16.30
C ARG A 90 0.97 -0.86 -15.74
N ALA A 91 1.46 -0.37 -14.61
CA ALA A 91 0.81 0.76 -13.95
C ALA A 91 1.24 2.07 -14.59
N LYS A 92 0.28 2.78 -15.14
CA LYS A 92 0.56 4.03 -15.83
C LYS A 92 0.22 5.21 -14.93
N TYR A 93 -0.51 4.90 -13.86
CA TYR A 93 -0.82 5.87 -12.81
C TYR A 93 -0.89 5.16 -11.47
N ASN A 94 -0.21 5.69 -10.49
CA ASN A 94 -0.29 5.16 -9.14
C ASN A 94 -0.98 6.17 -8.23
N PRO A 95 -1.92 5.71 -7.40
CA PRO A 95 -2.73 6.59 -6.54
C PRO A 95 -1.97 7.12 -5.33
N ALA A 96 -0.66 7.27 -5.47
CA ALA A 96 0.18 7.75 -4.38
C ALA A 96 -0.11 9.23 -4.04
N PRO A 97 -0.16 10.14 -5.04
CA PRO A 97 -0.49 11.56 -4.80
C PRO A 97 -1.91 11.72 -4.25
N ASP A 98 -2.85 10.99 -4.82
CA ASP A 98 -4.25 11.07 -4.39
C ASP A 98 -4.40 10.52 -2.98
N LEU A 99 -3.60 9.51 -2.66
CA LEU A 99 -3.56 8.92 -1.32
C LEU A 99 -3.27 10.00 -0.28
N ALA A 100 -2.36 10.91 -0.61
CA ALA A 100 -1.99 12.00 0.28
C ALA A 100 -3.16 12.95 0.49
N ASP A 101 -3.81 13.33 -0.61
CA ASP A 101 -4.96 14.24 -0.55
C ASP A 101 -6.11 13.62 0.21
N ALA A 102 -6.33 12.33 -0.03
CA ALA A 102 -7.37 11.60 0.67
C ALA A 102 -7.07 11.54 2.16
N MET A 103 -5.81 11.27 2.51
CA MET A 103 -5.36 11.22 3.90
C MET A 103 -5.65 12.53 4.61
N LYS A 104 -5.31 13.64 3.96
CA LYS A 104 -5.49 14.97 4.53
C LYS A 104 -6.96 15.24 4.87
N GLY A 105 -7.83 14.95 3.92
CA GLY A 105 -9.25 15.21 4.10
C GLY A 105 -9.97 14.07 4.79
N TYR A 106 -9.23 13.08 5.26
CA TYR A 106 -9.82 11.90 5.87
C TYR A 106 -9.96 12.10 7.38
N ARG A 107 -9.08 12.93 7.94
CA ARG A 107 -9.07 13.15 9.38
C ARG A 107 -9.87 14.39 9.75
N LYS A 108 -10.61 14.91 8.78
CA LYS A 108 -11.50 16.06 8.98
C LYS A 108 -10.76 17.29 9.51
N LYS A 109 -10.18 18.04 8.60
CA LYS A 109 -9.53 19.30 8.94
C LYS A 109 -9.81 20.34 7.85
N ASN A 110 -10.60 21.34 8.20
CA ASN A 110 -10.93 22.41 7.26
C ASN A 110 -9.82 23.44 7.22
N LEU A 111 -9.54 23.97 6.04
CA LEU A 111 -8.45 24.90 5.84
C LEU A 111 -8.75 26.25 6.47
N GLU A 112 -9.76 26.94 5.95
CA GLU A 112 -10.12 28.25 6.45
C GLU A 112 -11.23 28.13 7.49
N HIS A 113 -11.29 29.10 8.39
CA HIS A 113 -12.29 29.10 9.44
C HIS A 113 -13.48 29.95 9.02
N HIS A 114 -14.56 29.30 8.61
CA HIS A 114 -15.76 30.01 8.19
C HIS A 114 -16.34 30.80 9.35
N HIS A 115 -16.36 30.18 10.52
CA HIS A 115 -16.68 30.90 11.75
C HIS A 115 -15.39 31.41 12.35
N HIS A 116 -15.13 32.69 12.15
CA HIS A 116 -13.90 33.30 12.60
C HIS A 116 -13.90 33.44 14.12
N HIS A 117 -13.03 32.69 14.77
CA HIS A 117 -12.94 32.72 16.22
C HIS A 117 -12.12 33.92 16.66
N HIS A 118 -12.57 34.57 17.73
CA HIS A 118 -11.88 35.75 18.23
C HIS A 118 -10.52 35.37 18.78
N SER A 1 1.40 -17.43 -16.32
CA SER A 1 0.77 -16.88 -15.10
C SER A 1 -0.68 -16.49 -15.40
N SER A 2 -1.41 -16.12 -14.36
CA SER A 2 -2.77 -15.63 -14.51
C SER A 2 -2.75 -14.09 -14.51
N ASN A 3 -3.81 -13.48 -14.02
CA ASN A 3 -3.85 -12.03 -13.88
C ASN A 3 -2.89 -11.61 -12.76
N ASN A 4 -1.65 -11.32 -13.15
CA ASN A 4 -0.62 -10.91 -12.21
C ASN A 4 -0.56 -9.39 -12.11
N ASN A 5 -1.64 -8.74 -12.52
CA ASN A 5 -1.76 -7.30 -12.37
C ASN A 5 -2.30 -6.98 -10.99
N SER A 6 -2.60 -8.05 -10.24
CA SER A 6 -3.02 -7.92 -8.86
C SER A 6 -1.84 -7.46 -8.01
N PHE A 7 -2.13 -6.63 -7.02
CA PHE A 7 -1.08 -6.02 -6.19
C PHE A 7 -0.22 -7.09 -5.50
N SER A 8 -0.87 -8.12 -4.97
CA SER A 8 -0.16 -9.19 -4.26
C SER A 8 0.83 -9.91 -5.18
N ALA A 9 0.50 -10.00 -6.45
CA ALA A 9 1.36 -10.69 -7.42
C ALA A 9 2.63 -9.89 -7.68
N ILE A 10 2.47 -8.60 -7.91
CA ILE A 10 3.61 -7.72 -8.15
C ILE A 10 4.39 -7.52 -6.86
N TYR A 11 3.69 -7.51 -5.74
CA TYR A 11 4.32 -7.47 -4.42
C TYR A 11 5.29 -8.65 -4.26
N LYS A 12 4.88 -9.82 -4.74
CA LYS A 12 5.70 -11.01 -4.63
C LYS A 12 6.97 -10.88 -5.47
N GLU A 13 6.81 -10.33 -6.67
CA GLU A 13 7.95 -10.07 -7.55
C GLU A 13 8.88 -9.05 -6.90
N TRP A 14 8.28 -7.98 -6.39
CA TRP A 14 9.01 -6.93 -5.68
C TRP A 14 9.77 -7.51 -4.49
N TYR A 15 9.07 -8.28 -3.67
CA TYR A 15 9.64 -8.89 -2.49
C TYR A 15 10.82 -9.79 -2.84
N GLU A 16 10.63 -10.64 -3.85
CA GLU A 16 11.65 -11.61 -4.22
C GLU A 16 12.96 -10.93 -4.62
N HIS A 17 12.85 -9.80 -5.31
CA HIS A 17 14.03 -9.08 -5.76
C HIS A 17 14.72 -8.37 -4.61
N LYS A 18 13.94 -7.68 -3.78
CA LYS A 18 14.48 -6.99 -2.61
C LYS A 18 14.96 -7.98 -1.57
N LYS A 19 14.41 -9.18 -1.60
CA LYS A 19 14.78 -10.24 -0.67
C LYS A 19 16.24 -10.65 -0.85
N GLN A 20 16.78 -10.39 -2.03
CA GLN A 20 18.17 -10.74 -2.33
C GLN A 20 19.09 -9.58 -1.96
N VAL A 21 18.49 -8.46 -1.58
CA VAL A 21 19.24 -7.28 -1.21
C VAL A 21 19.26 -7.10 0.31
N TRP A 22 18.09 -7.27 0.92
CA TRP A 22 17.96 -7.13 2.37
C TRP A 22 18.41 -8.39 3.07
N SER A 23 18.36 -8.37 4.40
CA SER A 23 18.65 -9.54 5.20
C SER A 23 17.44 -10.45 5.25
N VAL A 24 17.67 -11.75 5.35
CA VAL A 24 16.57 -12.72 5.37
C VAL A 24 15.57 -12.42 6.49
N GLY A 25 16.06 -12.05 7.65
CA GLY A 25 15.18 -11.73 8.76
C GLY A 25 14.42 -10.46 8.52
N TYR A 26 15.13 -9.42 8.10
CA TYR A 26 14.53 -8.14 7.77
C TYR A 26 13.46 -8.31 6.69
N ALA A 27 13.77 -9.12 5.68
CA ALA A 27 12.86 -9.36 4.58
C ALA A 27 11.63 -10.14 5.05
N THR A 28 11.83 -11.19 5.83
CA THR A 28 10.72 -12.00 6.33
C THR A 28 9.82 -11.18 7.25
N GLU A 29 10.43 -10.34 8.07
CA GLU A 29 9.70 -9.48 8.98
C GLU A 29 8.86 -8.46 8.20
N LEU A 30 9.52 -7.83 7.22
CA LEU A 30 8.86 -6.83 6.39
C LEU A 30 7.73 -7.45 5.59
N ALA A 31 8.00 -8.61 5.01
CA ALA A 31 7.01 -9.30 4.19
C ALA A 31 5.79 -9.72 5.00
N LYS A 32 6.00 -10.08 6.26
CA LYS A 32 4.90 -10.47 7.13
C LYS A 32 4.02 -9.26 7.45
N MET A 33 4.66 -8.13 7.70
CA MET A 33 3.95 -6.88 7.96
C MET A 33 3.13 -6.49 6.74
N PHE A 34 3.76 -6.51 5.58
CA PHE A 34 3.08 -6.19 4.33
C PHE A 34 1.95 -7.17 4.06
N ASP A 35 2.22 -8.43 4.39
CA ASP A 35 1.27 -9.52 4.17
C ASP A 35 0.00 -9.32 5.00
N ASP A 36 0.15 -9.40 6.31
CA ASP A 36 -1.00 -9.45 7.22
C ASP A 36 -1.81 -8.17 7.22
N ASP A 37 -1.15 -7.04 6.97
CA ASP A 37 -1.82 -5.75 7.08
C ASP A 37 -2.29 -5.22 5.73
N ILE A 38 -1.44 -5.33 4.71
CA ILE A 38 -1.72 -4.68 3.43
C ILE A 38 -2.46 -5.61 2.47
N LEU A 39 -2.08 -6.89 2.45
CA LEU A 39 -2.62 -7.83 1.47
C LEU A 39 -4.13 -8.08 1.64
N PRO A 40 -4.67 -8.23 2.87
CA PRO A 40 -6.11 -8.41 3.06
C PRO A 40 -6.92 -7.16 2.69
N ILE A 41 -6.23 -6.05 2.45
CA ILE A 41 -6.89 -4.80 2.12
C ILE A 41 -6.92 -4.59 0.61
N ILE A 42 -5.76 -4.64 -0.04
CA ILE A 42 -5.67 -4.37 -1.47
C ILE A 42 -4.91 -5.45 -2.23
N GLY A 43 -4.58 -6.54 -1.55
CA GLY A 43 -3.75 -7.57 -2.15
C GLY A 43 -4.39 -8.18 -3.39
N GLY A 44 -5.70 -8.33 -3.35
CA GLY A 44 -6.41 -8.93 -4.47
C GLY A 44 -6.95 -7.89 -5.43
N LEU A 45 -6.49 -6.65 -5.28
CA LEU A 45 -6.91 -5.59 -6.18
C LEU A 45 -5.89 -5.40 -7.29
N GLU A 46 -6.34 -4.95 -8.44
CA GLU A 46 -5.46 -4.69 -9.56
C GLU A 46 -4.66 -3.43 -9.28
N ILE A 47 -3.36 -3.49 -9.49
CA ILE A 47 -2.48 -2.38 -9.16
C ILE A 47 -2.80 -1.13 -9.98
N GLN A 48 -3.55 -1.32 -11.06
CA GLN A 48 -3.94 -0.21 -11.92
C GLN A 48 -5.23 0.43 -11.40
N ASP A 49 -5.98 -0.30 -10.61
CA ASP A 49 -7.23 0.20 -10.08
C ASP A 49 -7.42 -0.20 -8.62
N ILE A 50 -6.88 0.61 -7.74
CA ILE A 50 -7.05 0.41 -6.32
C ILE A 50 -7.84 1.58 -5.72
N GLU A 51 -8.80 1.24 -4.85
CA GLU A 51 -9.64 2.24 -4.21
C GLU A 51 -8.79 3.11 -3.28
N PRO A 52 -8.83 4.43 -3.48
CA PRO A 52 -8.06 5.38 -2.66
C PRO A 52 -8.32 5.21 -1.16
N MET A 53 -9.56 4.93 -0.80
CA MET A 53 -9.95 4.79 0.59
C MET A 53 -9.46 3.45 1.16
N GLN A 54 -9.19 2.50 0.28
CA GLN A 54 -8.67 1.21 0.70
C GLN A 54 -7.16 1.26 0.89
N LEU A 55 -6.46 1.90 -0.03
CA LEU A 55 -5.01 2.08 0.11
C LEU A 55 -4.73 2.91 1.35
N LEU A 56 -5.57 3.92 1.56
CA LEU A 56 -5.47 4.76 2.74
C LEU A 56 -5.85 3.94 3.99
N GLU A 57 -6.75 2.98 3.83
CA GLU A 57 -7.15 2.12 4.95
C GLU A 57 -6.03 1.13 5.30
N VAL A 58 -5.13 0.89 4.35
CA VAL A 58 -3.90 0.16 4.66
C VAL A 58 -3.08 0.98 5.65
N ILE A 59 -2.81 2.21 5.26
CA ILE A 59 -2.10 3.14 6.12
C ILE A 59 -2.84 3.30 7.45
N ARG A 60 -4.17 3.34 7.40
CA ARG A 60 -4.97 3.50 8.61
C ARG A 60 -5.04 2.21 9.41
N ARG A 61 -4.80 1.08 8.75
CA ARG A 61 -4.66 -0.20 9.43
C ARG A 61 -3.54 -0.08 10.45
N PHE A 62 -2.48 0.61 10.06
CA PHE A 62 -1.38 0.91 10.96
C PHE A 62 -1.72 2.09 11.88
N GLU A 63 -2.40 3.10 11.33
CA GLU A 63 -2.73 4.33 12.06
C GLU A 63 -3.57 4.04 13.30
N ASP A 64 -4.71 3.38 13.12
CA ASP A 64 -5.62 3.08 14.23
C ASP A 64 -4.91 2.22 15.28
N ARG A 65 -3.96 1.43 14.83
CA ARG A 65 -3.20 0.56 15.71
C ARG A 65 -2.21 1.36 16.56
N GLY A 66 -1.69 2.44 16.00
CA GLY A 66 -0.69 3.22 16.70
C GLY A 66 0.71 2.94 16.18
N ALA A 67 0.77 2.36 14.99
CA ALA A 67 2.05 2.06 14.35
C ALA A 67 2.29 3.06 13.23
N MET A 68 2.81 4.23 13.59
CA MET A 68 2.92 5.34 12.65
C MET A 68 4.11 5.15 11.72
N GLU A 69 5.20 4.63 12.26
CA GLU A 69 6.38 4.34 11.44
C GLU A 69 6.04 3.31 10.37
N ARG A 70 5.38 2.23 10.79
CA ARG A 70 4.95 1.19 9.86
C ARG A 70 3.95 1.74 8.84
N ALA A 71 3.14 2.70 9.26
CA ALA A 71 2.18 3.34 8.37
C ALA A 71 2.89 4.10 7.26
N ASN A 72 4.00 4.74 7.59
CA ASN A 72 4.78 5.46 6.60
C ASN A 72 5.60 4.50 5.76
N LYS A 73 6.10 3.44 6.39
CA LYS A 73 6.78 2.37 5.68
C LYS A 73 5.88 1.80 4.59
N ALA A 74 4.63 1.51 4.97
CA ALA A 74 3.63 1.05 4.03
C ALA A 74 3.43 2.05 2.92
N ARG A 75 3.22 3.31 3.32
CA ARG A 75 2.96 4.40 2.39
C ARG A 75 3.97 4.45 1.24
N ARG A 76 5.24 4.63 1.58
CA ARG A 76 6.24 4.87 0.55
C ARG A 76 6.65 3.57 -0.15
N ARG A 77 6.56 2.44 0.54
CA ARG A 77 6.95 1.17 -0.05
C ARG A 77 5.87 0.63 -0.97
N CYS A 78 4.60 0.98 -0.71
CA CYS A 78 3.55 0.70 -1.67
C CYS A 78 3.80 1.51 -2.93
N GLY A 79 4.19 2.77 -2.72
CA GLY A 79 4.59 3.61 -3.83
C GLY A 79 5.73 3.01 -4.63
N GLU A 80 6.64 2.32 -3.94
CA GLU A 80 7.75 1.63 -4.59
C GLU A 80 7.23 0.49 -5.45
N VAL A 81 6.26 -0.25 -4.93
CA VAL A 81 5.63 -1.34 -5.68
C VAL A 81 4.94 -0.79 -6.93
N PHE A 82 4.20 0.31 -6.76
CA PHE A 82 3.56 0.99 -7.88
C PHE A 82 4.61 1.41 -8.91
N ARG A 83 5.64 2.08 -8.42
CA ARG A 83 6.75 2.54 -9.25
C ARG A 83 7.40 1.38 -10.00
N TYR A 84 7.53 0.25 -9.32
CA TYR A 84 8.12 -0.94 -9.93
C TYR A 84 7.24 -1.43 -11.06
N ALA A 85 5.96 -1.63 -10.78
CA ALA A 85 5.00 -2.08 -11.80
C ALA A 85 4.99 -1.15 -13.01
N ILE A 86 5.29 0.12 -12.79
CA ILE A 86 5.39 1.08 -13.89
C ILE A 86 6.55 0.74 -14.81
N VAL A 87 7.74 0.53 -14.25
CA VAL A 87 8.90 0.16 -15.05
C VAL A 87 8.78 -1.30 -15.50
N THR A 88 8.02 -2.08 -14.74
CA THR A 88 7.67 -3.44 -15.08
C THR A 88 6.79 -3.48 -16.34
N GLY A 89 5.98 -2.44 -16.51
CA GLY A 89 5.11 -2.36 -17.67
C GLY A 89 3.72 -2.88 -17.39
N ARG A 90 3.36 -2.91 -16.12
CA ARG A 90 2.03 -3.38 -15.72
C ARG A 90 1.24 -2.28 -15.03
N ALA A 91 1.83 -1.10 -14.94
CA ALA A 91 1.16 0.07 -14.39
C ALA A 91 1.54 1.32 -15.15
N LYS A 92 0.55 2.14 -15.45
CA LYS A 92 0.78 3.40 -16.15
C LYS A 92 0.80 4.55 -15.16
N TYR A 93 -0.13 4.51 -14.22
CA TYR A 93 -0.17 5.47 -13.14
C TYR A 93 -0.55 4.74 -11.85
N ASN A 94 -0.48 5.44 -10.73
CA ASN A 94 -0.75 4.81 -9.45
C ASN A 94 -1.73 5.64 -8.63
N PRO A 95 -2.42 5.01 -7.66
CA PRO A 95 -3.34 5.71 -6.75
C PRO A 95 -2.62 6.45 -5.64
N ALA A 96 -1.32 6.72 -5.83
CA ALA A 96 -0.53 7.43 -4.83
C ALA A 96 -1.01 8.89 -4.64
N PRO A 97 -1.27 9.64 -5.73
CA PRO A 97 -1.87 10.98 -5.63
C PRO A 97 -3.20 10.96 -4.86
N ASP A 98 -3.96 9.89 -5.04
CA ASP A 98 -5.24 9.73 -4.36
C ASP A 98 -5.04 9.33 -2.90
N LEU A 99 -3.95 8.60 -2.66
CA LEU A 99 -3.53 8.26 -1.30
C LEU A 99 -3.26 9.56 -0.54
N ALA A 100 -2.45 10.42 -1.15
CA ALA A 100 -2.13 11.72 -0.55
C ALA A 100 -3.39 12.56 -0.38
N ASP A 101 -4.29 12.45 -1.36
CA ASP A 101 -5.57 13.15 -1.32
C ASP A 101 -6.39 12.74 -0.10
N ALA A 102 -6.61 11.45 0.03
CA ALA A 102 -7.41 10.91 1.13
C ALA A 102 -6.74 11.16 2.47
N MET A 103 -5.42 10.98 2.52
CA MET A 103 -4.64 11.19 3.73
C MET A 103 -4.69 12.66 4.16
N LYS A 104 -4.80 13.54 3.18
CA LYS A 104 -4.91 14.98 3.45
C LYS A 104 -6.16 15.28 4.26
N GLY A 105 -7.23 14.56 3.95
CA GLY A 105 -8.47 14.74 4.69
C GLY A 105 -8.38 14.17 6.09
N TYR A 106 -7.68 13.05 6.23
CA TYR A 106 -7.51 12.39 7.51
C TYR A 106 -6.35 12.99 8.31
N ARG A 107 -5.73 14.02 7.76
CA ARG A 107 -4.64 14.70 8.46
C ARG A 107 -5.22 15.70 9.45
N LYS A 108 -6.46 16.10 9.20
CA LYS A 108 -7.16 17.03 10.07
C LYS A 108 -7.99 16.22 11.06
N LYS A 109 -7.27 15.55 11.94
CA LYS A 109 -7.85 14.63 12.90
C LYS A 109 -8.60 15.36 14.01
N ASN A 110 -8.32 16.65 14.18
CA ASN A 110 -9.03 17.45 15.17
C ASN A 110 -10.44 17.77 14.71
N LEU A 111 -10.69 17.53 13.42
CA LEU A 111 -12.03 17.66 12.87
C LEU A 111 -12.73 16.32 13.00
N GLU A 112 -13.87 16.31 13.66
CA GLU A 112 -14.61 15.06 13.91
C GLU A 112 -15.25 14.57 12.62
N HIS A 113 -14.65 13.54 12.03
CA HIS A 113 -15.12 13.02 10.76
C HIS A 113 -16.24 12.01 10.97
N HIS A 114 -17.30 12.16 10.18
CA HIS A 114 -18.43 11.24 10.22
C HIS A 114 -18.87 10.90 8.80
N HIS A 115 -18.65 9.67 8.40
CA HIS A 115 -19.08 9.19 7.09
C HIS A 115 -20.59 8.97 7.10
N HIS A 116 -21.21 9.05 5.94
CA HIS A 116 -22.64 8.80 5.85
C HIS A 116 -22.89 7.28 5.80
N HIS A 117 -21.81 6.53 5.64
CA HIS A 117 -21.88 5.07 5.67
C HIS A 117 -21.33 4.53 6.99
N HIS A 118 -20.86 5.45 7.84
CA HIS A 118 -20.32 5.09 9.14
C HIS A 118 -20.54 6.22 10.13
N SER A 1 -4.78 -15.79 -14.72
CA SER A 1 -3.99 -15.25 -15.85
C SER A 1 -2.51 -15.52 -15.62
N SER A 2 -1.73 -15.51 -16.69
CA SER A 2 -0.29 -15.69 -16.59
C SER A 2 0.35 -14.45 -15.97
N ASN A 3 0.12 -13.31 -16.60
CA ASN A 3 0.59 -12.04 -16.05
C ASN A 3 -0.48 -11.45 -15.16
N ASN A 4 -0.51 -11.89 -13.91
CA ASN A 4 -1.49 -11.40 -12.95
C ASN A 4 -1.11 -10.02 -12.43
N ASN A 5 -2.01 -9.07 -12.60
CA ASN A 5 -1.74 -7.67 -12.22
C ASN A 5 -2.23 -7.38 -10.81
N SER A 6 -2.66 -8.41 -10.11
CA SER A 6 -3.09 -8.27 -8.72
C SER A 6 -1.90 -7.88 -7.85
N PHE A 7 -2.16 -7.06 -6.85
CA PHE A 7 -1.12 -6.54 -5.97
C PHE A 7 -0.32 -7.67 -5.33
N SER A 8 -1.02 -8.72 -4.90
CA SER A 8 -0.38 -9.88 -4.29
C SER A 8 0.70 -10.46 -5.18
N ALA A 9 0.45 -10.48 -6.48
CA ALA A 9 1.37 -11.07 -7.45
C ALA A 9 2.63 -10.22 -7.59
N ILE A 10 2.43 -8.93 -7.80
CA ILE A 10 3.56 -8.01 -7.98
C ILE A 10 4.32 -7.82 -6.68
N TYR A 11 3.59 -7.76 -5.57
CA TYR A 11 4.18 -7.68 -4.25
C TYR A 11 5.12 -8.86 -4.00
N LYS A 12 4.71 -10.05 -4.41
CA LYS A 12 5.53 -11.23 -4.22
C LYS A 12 6.81 -11.14 -5.04
N GLU A 13 6.69 -10.70 -6.29
CA GLU A 13 7.85 -10.55 -7.16
C GLU A 13 8.79 -9.49 -6.59
N TRP A 14 8.22 -8.37 -6.16
CA TRP A 14 8.99 -7.30 -5.53
C TRP A 14 9.68 -7.81 -4.28
N TYR A 15 8.93 -8.46 -3.40
CA TYR A 15 9.47 -9.03 -2.17
C TYR A 15 10.56 -10.06 -2.47
N GLU A 16 10.27 -10.97 -3.40
CA GLU A 16 11.19 -12.05 -3.72
C GLU A 16 12.48 -11.50 -4.31
N HIS A 17 12.36 -10.43 -5.08
CA HIS A 17 13.50 -9.76 -5.68
C HIS A 17 14.30 -9.01 -4.61
N LYS A 18 13.59 -8.31 -3.73
CA LYS A 18 14.23 -7.55 -2.66
C LYS A 18 14.75 -8.48 -1.56
N LYS A 19 14.22 -9.69 -1.53
CA LYS A 19 14.66 -10.71 -0.57
C LYS A 19 16.11 -11.10 -0.85
N GLN A 20 16.56 -10.80 -2.05
CA GLN A 20 17.95 -11.08 -2.45
C GLN A 20 18.84 -9.91 -2.08
N VAL A 21 18.23 -8.81 -1.65
CA VAL A 21 18.96 -7.58 -1.35
C VAL A 21 19.13 -7.41 0.15
N TRP A 22 18.04 -7.57 0.89
CA TRP A 22 18.06 -7.37 2.33
C TRP A 22 18.48 -8.64 3.05
N SER A 23 18.67 -8.54 4.35
CA SER A 23 18.91 -9.71 5.18
C SER A 23 17.58 -10.42 5.45
N VAL A 24 17.63 -11.72 5.69
CA VAL A 24 16.41 -12.50 5.84
C VAL A 24 15.57 -12.03 7.03
N GLY A 25 16.24 -11.51 8.06
CA GLY A 25 15.53 -11.01 9.22
C GLY A 25 14.68 -9.81 8.89
N TYR A 26 15.32 -8.77 8.35
CA TYR A 26 14.61 -7.57 7.92
C TYR A 26 13.55 -7.92 6.88
N ALA A 27 13.89 -8.82 5.96
CA ALA A 27 12.97 -9.23 4.91
C ALA A 27 11.71 -9.88 5.49
N THR A 28 11.90 -10.77 6.46
CA THR A 28 10.77 -11.44 7.09
C THR A 28 9.87 -10.43 7.81
N GLU A 29 10.51 -9.53 8.56
CA GLU A 29 9.79 -8.51 9.31
C GLU A 29 8.94 -7.65 8.39
N LEU A 30 9.57 -7.11 7.36
CA LEU A 30 8.89 -6.23 6.40
C LEU A 30 7.79 -6.98 5.67
N ALA A 31 8.10 -8.21 5.25
CA ALA A 31 7.17 -9.02 4.48
C ALA A 31 5.93 -9.36 5.29
N LYS A 32 6.12 -9.74 6.55
CA LYS A 32 4.99 -10.17 7.36
C LYS A 32 4.02 -9.03 7.60
N MET A 33 4.50 -7.89 8.09
CA MET A 33 3.61 -6.77 8.40
C MET A 33 2.84 -6.33 7.15
N PHE A 34 3.53 -6.33 6.02
CA PHE A 34 2.93 -5.96 4.74
C PHE A 34 1.87 -6.97 4.33
N ASP A 35 2.26 -8.23 4.24
CA ASP A 35 1.35 -9.29 3.84
C ASP A 35 0.20 -9.45 4.82
N ASP A 36 0.53 -9.51 6.10
CA ASP A 36 -0.44 -9.79 7.16
C ASP A 36 -1.59 -8.79 7.16
N ASP A 37 -1.28 -7.51 7.00
CA ASP A 37 -2.30 -6.47 7.08
C ASP A 37 -2.77 -6.00 5.71
N ILE A 38 -1.83 -5.78 4.79
CA ILE A 38 -2.14 -5.12 3.53
C ILE A 38 -2.79 -6.07 2.52
N LEU A 39 -2.42 -7.34 2.55
CA LEU A 39 -2.97 -8.32 1.60
C LEU A 39 -4.49 -8.44 1.70
N PRO A 40 -5.07 -8.58 2.91
CA PRO A 40 -6.53 -8.60 3.07
C PRO A 40 -7.20 -7.30 2.63
N ILE A 41 -6.43 -6.23 2.49
CA ILE A 41 -6.97 -4.92 2.13
C ILE A 41 -6.97 -4.71 0.62
N ILE A 42 -5.78 -4.78 0.00
CA ILE A 42 -5.67 -4.54 -1.44
C ILE A 42 -4.91 -5.66 -2.14
N GLY A 43 -4.55 -6.70 -1.40
CA GLY A 43 -3.78 -7.78 -1.96
C GLY A 43 -4.49 -8.48 -3.10
N GLY A 44 -5.80 -8.59 -2.98
CA GLY A 44 -6.59 -9.23 -4.01
C GLY A 44 -7.07 -8.26 -5.07
N LEU A 45 -6.62 -7.01 -4.98
CA LEU A 45 -7.02 -6.00 -5.95
C LEU A 45 -5.98 -5.88 -7.04
N GLU A 46 -6.43 -5.55 -8.25
CA GLU A 46 -5.52 -5.34 -9.36
C GLU A 46 -4.86 -3.98 -9.20
N ILE A 47 -3.54 -3.96 -9.32
CA ILE A 47 -2.76 -2.77 -9.00
C ILE A 47 -3.14 -1.57 -9.86
N GLN A 48 -3.78 -1.84 -10.99
CA GLN A 48 -4.21 -0.78 -11.89
C GLN A 48 -5.49 -0.10 -11.39
N ASP A 49 -6.30 -0.85 -10.65
CA ASP A 49 -7.63 -0.37 -10.28
C ASP A 49 -7.72 -0.05 -8.79
N ILE A 50 -6.58 -0.05 -8.10
CA ILE A 50 -6.57 0.30 -6.69
C ILE A 50 -6.93 1.77 -6.51
N GLU A 51 -7.93 2.02 -5.68
CA GLU A 51 -8.41 3.38 -5.45
C GLU A 51 -7.63 4.06 -4.34
N PRO A 52 -7.59 5.40 -4.35
CA PRO A 52 -6.85 6.19 -3.36
C PRO A 52 -7.24 5.89 -1.91
N MET A 53 -8.54 5.76 -1.66
CA MET A 53 -9.03 5.56 -0.30
C MET A 53 -8.86 4.11 0.15
N GLN A 54 -8.60 3.21 -0.79
CA GLN A 54 -8.34 1.82 -0.46
C GLN A 54 -6.87 1.64 -0.11
N LEU A 55 -6.02 2.35 -0.83
CA LEU A 55 -4.61 2.38 -0.48
C LEU A 55 -4.45 3.15 0.83
N LEU A 56 -5.31 4.16 1.02
CA LEU A 56 -5.36 4.88 2.27
C LEU A 56 -5.88 3.99 3.39
N GLU A 57 -6.71 3.01 3.02
CA GLU A 57 -7.23 2.04 3.98
C GLU A 57 -6.09 1.23 4.55
N VAL A 58 -5.11 0.92 3.69
CA VAL A 58 -3.89 0.26 4.11
C VAL A 58 -3.15 1.12 5.14
N ILE A 59 -2.95 2.38 4.83
CA ILE A 59 -2.24 3.28 5.73
C ILE A 59 -3.09 3.55 6.98
N ARG A 60 -4.39 3.67 6.79
CA ARG A 60 -5.34 3.79 7.90
C ARG A 60 -5.22 2.61 8.84
N ARG A 61 -4.97 1.44 8.26
CA ARG A 61 -4.74 0.23 9.03
C ARG A 61 -3.53 0.41 9.95
N PHE A 62 -2.44 0.92 9.40
CA PHE A 62 -1.24 1.16 10.20
C PHE A 62 -1.43 2.30 11.19
N GLU A 63 -2.24 3.29 10.83
CA GLU A 63 -2.57 4.37 11.75
C GLU A 63 -3.37 3.84 12.92
N ASP A 64 -4.37 3.00 12.61
CA ASP A 64 -5.21 2.38 13.61
C ASP A 64 -4.40 1.42 14.48
N ARG A 65 -3.32 0.91 13.91
CA ARG A 65 -2.37 0.08 14.65
C ARG A 65 -1.69 0.88 15.76
N GLY A 66 -1.41 2.14 15.47
CA GLY A 66 -0.56 2.93 16.34
C GLY A 66 0.86 2.95 15.82
N ALA A 67 1.06 2.25 14.71
CA ALA A 67 2.35 2.19 14.05
C ALA A 67 2.45 3.31 13.03
N MET A 68 2.60 4.53 13.51
CA MET A 68 2.58 5.71 12.67
C MET A 68 3.82 5.77 11.79
N GLU A 69 4.95 5.38 12.36
CA GLU A 69 6.22 5.40 11.65
C GLU A 69 6.21 4.37 10.52
N ARG A 70 5.62 3.21 10.78
CA ARG A 70 5.49 2.18 9.77
C ARG A 70 4.34 2.50 8.82
N ALA A 71 3.45 3.38 9.24
CA ALA A 71 2.37 3.85 8.36
C ALA A 71 2.93 4.68 7.23
N ASN A 72 3.84 5.59 7.58
CA ASN A 72 4.54 6.40 6.59
C ASN A 72 5.41 5.50 5.71
N LYS A 73 5.99 4.47 6.32
CA LYS A 73 6.81 3.52 5.59
C LYS A 73 5.97 2.70 4.62
N ALA A 74 4.77 2.30 5.06
CA ALA A 74 3.83 1.58 4.20
C ALA A 74 3.58 2.37 2.92
N ARG A 75 3.40 3.68 3.07
CA ARG A 75 3.16 4.56 1.94
C ARG A 75 4.30 4.48 0.93
N ARG A 76 5.53 4.65 1.42
CA ARG A 76 6.71 4.66 0.57
C ARG A 76 6.92 3.31 -0.11
N ARG A 77 6.79 2.23 0.66
CA ARG A 77 7.01 0.89 0.13
C ARG A 77 5.96 0.53 -0.93
N CYS A 78 4.70 0.88 -0.66
CA CYS A 78 3.63 0.61 -1.61
C CYS A 78 3.86 1.37 -2.91
N GLY A 79 4.22 2.65 -2.79
CA GLY A 79 4.52 3.44 -3.96
C GLY A 79 5.63 2.84 -4.80
N GLU A 80 6.59 2.21 -4.11
CA GLU A 80 7.69 1.53 -4.80
C GLU A 80 7.17 0.33 -5.56
N VAL A 81 6.23 -0.39 -4.97
CA VAL A 81 5.59 -1.53 -5.62
C VAL A 81 4.83 -1.09 -6.86
N PHE A 82 4.08 0.00 -6.74
CA PHE A 82 3.35 0.57 -7.87
C PHE A 82 4.31 0.94 -8.99
N ARG A 83 5.39 1.63 -8.64
CA ARG A 83 6.38 2.04 -9.62
C ARG A 83 7.12 0.84 -10.19
N TYR A 84 7.32 -0.18 -9.35
CA TYR A 84 7.93 -1.43 -9.78
C TYR A 84 7.10 -2.05 -10.90
N ALA A 85 5.78 -1.99 -10.71
CA ALA A 85 4.84 -2.49 -11.70
C ALA A 85 4.85 -1.63 -12.96
N ILE A 86 5.12 -0.34 -12.80
CA ILE A 86 5.24 0.56 -13.94
C ILE A 86 6.44 0.15 -14.80
N VAL A 87 7.56 -0.09 -14.14
CA VAL A 87 8.79 -0.50 -14.83
C VAL A 87 8.62 -1.87 -15.47
N THR A 88 7.87 -2.74 -14.82
CA THR A 88 7.65 -4.10 -15.32
C THR A 88 6.52 -4.14 -16.35
N GLY A 89 5.96 -2.97 -16.67
CA GLY A 89 4.94 -2.89 -17.70
C GLY A 89 3.63 -3.51 -17.26
N ARG A 90 3.25 -3.26 -16.01
CA ARG A 90 2.02 -3.79 -15.46
C ARG A 90 1.13 -2.68 -14.92
N ALA A 91 1.74 -1.59 -14.47
CA ALA A 91 0.98 -0.47 -13.94
C ALA A 91 1.22 0.78 -14.76
N LYS A 92 0.15 1.51 -15.03
CA LYS A 92 0.24 2.75 -15.79
C LYS A 92 0.10 3.96 -14.87
N TYR A 93 -0.75 3.84 -13.87
CA TYR A 93 -1.04 4.95 -12.97
C TYR A 93 -1.14 4.46 -11.53
N ASN A 94 -0.56 5.22 -10.61
CA ASN A 94 -0.66 4.93 -9.19
C ASN A 94 -1.46 6.03 -8.51
N PRO A 95 -2.36 5.68 -7.58
CA PRO A 95 -3.17 6.65 -6.86
C PRO A 95 -2.43 7.27 -5.68
N ALA A 96 -1.11 7.35 -5.79
CA ALA A 96 -0.27 7.87 -4.70
C ALA A 96 -0.52 9.36 -4.44
N PRO A 97 -0.61 10.23 -5.48
CA PRO A 97 -0.95 11.64 -5.30
C PRO A 97 -2.22 11.83 -4.48
N ASP A 98 -3.26 11.06 -4.80
CA ASP A 98 -4.52 11.16 -4.06
C ASP A 98 -4.45 10.38 -2.75
N LEU A 99 -3.53 9.42 -2.67
CA LEU A 99 -3.27 8.70 -1.43
C LEU A 99 -2.85 9.70 -0.35
N ALA A 100 -1.89 10.53 -0.68
CA ALA A 100 -1.39 11.54 0.23
C ALA A 100 -2.45 12.61 0.47
N ASP A 101 -3.22 12.91 -0.58
CA ASP A 101 -4.26 13.94 -0.50
C ASP A 101 -5.41 13.49 0.39
N ALA A 102 -5.79 12.23 0.25
CA ALA A 102 -6.86 11.66 1.06
C ALA A 102 -6.43 11.59 2.52
N MET A 103 -5.23 11.06 2.75
CA MET A 103 -4.61 11.09 4.08
C MET A 103 -4.62 12.50 4.67
N LYS A 104 -4.23 13.46 3.85
CA LYS A 104 -4.19 14.87 4.25
C LYS A 104 -5.59 15.37 4.63
N GLY A 105 -6.60 14.85 3.95
CA GLY A 105 -7.97 15.25 4.24
C GLY A 105 -8.74 14.16 4.94
N TYR A 106 -8.05 13.35 5.73
CA TYR A 106 -8.66 12.27 6.46
C TYR A 106 -8.94 12.70 7.90
N ARG A 107 -8.38 13.84 8.28
CA ARG A 107 -8.49 14.34 9.64
C ARG A 107 -8.90 15.81 9.58
N LYS A 108 -10.03 16.05 8.91
CA LYS A 108 -10.52 17.40 8.66
C LYS A 108 -10.96 18.10 9.94
N LYS A 109 -11.59 17.35 10.82
CA LYS A 109 -12.22 17.94 11.99
C LYS A 109 -11.22 18.18 13.11
N ASN A 110 -10.99 19.45 13.40
CA ASN A 110 -10.10 19.85 14.47
C ASN A 110 -10.92 20.21 15.71
N LEU A 111 -10.36 19.95 16.88
CA LEU A 111 -11.09 20.15 18.13
C LEU A 111 -11.11 21.62 18.55
N GLU A 112 -9.93 22.20 18.73
CA GLU A 112 -9.82 23.57 19.22
C GLU A 112 -9.74 24.55 18.06
N HIS A 113 -10.47 25.65 18.18
CA HIS A 113 -10.49 26.68 17.14
C HIS A 113 -10.26 28.05 17.78
N HIS A 114 -9.89 29.02 16.97
CA HIS A 114 -9.54 30.35 17.48
C HIS A 114 -10.78 31.12 17.95
N HIS A 115 -11.90 30.87 17.31
CA HIS A 115 -13.15 31.50 17.73
C HIS A 115 -13.81 30.70 18.83
N HIS A 116 -13.60 31.13 20.07
CA HIS A 116 -14.18 30.46 21.22
C HIS A 116 -15.54 31.05 21.53
N HIS A 117 -16.48 30.79 20.63
CA HIS A 117 -17.83 31.33 20.76
C HIS A 117 -18.67 30.49 21.72
N HIS A 118 -19.75 31.07 22.22
CA HIS A 118 -20.62 30.38 23.15
C HIS A 118 -21.96 30.08 22.48
N SER A 1 -2.03 -16.79 -13.68
CA SER A 1 -3.26 -16.97 -12.88
C SER A 1 -4.36 -16.05 -13.38
N SER A 2 -5.53 -16.11 -12.75
CA SER A 2 -6.56 -15.14 -13.00
C SER A 2 -6.22 -13.86 -12.24
N ASN A 3 -6.25 -12.72 -12.94
CA ASN A 3 -5.75 -11.45 -12.41
C ASN A 3 -4.24 -11.54 -12.20
N ASN A 4 -3.49 -11.29 -13.25
CA ASN A 4 -2.04 -11.40 -13.21
C ASN A 4 -1.41 -10.14 -12.64
N ASN A 5 -2.16 -9.05 -12.68
CA ASN A 5 -1.67 -7.77 -12.18
C ASN A 5 -2.15 -7.55 -10.74
N SER A 6 -2.43 -8.64 -10.05
CA SER A 6 -2.80 -8.58 -8.64
C SER A 6 -1.64 -8.00 -7.83
N PHE A 7 -1.97 -7.17 -6.84
CA PHE A 7 -0.96 -6.49 -6.05
C PHE A 7 -0.03 -7.50 -5.38
N SER A 8 -0.60 -8.55 -4.82
CA SER A 8 0.17 -9.60 -4.15
C SER A 8 1.19 -10.22 -5.11
N ALA A 9 0.80 -10.42 -6.36
CA ALA A 9 1.66 -11.07 -7.35
C ALA A 9 2.88 -10.21 -7.66
N ILE A 10 2.63 -8.95 -7.98
CA ILE A 10 3.70 -8.01 -8.31
C ILE A 10 4.58 -7.75 -7.08
N TYR A 11 3.95 -7.72 -5.92
CA TYR A 11 4.68 -7.56 -4.67
C TYR A 11 5.66 -8.71 -4.47
N LYS A 12 5.21 -9.92 -4.74
CA LYS A 12 6.04 -11.10 -4.52
C LYS A 12 7.27 -11.09 -5.44
N GLU A 13 7.10 -10.57 -6.65
CA GLU A 13 8.22 -10.42 -7.57
C GLU A 13 9.22 -9.40 -7.03
N TRP A 14 8.71 -8.24 -6.67
CA TRP A 14 9.51 -7.16 -6.11
C TRP A 14 10.18 -7.60 -4.80
N TYR A 15 9.40 -8.24 -3.93
CA TYR A 15 9.89 -8.72 -2.65
C TYR A 15 11.06 -9.67 -2.81
N GLU A 16 10.84 -10.74 -3.59
CA GLU A 16 11.85 -11.78 -3.71
C GLU A 16 13.12 -11.24 -4.37
N HIS A 17 12.97 -10.17 -5.13
CA HIS A 17 14.11 -9.49 -5.74
C HIS A 17 14.94 -8.78 -4.66
N LYS A 18 14.31 -7.88 -3.93
CA LYS A 18 15.01 -7.09 -2.92
C LYS A 18 15.25 -7.90 -1.65
N LYS A 19 14.72 -9.11 -1.61
CA LYS A 19 14.96 -10.03 -0.50
C LYS A 19 16.44 -10.39 -0.44
N GLN A 20 17.13 -10.23 -1.56
CA GLN A 20 18.55 -10.51 -1.64
C GLN A 20 19.36 -9.27 -1.20
N VAL A 21 18.68 -8.13 -1.15
CA VAL A 21 19.33 -6.88 -0.78
C VAL A 21 19.29 -6.68 0.73
N TRP A 22 18.10 -6.78 1.29
CA TRP A 22 17.91 -6.61 2.73
C TRP A 22 18.32 -7.89 3.45
N SER A 23 18.38 -7.83 4.77
CA SER A 23 18.67 -9.01 5.57
C SER A 23 17.45 -9.93 5.59
N VAL A 24 17.69 -11.22 5.68
CA VAL A 24 16.61 -12.21 5.65
C VAL A 24 15.61 -11.97 6.78
N GLY A 25 16.11 -11.55 7.94
CA GLY A 25 15.24 -11.28 9.07
C GLY A 25 14.35 -10.08 8.81
N TYR A 26 14.93 -9.04 8.24
CA TYR A 26 14.18 -7.83 7.93
C TYR A 26 13.21 -8.10 6.78
N ALA A 27 13.68 -8.84 5.77
CA ALA A 27 12.88 -9.16 4.61
C ALA A 27 11.64 -9.98 4.99
N THR A 28 11.85 -10.95 5.87
CA THR A 28 10.76 -11.79 6.35
C THR A 28 9.72 -10.95 7.10
N GLU A 29 10.19 -10.05 7.95
CA GLU A 29 9.30 -9.19 8.71
C GLU A 29 8.58 -8.21 7.80
N LEU A 30 9.34 -7.58 6.90
CA LEU A 30 8.78 -6.62 5.96
C LEU A 30 7.66 -7.26 5.13
N ALA A 31 7.92 -8.44 4.60
CA ALA A 31 6.93 -9.16 3.81
C ALA A 31 5.74 -9.55 4.67
N LYS A 32 6.02 -9.94 5.92
CA LYS A 32 4.95 -10.30 6.85
C LYS A 32 4.05 -9.11 7.12
N MET A 33 4.64 -7.94 7.35
CA MET A 33 3.85 -6.73 7.59
C MET A 33 2.92 -6.47 6.43
N PHE A 34 3.43 -6.68 5.22
CA PHE A 34 2.67 -6.42 4.01
C PHE A 34 1.57 -7.45 3.86
N ASP A 35 1.92 -8.71 4.06
CA ASP A 35 0.95 -9.79 4.02
C ASP A 35 -0.14 -9.56 5.06
N ASP A 36 0.30 -9.45 6.32
CA ASP A 36 -0.57 -9.41 7.48
C ASP A 36 -1.67 -8.36 7.39
N ASP A 37 -1.31 -7.15 6.98
CA ASP A 37 -2.26 -6.03 7.02
C ASP A 37 -2.70 -5.59 5.63
N ILE A 38 -1.73 -5.49 4.71
CA ILE A 38 -2.01 -4.96 3.38
C ILE A 38 -2.87 -5.92 2.57
N LEU A 39 -2.61 -7.22 2.69
CA LEU A 39 -3.28 -8.19 1.83
C LEU A 39 -4.80 -8.23 2.06
N PRO A 40 -5.28 -8.29 3.32
CA PRO A 40 -6.72 -8.23 3.61
C PRO A 40 -7.38 -6.99 3.00
N ILE A 41 -6.61 -5.93 2.82
CA ILE A 41 -7.14 -4.67 2.33
C ILE A 41 -7.12 -4.61 0.80
N ILE A 42 -5.93 -4.64 0.21
CA ILE A 42 -5.81 -4.48 -1.24
C ILE A 42 -4.96 -5.57 -1.89
N GLY A 43 -4.61 -6.60 -1.12
CA GLY A 43 -3.75 -7.64 -1.63
C GLY A 43 -4.36 -8.38 -2.80
N GLY A 44 -5.66 -8.61 -2.73
CA GLY A 44 -6.34 -9.33 -3.79
C GLY A 44 -6.85 -8.41 -4.88
N LEU A 45 -6.46 -7.14 -4.82
CA LEU A 45 -6.87 -6.18 -5.82
C LEU A 45 -5.80 -6.07 -6.90
N GLU A 46 -6.20 -5.63 -8.08
CA GLU A 46 -5.25 -5.41 -9.16
C GLU A 46 -4.57 -4.07 -8.96
N ILE A 47 -3.27 -4.02 -9.24
CA ILE A 47 -2.49 -2.81 -9.03
C ILE A 47 -2.95 -1.69 -9.97
N GLN A 48 -3.75 -2.06 -10.97
CA GLN A 48 -4.26 -1.10 -11.93
C GLN A 48 -5.58 -0.50 -11.45
N ASP A 49 -6.19 -1.12 -10.45
CA ASP A 49 -7.51 -0.71 -10.00
C ASP A 49 -7.59 -0.77 -8.48
N ILE A 50 -7.10 0.28 -7.84
CA ILE A 50 -7.17 0.41 -6.39
C ILE A 50 -7.65 1.80 -6.01
N GLU A 51 -8.63 1.85 -5.12
CA GLU A 51 -9.17 3.13 -4.67
C GLU A 51 -8.22 3.80 -3.68
N PRO A 52 -8.03 5.12 -3.79
CA PRO A 52 -7.18 5.88 -2.87
C PRO A 52 -7.59 5.68 -1.41
N MET A 53 -8.89 5.58 -1.16
CA MET A 53 -9.39 5.37 0.20
C MET A 53 -9.00 3.99 0.73
N GLN A 54 -8.88 3.02 -0.18
CA GLN A 54 -8.46 1.67 0.21
C GLN A 54 -6.98 1.64 0.52
N LEU A 55 -6.22 2.41 -0.24
CA LEU A 55 -4.80 2.54 0.02
C LEU A 55 -4.59 3.26 1.35
N LEU A 56 -5.48 4.23 1.62
CA LEU A 56 -5.48 4.95 2.88
C LEU A 56 -5.93 4.03 4.00
N GLU A 57 -6.86 3.11 3.70
CA GLU A 57 -7.32 2.14 4.68
C GLU A 57 -6.17 1.27 5.15
N VAL A 58 -5.22 1.01 4.26
CA VAL A 58 -4.01 0.28 4.59
C VAL A 58 -3.16 1.08 5.60
N ILE A 59 -2.86 2.32 5.22
CA ILE A 59 -2.12 3.23 6.10
C ILE A 59 -2.86 3.42 7.42
N ARG A 60 -4.17 3.55 7.31
CA ARG A 60 -5.04 3.75 8.46
C ARG A 60 -5.05 2.52 9.34
N ARG A 61 -4.87 1.35 8.71
CA ARG A 61 -4.76 0.10 9.44
C ARG A 61 -3.57 0.17 10.40
N PHE A 62 -2.47 0.72 9.92
CA PHE A 62 -1.29 0.89 10.77
C PHE A 62 -1.49 2.03 11.77
N GLU A 63 -2.32 3.00 11.42
CA GLU A 63 -2.65 4.07 12.35
C GLU A 63 -3.53 3.56 13.49
N ASP A 64 -4.40 2.61 13.17
CA ASP A 64 -5.21 1.93 14.19
C ASP A 64 -4.29 1.19 15.15
N ARG A 65 -3.26 0.56 14.58
CA ARG A 65 -2.22 -0.09 15.37
C ARG A 65 -1.44 0.95 16.18
N GLY A 66 -1.38 2.16 15.66
CA GLY A 66 -0.69 3.23 16.36
C GLY A 66 0.78 3.30 16.01
N ALA A 67 1.11 2.85 14.80
CA ALA A 67 2.48 2.84 14.34
C ALA A 67 2.68 3.85 13.22
N MET A 68 3.11 5.05 13.57
CA MET A 68 3.29 6.14 12.61
C MET A 68 4.37 5.81 11.60
N GLU A 69 5.53 5.41 12.10
CA GLU A 69 6.67 5.04 11.26
C GLU A 69 6.27 3.96 10.26
N ARG A 70 5.62 2.93 10.77
CA ARG A 70 5.29 1.76 9.98
C ARG A 70 4.15 2.05 9.00
N ALA A 71 3.37 3.08 9.28
CA ALA A 71 2.30 3.50 8.38
C ALA A 71 2.88 4.10 7.12
N ASN A 72 3.86 4.97 7.28
CA ASN A 72 4.53 5.57 6.13
C ASN A 72 5.36 4.54 5.38
N LYS A 73 5.89 3.57 6.11
CA LYS A 73 6.66 2.50 5.50
C LYS A 73 5.77 1.62 4.63
N ALA A 74 4.53 1.43 5.06
CA ALA A 74 3.53 0.78 4.23
C ALA A 74 3.35 1.56 2.92
N ARG A 75 3.09 2.85 3.06
CA ARG A 75 2.89 3.74 1.93
C ARG A 75 4.06 3.69 0.94
N ARG A 76 5.27 3.82 1.46
CA ARG A 76 6.46 3.87 0.61
C ARG A 76 6.65 2.55 -0.14
N ARG A 77 6.32 1.44 0.51
CA ARG A 77 6.43 0.14 -0.12
C ARG A 77 5.40 -0.02 -1.22
N CYS A 78 4.13 0.27 -0.89
CA CYS A 78 3.07 0.20 -1.88
C CYS A 78 3.37 1.09 -3.08
N GLY A 79 3.82 2.32 -2.79
CA GLY A 79 4.18 3.24 -3.83
C GLY A 79 5.30 2.73 -4.72
N GLU A 80 6.23 1.99 -4.12
CA GLU A 80 7.35 1.44 -4.88
C GLU A 80 6.88 0.25 -5.72
N VAL A 81 5.91 -0.50 -5.21
CA VAL A 81 5.31 -1.58 -5.97
C VAL A 81 4.58 -1.01 -7.19
N PHE A 82 3.87 0.09 -6.99
CA PHE A 82 3.25 0.81 -8.09
C PHE A 82 4.31 1.27 -9.09
N ARG A 83 5.41 1.82 -8.57
CA ARG A 83 6.54 2.25 -9.39
C ARG A 83 7.11 1.07 -10.17
N TYR A 84 7.26 -0.06 -9.49
CA TYR A 84 7.75 -1.29 -10.10
C TYR A 84 6.85 -1.71 -11.24
N ALA A 85 5.55 -1.54 -11.05
CA ALA A 85 4.57 -1.87 -12.09
C ALA A 85 4.68 -0.92 -13.26
N ILE A 86 4.98 0.35 -13.00
CA ILE A 86 5.19 1.31 -14.07
C ILE A 86 6.41 0.90 -14.91
N VAL A 87 7.46 0.47 -14.23
CA VAL A 87 8.68 0.01 -14.91
C VAL A 87 8.42 -1.26 -15.70
N THR A 88 7.59 -2.14 -15.14
CA THR A 88 7.29 -3.41 -15.77
C THR A 88 6.17 -3.29 -16.81
N GLY A 89 5.64 -2.07 -16.96
CA GLY A 89 4.59 -1.83 -17.93
C GLY A 89 3.26 -2.41 -17.50
N ARG A 90 3.14 -2.71 -16.23
CA ARG A 90 1.92 -3.29 -15.67
C ARG A 90 1.00 -2.20 -15.15
N ALA A 91 1.51 -0.99 -15.08
CA ALA A 91 0.72 0.16 -14.64
C ALA A 91 1.14 1.41 -15.39
N LYS A 92 0.26 2.40 -15.40
CA LYS A 92 0.55 3.66 -16.09
C LYS A 92 0.61 4.80 -15.09
N TYR A 93 -0.31 4.76 -14.12
CA TYR A 93 -0.36 5.80 -13.10
C TYR A 93 -0.51 5.17 -11.73
N ASN A 94 0.20 5.72 -10.76
CA ASN A 94 0.11 5.24 -9.39
C ASN A 94 -0.60 6.27 -8.51
N PRO A 95 -1.62 5.85 -7.76
CA PRO A 95 -2.39 6.73 -6.87
C PRO A 95 -1.63 7.09 -5.60
N ALA A 96 -0.33 7.34 -5.74
CA ALA A 96 0.50 7.72 -4.61
C ALA A 96 0.13 9.12 -4.08
N PRO A 97 -0.03 10.13 -4.96
CA PRO A 97 -0.52 11.46 -4.54
C PRO A 97 -1.95 11.38 -4.01
N ASP A 98 -2.73 10.49 -4.62
CA ASP A 98 -4.12 10.26 -4.22
C ASP A 98 -4.16 9.78 -2.77
N LEU A 99 -3.23 8.90 -2.43
CA LEU A 99 -3.09 8.39 -1.07
C LEU A 99 -2.86 9.56 -0.11
N ALA A 100 -1.99 10.46 -0.50
CA ALA A 100 -1.66 11.62 0.32
C ALA A 100 -2.88 12.51 0.52
N ASP A 101 -3.58 12.80 -0.58
CA ASP A 101 -4.75 13.66 -0.54
C ASP A 101 -5.88 13.02 0.25
N ALA A 102 -6.04 11.71 0.09
CA ALA A 102 -7.06 10.96 0.81
C ALA A 102 -6.80 11.01 2.31
N MET A 103 -5.52 10.85 2.68
CA MET A 103 -5.10 10.97 4.08
C MET A 103 -5.50 12.33 4.63
N LYS A 104 -5.27 13.38 3.84
CA LYS A 104 -5.63 14.73 4.23
C LYS A 104 -7.14 14.89 4.36
N GLY A 105 -7.85 14.32 3.39
CA GLY A 105 -9.30 14.38 3.37
C GLY A 105 -9.93 13.64 4.54
N TYR A 106 -9.26 12.59 4.99
CA TYR A 106 -9.74 11.83 6.14
C TYR A 106 -9.44 12.58 7.43
N ARG A 107 -8.30 13.28 7.42
CA ARG A 107 -7.91 14.12 8.55
C ARG A 107 -8.92 15.24 8.78
N LYS A 108 -9.28 15.92 7.69
CA LYS A 108 -10.23 17.01 7.75
C LYS A 108 -11.29 16.80 6.69
N LYS A 109 -12.30 16.04 7.05
CA LYS A 109 -13.41 15.74 6.16
C LYS A 109 -14.28 16.97 5.94
N ASN A 110 -14.56 17.26 4.68
CA ASN A 110 -15.45 18.35 4.32
C ASN A 110 -16.71 17.79 3.68
N LEU A 111 -17.79 17.80 4.45
CA LEU A 111 -19.03 17.19 4.02
C LEU A 111 -19.68 18.00 2.90
N GLU A 112 -19.99 17.31 1.80
CA GLU A 112 -20.67 17.91 0.67
C GLU A 112 -22.01 18.52 1.09
N HIS A 113 -22.74 17.79 1.92
CA HIS A 113 -24.00 18.28 2.46
C HIS A 113 -23.76 19.16 3.68
N HIS A 114 -23.40 20.42 3.44
CA HIS A 114 -23.21 21.37 4.52
C HIS A 114 -24.54 21.70 5.19
N HIS A 115 -24.57 21.63 6.51
CA HIS A 115 -25.82 21.78 7.24
C HIS A 115 -26.23 23.24 7.37
N HIS A 116 -25.27 24.15 7.22
CA HIS A 116 -25.51 25.59 7.36
C HIS A 116 -25.80 25.95 8.81
N HIS A 117 -26.99 25.59 9.26
CA HIS A 117 -27.40 25.81 10.64
C HIS A 117 -27.87 24.48 11.23
N HIS A 118 -28.62 24.55 12.33
CA HIS A 118 -29.15 23.35 12.95
C HIS A 118 -30.67 23.42 13.01
N SER A 1 5.87 -10.11 -18.03
CA SER A 1 4.97 -9.61 -16.97
C SER A 1 3.96 -10.67 -16.59
N SER A 2 3.45 -10.59 -15.36
CA SER A 2 2.44 -11.51 -14.90
C SER A 2 1.09 -11.20 -15.54
N ASN A 3 0.32 -12.24 -15.81
CA ASN A 3 -1.03 -12.08 -16.37
C ASN A 3 -2.00 -11.86 -15.22
N ASN A 4 -1.48 -11.94 -14.02
CA ASN A 4 -2.23 -11.62 -12.82
C ASN A 4 -1.60 -10.37 -12.19
N ASN A 5 -2.30 -9.25 -12.30
CA ASN A 5 -1.75 -7.97 -11.86
C ASN A 5 -2.25 -7.59 -10.48
N SER A 6 -2.61 -8.59 -9.68
CA SER A 6 -3.01 -8.35 -8.30
C SER A 6 -1.82 -7.87 -7.47
N PHE A 7 -2.09 -7.09 -6.44
CA PHE A 7 -1.06 -6.51 -5.60
C PHE A 7 -0.16 -7.59 -5.01
N SER A 8 -0.77 -8.66 -4.52
CA SER A 8 -0.02 -9.74 -3.87
C SER A 8 0.98 -10.39 -4.83
N ALA A 9 0.57 -10.57 -6.07
CA ALA A 9 1.41 -11.19 -7.09
C ALA A 9 2.67 -10.37 -7.32
N ILE A 10 2.48 -9.08 -7.54
CA ILE A 10 3.58 -8.16 -7.76
C ILE A 10 4.39 -7.97 -6.49
N TYR A 11 3.69 -7.94 -5.36
CA TYR A 11 4.32 -7.86 -4.05
C TYR A 11 5.32 -8.99 -3.85
N LYS A 12 4.95 -10.21 -4.21
CA LYS A 12 5.87 -11.34 -4.05
C LYS A 12 7.07 -11.21 -4.98
N GLU A 13 6.84 -10.75 -6.21
CA GLU A 13 7.93 -10.57 -7.16
C GLU A 13 8.91 -9.51 -6.64
N TRP A 14 8.35 -8.37 -6.20
CA TRP A 14 9.14 -7.30 -5.62
C TRP A 14 9.85 -7.78 -4.36
N TYR A 15 9.10 -8.43 -3.46
CA TYR A 15 9.63 -8.93 -2.21
C TYR A 15 10.80 -9.89 -2.42
N GLU A 16 10.58 -10.90 -3.24
CA GLU A 16 11.58 -11.93 -3.46
C GLU A 16 12.86 -11.34 -4.06
N HIS A 17 12.70 -10.30 -4.86
CA HIS A 17 13.84 -9.62 -5.46
C HIS A 17 14.51 -8.70 -4.44
N LYS A 18 13.70 -7.99 -3.66
CA LYS A 18 14.21 -7.03 -2.70
C LYS A 18 14.77 -7.75 -1.48
N LYS A 19 14.35 -9.00 -1.31
CA LYS A 19 14.85 -9.86 -0.23
C LYS A 19 16.34 -10.12 -0.38
N GLN A 20 16.85 -9.90 -1.58
CA GLN A 20 18.27 -10.05 -1.85
C GLN A 20 19.05 -8.89 -1.25
N VAL A 21 18.34 -7.81 -0.91
CA VAL A 21 18.96 -6.60 -0.42
C VAL A 21 18.96 -6.56 1.10
N TRP A 22 17.83 -6.95 1.69
CA TRP A 22 17.68 -6.89 3.14
C TRP A 22 18.14 -8.19 3.79
N SER A 23 18.23 -8.18 5.11
CA SER A 23 18.54 -9.38 5.86
C SER A 23 17.33 -10.30 5.86
N VAL A 24 17.56 -11.61 5.76
CA VAL A 24 16.47 -12.58 5.65
C VAL A 24 15.43 -12.42 6.77
N GLY A 25 15.89 -12.12 7.98
CA GLY A 25 14.99 -11.93 9.08
C GLY A 25 14.12 -10.69 8.91
N TYR A 26 14.76 -9.58 8.56
CA TYR A 26 14.05 -8.33 8.36
C TYR A 26 13.10 -8.45 7.17
N ALA A 27 13.56 -9.15 6.13
CA ALA A 27 12.77 -9.37 4.94
C ALA A 27 11.53 -10.19 5.28
N THR A 28 11.69 -11.20 6.13
CA THR A 28 10.58 -12.03 6.56
C THR A 28 9.55 -11.19 7.33
N GLU A 29 10.04 -10.39 8.27
CA GLU A 29 9.16 -9.56 9.09
C GLU A 29 8.46 -8.49 8.25
N LEU A 30 9.20 -7.89 7.32
CA LEU A 30 8.64 -6.85 6.46
C LEU A 30 7.55 -7.45 5.56
N ALA A 31 7.80 -8.65 5.04
CA ALA A 31 6.82 -9.33 4.22
C ALA A 31 5.59 -9.69 5.03
N LYS A 32 5.80 -10.29 6.20
CA LYS A 32 4.71 -10.66 7.09
C LYS A 32 3.86 -9.44 7.43
N MET A 33 4.52 -8.30 7.56
CA MET A 33 3.84 -7.03 7.82
C MET A 33 2.91 -6.66 6.67
N PHE A 34 3.46 -6.65 5.45
CA PHE A 34 2.67 -6.33 4.27
C PHE A 34 1.57 -7.36 4.06
N ASP A 35 1.89 -8.61 4.33
CA ASP A 35 0.93 -9.69 4.21
C ASP A 35 -0.24 -9.50 5.17
N ASP A 36 0.07 -9.45 6.46
CA ASP A 36 -0.93 -9.51 7.52
C ASP A 36 -1.85 -8.29 7.54
N ASP A 37 -1.31 -7.13 7.18
CA ASP A 37 -2.10 -5.89 7.22
C ASP A 37 -2.62 -5.50 5.84
N ILE A 38 -1.73 -5.45 4.87
CA ILE A 38 -2.04 -4.87 3.57
C ILE A 38 -2.80 -5.84 2.67
N LEU A 39 -2.50 -7.14 2.76
CA LEU A 39 -3.13 -8.11 1.87
C LEU A 39 -4.64 -8.28 2.14
N PRO A 40 -5.10 -8.32 3.42
CA PRO A 40 -6.55 -8.34 3.72
C PRO A 40 -7.27 -7.09 3.24
N ILE A 41 -6.52 -6.06 2.90
CA ILE A 41 -7.09 -4.80 2.43
C ILE A 41 -7.12 -4.73 0.90
N ILE A 42 -5.94 -4.88 0.28
CA ILE A 42 -5.84 -4.72 -1.18
C ILE A 42 -5.06 -5.87 -1.84
N GLY A 43 -4.83 -6.94 -1.10
CA GLY A 43 -3.99 -8.02 -1.59
C GLY A 43 -4.44 -8.58 -2.92
N GLY A 44 -5.72 -8.90 -3.03
CA GLY A 44 -6.24 -9.48 -4.25
C GLY A 44 -6.77 -8.46 -5.22
N LEU A 45 -6.37 -7.20 -5.07
CA LEU A 45 -6.82 -6.15 -5.98
C LEU A 45 -5.74 -5.84 -7.00
N GLU A 46 -6.18 -5.58 -8.24
CA GLU A 46 -5.27 -5.14 -9.29
C GLU A 46 -4.54 -3.89 -8.86
N ILE A 47 -3.23 -3.89 -8.98
CA ILE A 47 -2.39 -2.82 -8.48
C ILE A 47 -2.80 -1.45 -9.05
N GLN A 48 -3.28 -1.42 -10.29
CA GLN A 48 -3.67 -0.17 -10.92
C GLN A 48 -5.15 0.14 -10.62
N ASP A 49 -5.87 -0.85 -10.13
CA ASP A 49 -7.31 -0.70 -9.92
C ASP A 49 -7.63 -0.49 -8.45
N ILE A 50 -6.57 -0.37 -7.65
CA ILE A 50 -6.71 -0.12 -6.22
C ILE A 50 -7.15 1.32 -5.97
N GLU A 51 -8.11 1.48 -5.07
CA GLU A 51 -8.62 2.81 -4.76
C GLU A 51 -7.64 3.56 -3.86
N PRO A 52 -7.54 4.89 -4.03
CA PRO A 52 -6.77 5.73 -3.12
C PRO A 52 -7.26 5.59 -1.68
N MET A 53 -8.57 5.42 -1.54
CA MET A 53 -9.19 5.22 -0.24
C MET A 53 -8.77 3.88 0.36
N GLN A 54 -8.55 2.90 -0.50
CA GLN A 54 -8.13 1.56 -0.06
C GLN A 54 -6.67 1.57 0.37
N LEU A 55 -5.85 2.29 -0.36
CA LEU A 55 -4.44 2.41 0.00
C LEU A 55 -4.31 3.23 1.28
N LEU A 56 -5.21 4.19 1.46
CA LEU A 56 -5.28 4.97 2.69
C LEU A 56 -5.78 4.06 3.82
N GLU A 57 -6.69 3.16 3.50
CA GLU A 57 -7.18 2.17 4.46
C GLU A 57 -6.02 1.30 4.93
N VAL A 58 -5.12 0.97 4.00
CA VAL A 58 -3.89 0.25 4.32
C VAL A 58 -3.03 1.04 5.30
N ILE A 59 -2.75 2.29 4.93
CA ILE A 59 -1.95 3.18 5.78
C ILE A 59 -2.62 3.34 7.14
N ARG A 60 -3.94 3.45 7.15
CA ARG A 60 -4.68 3.63 8.40
C ARG A 60 -4.80 2.32 9.17
N ARG A 61 -4.64 1.19 8.48
CA ARG A 61 -4.57 -0.10 9.13
C ARG A 61 -3.37 -0.13 10.07
N PHE A 62 -2.30 0.54 9.65
CA PHE A 62 -1.14 0.72 10.51
C PHE A 62 -1.33 1.90 11.48
N GLU A 63 -1.95 2.97 10.98
CA GLU A 63 -2.17 4.19 11.76
C GLU A 63 -2.92 3.92 13.06
N ASP A 64 -3.96 3.09 12.97
CA ASP A 64 -4.85 2.84 14.10
C ASP A 64 -4.09 2.25 15.29
N ARG A 65 -3.01 1.53 15.01
CA ARG A 65 -2.21 0.91 16.07
C ARG A 65 -1.08 1.83 16.51
N GLY A 66 -1.01 3.03 15.93
CA GLY A 66 0.01 3.99 16.29
C GLY A 66 1.32 3.72 15.61
N ALA A 67 1.31 2.81 14.64
CA ALA A 67 2.52 2.46 13.91
C ALA A 67 2.78 3.46 12.80
N MET A 68 3.19 4.66 13.19
CA MET A 68 3.46 5.74 12.23
C MET A 68 4.56 5.34 11.27
N GLU A 69 5.59 4.69 11.79
CA GLU A 69 6.72 4.26 10.97
C GLU A 69 6.24 3.34 9.85
N ARG A 70 5.46 2.34 10.22
CA ARG A 70 5.02 1.34 9.26
C ARG A 70 3.97 1.90 8.31
N ALA A 71 3.24 2.92 8.76
CA ALA A 71 2.29 3.60 7.90
C ALA A 71 3.03 4.36 6.80
N ASN A 72 4.13 5.01 7.17
CA ASN A 72 4.95 5.74 6.21
C ASN A 72 5.76 4.79 5.35
N LYS A 73 6.25 3.70 5.96
CA LYS A 73 6.96 2.66 5.22
C LYS A 73 6.05 2.04 4.18
N ALA A 74 4.81 1.76 4.56
CA ALA A 74 3.82 1.23 3.63
C ALA A 74 3.60 2.21 2.50
N ARG A 75 3.45 3.49 2.85
CA ARG A 75 3.28 4.55 1.86
C ARG A 75 4.44 4.57 0.86
N ARG A 76 5.67 4.58 1.38
CA ARG A 76 6.86 4.57 0.53
C ARG A 76 6.92 3.33 -0.34
N ARG A 77 6.70 2.18 0.28
CA ARG A 77 6.90 0.90 -0.40
C ARG A 77 5.79 0.60 -1.38
N CYS A 78 4.54 0.96 -1.06
CA CYS A 78 3.44 0.70 -1.98
C CYS A 78 3.62 1.52 -3.25
N GLY A 79 3.96 2.80 -3.10
CA GLY A 79 4.25 3.64 -4.25
C GLY A 79 5.37 3.06 -5.10
N GLU A 80 6.33 2.44 -4.42
CA GLU A 80 7.44 1.79 -5.10
C GLU A 80 6.95 0.57 -5.90
N VAL A 81 6.09 -0.25 -5.27
CA VAL A 81 5.51 -1.41 -5.94
C VAL A 81 4.65 -0.98 -7.13
N PHE A 82 3.84 0.06 -6.92
CA PHE A 82 3.01 0.62 -7.98
C PHE A 82 3.89 1.08 -9.14
N ARG A 83 4.94 1.81 -8.83
CA ARG A 83 5.87 2.30 -9.83
C ARG A 83 6.61 1.14 -10.49
N TYR A 84 6.92 0.11 -9.71
CA TYR A 84 7.59 -1.08 -10.19
C TYR A 84 6.76 -1.73 -11.29
N ALA A 85 5.45 -1.76 -11.09
CA ALA A 85 4.52 -2.32 -12.06
C ALA A 85 4.41 -1.42 -13.29
N ILE A 86 4.67 -0.12 -13.09
CA ILE A 86 4.68 0.83 -14.19
C ILE A 86 5.91 0.61 -15.07
N VAL A 87 7.05 0.36 -14.42
CA VAL A 87 8.31 0.12 -15.13
C VAL A 87 8.20 -1.12 -16.01
N THR A 88 7.55 -2.16 -15.50
CA THR A 88 7.37 -3.39 -16.25
C THR A 88 6.16 -3.30 -17.19
N GLY A 89 5.41 -2.20 -17.09
CA GLY A 89 4.38 -1.91 -18.07
C GLY A 89 3.03 -2.56 -17.77
N ARG A 90 2.82 -3.05 -16.56
CA ARG A 90 1.52 -3.63 -16.22
C ARG A 90 0.72 -2.70 -15.33
N ALA A 91 1.25 -1.50 -15.15
CA ALA A 91 0.53 -0.40 -14.52
C ALA A 91 0.97 0.89 -15.18
N LYS A 92 0.07 1.85 -15.28
CA LYS A 92 0.42 3.12 -15.91
C LYS A 92 0.09 4.31 -15.02
N TYR A 93 -0.58 4.06 -13.90
CA TYR A 93 -0.94 5.12 -12.99
C TYR A 93 -0.86 4.65 -11.55
N ASN A 94 -0.13 5.41 -10.74
CA ASN A 94 -0.06 5.15 -9.32
C ASN A 94 -0.71 6.31 -8.56
N PRO A 95 -1.78 6.02 -7.81
CA PRO A 95 -2.49 7.03 -7.02
C PRO A 95 -1.69 7.51 -5.81
N ALA A 96 -0.40 7.76 -6.03
CA ALA A 96 0.48 8.22 -4.98
C ALA A 96 0.12 9.64 -4.50
N PRO A 97 -0.06 10.61 -5.44
CA PRO A 97 -0.53 11.95 -5.06
C PRO A 97 -1.94 11.89 -4.46
N ASP A 98 -2.74 10.97 -4.96
CA ASP A 98 -4.10 10.75 -4.48
C ASP A 98 -4.07 10.31 -3.03
N LEU A 99 -3.17 9.37 -2.73
CA LEU A 99 -2.99 8.88 -1.37
C LEU A 99 -2.66 10.03 -0.43
N ALA A 100 -1.83 10.95 -0.91
CA ALA A 100 -1.43 12.11 -0.12
C ALA A 100 -2.62 13.00 0.20
N ASP A 101 -3.46 13.25 -0.79
CA ASP A 101 -4.63 14.09 -0.59
C ASP A 101 -5.70 13.35 0.21
N ALA A 102 -5.75 12.03 0.04
CA ALA A 102 -6.68 11.19 0.79
C ALA A 102 -6.35 11.23 2.28
N MET A 103 -5.08 10.99 2.60
CA MET A 103 -4.60 11.03 3.98
C MET A 103 -4.87 12.40 4.61
N LYS A 104 -4.77 13.43 3.79
CA LYS A 104 -5.00 14.80 4.23
C LYS A 104 -6.49 15.07 4.44
N GLY A 105 -7.28 14.72 3.44
CA GLY A 105 -8.70 15.03 3.46
C GLY A 105 -9.51 14.14 4.40
N TYR A 106 -9.06 12.90 4.57
CA TYR A 106 -9.78 11.96 5.41
C TYR A 106 -9.69 12.36 6.87
N ARG A 107 -8.58 12.99 7.25
CA ARG A 107 -8.36 13.41 8.63
C ARG A 107 -9.07 14.74 8.91
N LYS A 108 -9.94 15.15 8.00
CA LYS A 108 -10.77 16.33 8.22
C LYS A 108 -12.06 15.92 8.93
N LYS A 109 -12.21 14.61 9.10
CA LYS A 109 -13.31 14.07 9.89
C LYS A 109 -12.81 13.72 11.30
N ASN A 110 -13.72 13.67 12.26
CA ASN A 110 -13.38 13.33 13.62
C ASN A 110 -13.85 11.92 13.94
N LEU A 111 -14.50 11.31 12.97
CA LEU A 111 -15.01 9.96 13.12
C LEU A 111 -14.82 9.21 11.80
N GLU A 112 -14.33 7.97 11.90
CA GLU A 112 -14.05 7.15 10.73
C GLU A 112 -15.27 7.03 9.81
N HIS A 113 -16.44 6.87 10.41
CA HIS A 113 -17.68 6.77 9.66
C HIS A 113 -18.62 7.87 10.11
N HIS A 114 -19.77 7.99 9.44
CA HIS A 114 -20.73 9.02 9.80
C HIS A 114 -21.56 8.58 11.00
N HIS A 115 -22.01 7.32 10.95
CA HIS A 115 -22.84 6.74 12.02
C HIS A 115 -24.20 7.42 12.10
N HIS A 116 -24.56 8.14 11.05
CA HIS A 116 -25.89 8.71 10.92
C HIS A 116 -26.60 8.02 9.76
N HIS A 117 -27.68 7.31 10.06
CA HIS A 117 -28.33 6.49 9.06
C HIS A 117 -29.76 6.94 8.81
N HIS A 118 -29.93 7.76 7.78
CA HIS A 118 -31.24 8.21 7.35
C HIS A 118 -31.12 8.91 6.00
N SER A 1 -3.63 -16.25 -19.77
CA SER A 1 -3.18 -15.17 -18.89
C SER A 1 -1.92 -15.59 -18.14
N SER A 2 -0.77 -15.09 -18.58
CA SER A 2 0.50 -15.44 -17.98
C SER A 2 0.80 -14.52 -16.79
N ASN A 3 0.40 -13.26 -16.92
CA ASN A 3 0.63 -12.27 -15.88
C ASN A 3 -0.69 -11.64 -15.46
N ASN A 4 -0.80 -11.37 -14.17
CA ASN A 4 -1.99 -10.72 -13.62
C ASN A 4 -1.54 -9.52 -12.80
N ASN A 5 -2.25 -8.41 -12.94
CA ASN A 5 -1.85 -7.17 -12.28
C ASN A 5 -2.38 -7.09 -10.86
N SER A 6 -2.75 -8.22 -10.28
CA SER A 6 -3.20 -8.26 -8.90
C SER A 6 -2.04 -7.88 -7.98
N PHE A 7 -2.35 -7.13 -6.93
CA PHE A 7 -1.34 -6.66 -5.99
C PHE A 7 -0.62 -7.84 -5.35
N SER A 8 -1.36 -8.94 -5.15
CA SER A 8 -0.80 -10.17 -4.61
C SER A 8 0.38 -10.65 -5.46
N ALA A 9 0.17 -10.65 -6.77
CA ALA A 9 1.19 -11.10 -7.70
C ALA A 9 2.43 -10.24 -7.58
N ILE A 10 2.23 -8.93 -7.68
CA ILE A 10 3.34 -7.99 -7.70
C ILE A 10 4.01 -7.89 -6.34
N TYR A 11 3.24 -8.04 -5.26
CA TYR A 11 3.81 -7.95 -3.91
C TYR A 11 4.84 -9.05 -3.68
N LYS A 12 4.57 -10.25 -4.19
CA LYS A 12 5.51 -11.35 -4.03
C LYS A 12 6.69 -11.20 -4.98
N GLU A 13 6.42 -10.79 -6.22
CA GLU A 13 7.48 -10.56 -7.20
C GLU A 13 8.43 -9.46 -6.72
N TRP A 14 7.86 -8.40 -6.17
CA TRP A 14 8.62 -7.31 -5.59
C TRP A 14 9.47 -7.80 -4.42
N TYR A 15 8.82 -8.51 -3.49
CA TYR A 15 9.49 -9.04 -2.32
C TYR A 15 10.67 -9.92 -2.70
N GLU A 16 10.41 -10.95 -3.50
CA GLU A 16 11.45 -11.92 -3.85
C GLU A 16 12.53 -11.31 -4.74
N HIS A 17 12.23 -10.15 -5.31
CA HIS A 17 13.22 -9.41 -6.08
C HIS A 17 14.18 -8.67 -5.14
N LYS A 18 13.62 -7.78 -4.32
CA LYS A 18 14.43 -6.93 -3.45
C LYS A 18 14.88 -7.73 -2.22
N LYS A 19 14.46 -9.00 -2.18
CA LYS A 19 14.88 -9.94 -1.16
C LYS A 19 16.39 -10.14 -1.21
N GLN A 20 16.97 -9.90 -2.38
CA GLN A 20 18.40 -10.03 -2.59
C GLN A 20 19.17 -8.86 -1.95
N VAL A 21 18.43 -7.85 -1.54
CA VAL A 21 19.03 -6.64 -0.98
C VAL A 21 19.03 -6.67 0.54
N TRP A 22 17.87 -6.94 1.12
CA TRP A 22 17.73 -6.95 2.57
C TRP A 22 18.16 -8.30 3.16
N SER A 23 18.56 -8.28 4.42
CA SER A 23 18.86 -9.50 5.14
C SER A 23 17.61 -10.36 5.25
N VAL A 24 17.76 -11.67 5.07
CA VAL A 24 16.62 -12.60 5.05
C VAL A 24 15.69 -12.40 6.25
N GLY A 25 16.27 -12.12 7.42
CA GLY A 25 15.46 -11.90 8.61
C GLY A 25 14.55 -10.70 8.47
N TYR A 26 15.15 -9.54 8.19
CA TYR A 26 14.38 -8.31 8.04
C TYR A 26 13.46 -8.38 6.84
N ALA A 27 13.94 -9.02 5.77
CA ALA A 27 13.14 -9.16 4.55
C ALA A 27 11.85 -9.93 4.83
N THR A 28 11.98 -11.04 5.54
CA THR A 28 10.82 -11.88 5.86
C THR A 28 9.88 -11.16 6.83
N GLU A 29 10.43 -10.50 7.84
CA GLU A 29 9.62 -9.76 8.79
C GLU A 29 8.94 -8.56 8.13
N LEU A 30 9.65 -7.92 7.20
CA LEU A 30 9.07 -6.84 6.42
C LEU A 30 7.90 -7.35 5.60
N ALA A 31 8.10 -8.51 4.98
CA ALA A 31 7.06 -9.15 4.19
C ALA A 31 5.89 -9.56 5.08
N LYS A 32 6.20 -10.05 6.28
CA LYS A 32 5.17 -10.47 7.23
C LYS A 32 4.26 -9.29 7.58
N MET A 33 4.85 -8.16 7.95
CA MET A 33 4.06 -6.97 8.28
C MET A 33 3.26 -6.51 7.07
N PHE A 34 3.89 -6.57 5.90
CA PHE A 34 3.27 -6.17 4.65
C PHE A 34 2.09 -7.09 4.33
N ASP A 35 2.33 -8.39 4.40
CA ASP A 35 1.31 -9.37 4.05
C ASP A 35 0.20 -9.43 5.10
N ASP A 36 0.57 -9.54 6.36
CA ASP A 36 -0.41 -9.75 7.42
C ASP A 36 -1.41 -8.60 7.53
N ASP A 37 -0.95 -7.38 7.31
CA ASP A 37 -1.84 -6.22 7.42
C ASP A 37 -2.31 -5.72 6.06
N ILE A 38 -1.39 -5.55 5.12
CA ILE A 38 -1.69 -4.88 3.86
C ILE A 38 -2.38 -5.81 2.87
N LEU A 39 -2.02 -7.09 2.89
CA LEU A 39 -2.53 -8.06 1.93
C LEU A 39 -4.06 -8.23 2.06
N PRO A 40 -4.62 -8.42 3.28
CA PRO A 40 -6.07 -8.54 3.46
C PRO A 40 -6.83 -7.26 3.09
N ILE A 41 -6.09 -6.16 2.90
CA ILE A 41 -6.71 -4.90 2.56
C ILE A 41 -6.80 -4.70 1.05
N ILE A 42 -5.66 -4.78 0.36
CA ILE A 42 -5.63 -4.52 -1.07
C ILE A 42 -4.91 -5.63 -1.84
N GLY A 43 -4.53 -6.68 -1.16
CA GLY A 43 -3.75 -7.74 -1.78
C GLY A 43 -4.47 -8.39 -2.94
N GLY A 44 -5.77 -8.56 -2.80
CA GLY A 44 -6.54 -9.18 -3.85
C GLY A 44 -7.02 -8.19 -4.89
N LEU A 45 -6.58 -6.94 -4.78
CA LEU A 45 -7.02 -5.91 -5.71
C LEU A 45 -6.00 -5.73 -6.83
N GLU A 46 -6.48 -5.41 -8.02
CA GLU A 46 -5.60 -5.11 -9.15
C GLU A 46 -4.86 -3.82 -8.87
N ILE A 47 -3.58 -3.78 -9.20
CA ILE A 47 -2.75 -2.62 -8.91
C ILE A 47 -3.23 -1.39 -9.68
N GLN A 48 -4.00 -1.61 -10.74
CA GLN A 48 -4.58 -0.52 -11.53
C GLN A 48 -5.93 -0.12 -10.96
N ASP A 49 -6.45 -0.93 -10.04
CA ASP A 49 -7.83 -0.81 -9.61
C ASP A 49 -7.91 -0.59 -8.10
N ILE A 50 -6.78 -0.25 -7.50
CA ILE A 50 -6.72 -0.04 -6.07
C ILE A 50 -7.18 1.37 -5.70
N GLU A 51 -8.15 1.43 -4.81
CA GLU A 51 -8.66 2.71 -4.33
C GLU A 51 -7.60 3.43 -3.53
N PRO A 52 -7.38 4.72 -3.79
CA PRO A 52 -6.51 5.55 -2.96
C PRO A 52 -6.92 5.52 -1.49
N MET A 53 -8.23 5.52 -1.24
CA MET A 53 -8.74 5.42 0.13
C MET A 53 -8.58 3.99 0.65
N GLN A 54 -8.47 3.03 -0.26
CA GLN A 54 -8.25 1.65 0.14
C GLN A 54 -6.79 1.48 0.53
N LEU A 55 -5.92 2.11 -0.22
CA LEU A 55 -4.51 2.18 0.12
C LEU A 55 -4.35 2.98 1.39
N LEU A 56 -5.21 3.98 1.56
CA LEU A 56 -5.27 4.75 2.80
C LEU A 56 -5.71 3.85 3.94
N GLU A 57 -6.58 2.89 3.65
CA GLU A 57 -7.04 1.95 4.67
C GLU A 57 -5.86 1.13 5.18
N VAL A 58 -4.89 0.87 4.31
CA VAL A 58 -3.63 0.26 4.73
C VAL A 58 -2.91 1.15 5.76
N ILE A 59 -2.69 2.40 5.38
CA ILE A 59 -2.06 3.38 6.26
C ILE A 59 -2.88 3.56 7.54
N ARG A 60 -4.19 3.63 7.36
CA ARG A 60 -5.13 3.82 8.45
C ARG A 60 -5.16 2.59 9.36
N ARG A 61 -4.89 1.42 8.77
CA ARG A 61 -4.70 0.20 9.54
C ARG A 61 -3.56 0.37 10.54
N PHE A 62 -2.51 1.05 10.10
CA PHE A 62 -1.39 1.34 10.98
C PHE A 62 -1.71 2.51 11.92
N GLU A 63 -2.65 3.37 11.51
CA GLU A 63 -3.10 4.46 12.38
C GLU A 63 -3.81 3.91 13.61
N ASP A 64 -4.64 2.89 13.40
CA ASP A 64 -5.33 2.21 14.51
C ASP A 64 -4.32 1.66 15.51
N ARG A 65 -3.14 1.35 15.01
CA ARG A 65 -2.07 0.81 15.83
C ARG A 65 -1.29 1.95 16.51
N GLY A 66 -1.15 3.07 15.80
CA GLY A 66 -0.37 4.17 16.31
C GLY A 66 1.01 4.19 15.71
N ALA A 67 1.24 3.26 14.78
CA ALA A 67 2.52 3.15 14.11
C ALA A 67 2.61 4.14 12.95
N MET A 68 3.05 5.35 13.23
CA MET A 68 3.11 6.39 12.23
C MET A 68 4.20 6.08 11.22
N GLU A 69 5.35 5.62 11.70
CA GLU A 69 6.44 5.19 10.84
C GLU A 69 5.98 4.15 9.84
N ARG A 70 5.41 3.09 10.37
CA ARG A 70 5.09 1.91 9.57
C ARG A 70 3.88 2.16 8.69
N ALA A 71 3.17 3.26 8.95
CA ALA A 71 2.10 3.71 8.07
C ALA A 71 2.72 4.35 6.82
N ASN A 72 3.67 5.24 7.03
CA ASN A 72 4.38 5.87 5.93
C ASN A 72 5.28 4.87 5.23
N LYS A 73 5.85 3.95 5.99
CA LYS A 73 6.68 2.88 5.44
C LYS A 73 5.82 1.91 4.63
N ALA A 74 4.53 1.83 4.96
CA ALA A 74 3.59 1.06 4.16
C ALA A 74 3.41 1.73 2.80
N ARG A 75 3.06 3.02 2.83
CA ARG A 75 2.91 3.81 1.62
C ARG A 75 4.18 3.75 0.76
N ARG A 76 5.33 3.87 1.41
CA ARG A 76 6.62 3.86 0.72
C ARG A 76 6.83 2.55 -0.04
N ARG A 77 6.60 1.43 0.65
CA ARG A 77 6.78 0.12 0.04
C ARG A 77 5.80 -0.09 -1.11
N CYS A 78 4.54 0.25 -0.88
CA CYS A 78 3.52 0.14 -1.91
C CYS A 78 3.85 1.05 -3.10
N GLY A 79 4.43 2.21 -2.79
CA GLY A 79 4.84 3.14 -3.84
C GLY A 79 5.89 2.54 -4.75
N GLU A 80 6.82 1.80 -4.17
CA GLU A 80 7.84 1.12 -4.95
C GLU A 80 7.22 -0.03 -5.74
N VAL A 81 6.23 -0.70 -5.13
CA VAL A 81 5.46 -1.73 -5.82
C VAL A 81 4.75 -1.14 -7.04
N PHE A 82 4.16 0.04 -6.86
CA PHE A 82 3.54 0.76 -7.95
C PHE A 82 4.55 1.07 -9.04
N ARG A 83 5.72 1.55 -8.63
CA ARG A 83 6.79 1.87 -9.57
C ARG A 83 7.24 0.60 -10.31
N TYR A 84 7.34 -0.49 -9.57
CA TYR A 84 7.70 -1.79 -10.12
C TYR A 84 6.73 -2.14 -11.27
N ALA A 85 5.47 -1.84 -11.05
CA ALA A 85 4.44 -2.06 -12.06
C ALA A 85 4.59 -1.09 -13.22
N ILE A 86 4.94 0.15 -12.93
CA ILE A 86 5.15 1.15 -13.97
C ILE A 86 6.29 0.72 -14.90
N VAL A 87 7.37 0.23 -14.31
CA VAL A 87 8.53 -0.23 -15.08
C VAL A 87 8.18 -1.46 -15.92
N THR A 88 7.38 -2.34 -15.34
CA THR A 88 7.00 -3.58 -16.01
C THR A 88 5.88 -3.33 -17.02
N GLY A 89 5.28 -2.15 -16.96
CA GLY A 89 4.20 -1.82 -17.87
C GLY A 89 2.84 -2.25 -17.37
N ARG A 90 2.78 -2.60 -16.09
CA ARG A 90 1.54 -3.05 -15.46
C ARG A 90 0.73 -1.87 -14.94
N ALA A 91 1.38 -0.72 -14.82
CA ALA A 91 0.70 0.47 -14.33
C ALA A 91 1.19 1.73 -15.05
N LYS A 92 0.39 2.77 -14.99
CA LYS A 92 0.73 4.04 -15.63
C LYS A 92 0.82 5.15 -14.60
N TYR A 93 -0.09 5.12 -13.63
CA TYR A 93 -0.11 6.10 -12.56
C TYR A 93 -0.13 5.39 -11.21
N ASN A 94 0.64 5.89 -10.27
CA ASN A 94 0.62 5.37 -8.92
C ASN A 94 -0.22 6.28 -8.03
N PRO A 95 -1.22 5.72 -7.35
CA PRO A 95 -2.14 6.49 -6.48
C PRO A 95 -1.46 7.05 -5.23
N ALA A 96 -0.16 7.27 -5.31
CA ALA A 96 0.61 7.78 -4.18
C ALA A 96 0.28 9.24 -3.86
N PRO A 97 0.29 10.16 -4.86
CA PRO A 97 -0.09 11.56 -4.64
C PRO A 97 -1.51 11.71 -4.13
N ASP A 98 -2.45 10.98 -4.73
CA ASP A 98 -3.85 11.05 -4.30
C ASP A 98 -4.04 10.38 -2.95
N LEU A 99 -3.12 9.49 -2.60
CA LEU A 99 -3.10 8.88 -1.27
C LEU A 99 -2.88 9.98 -0.23
N ALA A 100 -2.03 10.94 -0.57
CA ALA A 100 -1.77 12.07 0.31
C ALA A 100 -3.00 12.95 0.42
N ASP A 101 -3.71 13.11 -0.69
CA ASP A 101 -4.96 13.86 -0.70
C ASP A 101 -6.02 13.14 0.11
N ALA A 102 -6.01 11.81 0.04
CA ALA A 102 -6.92 11.00 0.83
C ALA A 102 -6.57 11.12 2.31
N MET A 103 -5.29 11.03 2.63
CA MET A 103 -4.82 11.17 4.00
C MET A 103 -5.18 12.54 4.57
N LYS A 104 -5.38 13.51 3.68
CA LYS A 104 -5.73 14.86 4.08
C LYS A 104 -7.24 15.03 4.16
N GLY A 105 -7.92 14.75 3.05
CA GLY A 105 -9.34 15.00 2.93
C GLY A 105 -10.20 13.94 3.59
N TYR A 106 -9.79 12.68 3.51
CA TYR A 106 -10.58 11.60 4.09
C TYR A 106 -10.44 11.59 5.61
N ARG A 107 -9.29 12.02 6.12
CA ARG A 107 -9.09 12.08 7.56
C ARG A 107 -9.76 13.32 8.15
N LYS A 108 -10.38 14.11 7.28
CA LYS A 108 -11.19 15.25 7.71
C LYS A 108 -12.53 14.73 8.26
N LYS A 109 -12.71 13.43 8.09
CA LYS A 109 -13.85 12.71 8.65
C LYS A 109 -13.66 12.55 10.16
N ASN A 110 -12.41 12.66 10.58
CA ASN A 110 -12.06 12.53 12.00
C ASN A 110 -11.60 13.90 12.51
N LEU A 111 -12.50 14.58 13.21
CA LEU A 111 -12.21 15.91 13.73
C LEU A 111 -11.65 15.83 15.14
N GLU A 112 -11.04 16.91 15.59
CA GLU A 112 -10.49 16.97 16.94
C GLU A 112 -11.61 17.04 17.97
N HIS A 113 -11.24 16.89 19.24
CA HIS A 113 -12.21 16.90 20.32
C HIS A 113 -12.46 18.33 20.77
N HIS A 114 -11.43 18.95 21.33
CA HIS A 114 -11.47 20.38 21.59
C HIS A 114 -10.86 21.12 20.42
N HIS A 115 -11.68 21.92 19.75
CA HIS A 115 -11.23 22.63 18.55
C HIS A 115 -10.16 23.65 18.90
N HIS A 116 -10.27 24.22 20.09
CA HIS A 116 -9.27 25.14 20.59
C HIS A 116 -8.25 24.35 21.40
N HIS A 117 -6.97 24.62 21.18
CA HIS A 117 -5.91 23.82 21.77
C HIS A 117 -5.45 24.37 23.10
N HIS A 118 -5.92 23.73 24.17
CA HIS A 118 -5.51 24.06 25.52
C HIS A 118 -5.96 22.94 26.46
N SER A 1 -5.11 -15.03 -18.27
CA SER A 1 -5.58 -15.66 -17.02
C SER A 1 -4.42 -16.06 -16.12
N SER A 2 -3.33 -16.54 -16.72
CA SER A 2 -2.17 -16.98 -15.96
C SER A 2 -1.32 -15.80 -15.52
N ASN A 3 -1.46 -14.68 -16.23
CA ASN A 3 -0.80 -13.45 -15.83
C ASN A 3 -1.79 -12.57 -15.08
N ASN A 4 -1.73 -12.61 -13.76
CA ASN A 4 -2.64 -11.85 -12.93
C ASN A 4 -1.96 -10.60 -12.40
N ASN A 5 -2.59 -9.45 -12.61
CA ASN A 5 -2.00 -8.16 -12.27
C ASN A 5 -2.39 -7.72 -10.86
N SER A 6 -2.74 -8.69 -10.02
CA SER A 6 -3.05 -8.40 -8.62
C SER A 6 -1.83 -7.89 -7.88
N PHE A 7 -2.06 -7.05 -6.89
CA PHE A 7 -0.99 -6.43 -6.12
C PHE A 7 -0.11 -7.49 -5.48
N SER A 8 -0.74 -8.55 -4.97
CA SER A 8 -0.02 -9.65 -4.34
C SER A 8 0.98 -10.31 -5.28
N ALA A 9 0.56 -10.51 -6.53
CA ALA A 9 1.39 -11.14 -7.53
C ALA A 9 2.66 -10.32 -7.78
N ILE A 10 2.48 -9.02 -8.00
CA ILE A 10 3.60 -8.13 -8.21
C ILE A 10 4.42 -7.98 -6.94
N TYR A 11 3.72 -7.91 -5.81
CA TYR A 11 4.36 -7.83 -4.50
C TYR A 11 5.30 -9.02 -4.27
N LYS A 12 4.84 -10.22 -4.58
CA LYS A 12 5.67 -11.41 -4.35
C LYS A 12 6.92 -11.36 -5.20
N GLU A 13 6.77 -10.94 -6.46
CA GLU A 13 7.92 -10.83 -7.36
C GLU A 13 8.86 -9.74 -6.86
N TRP A 14 8.28 -8.61 -6.48
CA TRP A 14 9.03 -7.50 -5.92
C TRP A 14 9.78 -7.93 -4.67
N TYR A 15 9.07 -8.62 -3.79
CA TYR A 15 9.66 -9.16 -2.56
C TYR A 15 10.78 -10.14 -2.86
N GLU A 16 10.50 -11.09 -3.74
CA GLU A 16 11.49 -12.11 -4.11
C GLU A 16 12.73 -11.47 -4.73
N HIS A 17 12.52 -10.35 -5.39
CA HIS A 17 13.61 -9.60 -6.00
C HIS A 17 14.36 -8.79 -4.95
N LYS A 18 13.62 -8.02 -4.15
CA LYS A 18 14.20 -7.19 -3.09
C LYS A 18 14.79 -8.05 -1.97
N LYS A 19 14.44 -9.33 -1.98
CA LYS A 19 14.92 -10.30 -0.99
C LYS A 19 16.45 -10.37 -0.99
N GLN A 20 17.06 -10.09 -2.14
CA GLN A 20 18.51 -10.17 -2.27
C GLN A 20 19.17 -8.85 -1.86
N VAL A 21 18.35 -7.84 -1.58
CA VAL A 21 18.85 -6.54 -1.18
C VAL A 21 18.93 -6.45 0.34
N TRP A 22 17.85 -6.81 0.99
CA TRP A 22 17.77 -6.75 2.44
C TRP A 22 18.27 -8.05 3.04
N SER A 23 18.44 -8.06 4.36
CA SER A 23 18.82 -9.27 5.07
C SER A 23 17.59 -10.14 5.26
N VAL A 24 17.77 -11.46 5.25
CA VAL A 24 16.66 -12.41 5.29
C VAL A 24 15.71 -12.15 6.46
N GLY A 25 16.25 -11.79 7.62
CA GLY A 25 15.42 -11.51 8.78
C GLY A 25 14.53 -10.30 8.55
N TYR A 26 15.16 -9.19 8.17
CA TYR A 26 14.45 -7.95 7.87
C TYR A 26 13.43 -8.16 6.76
N ALA A 27 13.85 -8.89 5.72
CA ALA A 27 12.99 -9.16 4.58
C ALA A 27 11.76 -9.95 5.00
N THR A 28 11.94 -10.93 5.89
CA THR A 28 10.83 -11.73 6.37
C THR A 28 9.87 -10.89 7.21
N GLU A 29 10.41 -10.07 8.11
CA GLU A 29 9.59 -9.17 8.92
C GLU A 29 8.80 -8.20 8.06
N LEU A 30 9.49 -7.60 7.10
CA LEU A 30 8.86 -6.65 6.18
C LEU A 30 7.74 -7.34 5.40
N ALA A 31 8.04 -8.52 4.87
CA ALA A 31 7.07 -9.27 4.08
C ALA A 31 5.88 -9.69 4.93
N LYS A 32 6.15 -10.14 6.15
CA LYS A 32 5.10 -10.61 7.03
C LYS A 32 4.19 -9.45 7.43
N MET A 33 4.80 -8.32 7.80
CA MET A 33 4.07 -7.12 8.16
C MET A 33 3.20 -6.66 6.98
N PHE A 34 3.83 -6.57 5.82
CA PHE A 34 3.14 -6.12 4.61
C PHE A 34 2.02 -7.09 4.25
N ASP A 35 2.26 -8.37 4.48
CA ASP A 35 1.26 -9.41 4.21
C ASP A 35 0.07 -9.26 5.16
N ASP A 36 0.36 -9.23 6.46
CA ASP A 36 -0.68 -9.21 7.49
C ASP A 36 -1.67 -8.07 7.33
N ASP A 37 -1.18 -6.92 6.88
CA ASP A 37 -2.03 -5.73 6.78
C ASP A 37 -2.45 -5.44 5.34
N ILE A 38 -1.49 -5.40 4.43
CA ILE A 38 -1.77 -4.97 3.05
C ILE A 38 -2.63 -5.99 2.30
N LEU A 39 -2.34 -7.27 2.48
CA LEU A 39 -3.02 -8.32 1.72
C LEU A 39 -4.53 -8.33 1.95
N PRO A 40 -5.01 -8.34 3.21
CA PRO A 40 -6.46 -8.29 3.49
C PRO A 40 -7.14 -7.03 2.97
N ILE A 41 -6.35 -6.00 2.69
CA ILE A 41 -6.89 -4.71 2.25
C ILE A 41 -6.86 -4.59 0.73
N ILE A 42 -5.66 -4.56 0.15
CA ILE A 42 -5.51 -4.35 -1.28
C ILE A 42 -4.78 -5.51 -1.95
N GLY A 43 -4.46 -6.54 -1.19
CA GLY A 43 -3.67 -7.65 -1.71
C GLY A 43 -4.32 -8.29 -2.92
N GLY A 44 -5.63 -8.47 -2.85
CA GLY A 44 -6.35 -9.11 -3.94
C GLY A 44 -6.82 -8.12 -4.98
N LEU A 45 -6.37 -6.88 -4.89
CA LEU A 45 -6.75 -5.87 -5.85
C LEU A 45 -5.69 -5.75 -6.93
N GLU A 46 -6.12 -5.56 -8.17
CA GLU A 46 -5.20 -5.35 -9.26
C GLU A 46 -4.57 -3.97 -9.13
N ILE A 47 -3.27 -3.91 -9.36
CA ILE A 47 -2.48 -2.72 -9.07
C ILE A 47 -2.96 -1.50 -9.88
N GLN A 48 -3.63 -1.75 -11.00
CA GLN A 48 -4.14 -0.67 -11.83
C GLN A 48 -5.57 -0.31 -11.43
N ASP A 49 -6.15 -1.06 -10.51
CA ASP A 49 -7.56 -0.89 -10.17
C ASP A 49 -7.75 -0.59 -8.69
N ILE A 50 -6.64 -0.40 -7.98
CA ILE A 50 -6.69 -0.09 -6.57
C ILE A 50 -7.19 1.33 -6.34
N GLU A 51 -8.21 1.44 -5.52
CA GLU A 51 -8.82 2.73 -5.22
C GLU A 51 -8.04 3.46 -4.12
N PRO A 52 -7.95 4.80 -4.23
CA PRO A 52 -7.23 5.64 -3.27
C PRO A 52 -7.64 5.39 -1.82
N MET A 53 -8.94 5.34 -1.56
CA MET A 53 -9.44 5.22 -0.20
C MET A 53 -9.12 3.84 0.40
N GLN A 54 -8.89 2.85 -0.44
CA GLN A 54 -8.52 1.53 0.05
C GLN A 54 -7.03 1.49 0.36
N LEU A 55 -6.25 2.24 -0.39
CA LEU A 55 -4.83 2.36 -0.12
C LEU A 55 -4.63 3.16 1.18
N LEU A 56 -5.45 4.19 1.35
CA LEU A 56 -5.46 4.95 2.59
C LEU A 56 -5.94 4.05 3.74
N GLU A 57 -6.78 3.08 3.40
CA GLU A 57 -7.26 2.11 4.39
C GLU A 57 -6.10 1.29 4.94
N VAL A 58 -5.12 1.00 4.09
CA VAL A 58 -3.89 0.34 4.54
C VAL A 58 -3.16 1.22 5.56
N ILE A 59 -2.89 2.46 5.17
CA ILE A 59 -2.24 3.42 6.07
C ILE A 59 -3.03 3.56 7.37
N ARG A 60 -4.34 3.66 7.24
CA ARG A 60 -5.23 3.83 8.38
C ARG A 60 -5.30 2.55 9.22
N ARG A 61 -5.01 1.42 8.60
CA ARG A 61 -4.94 0.15 9.32
C ARG A 61 -3.80 0.19 10.32
N PHE A 62 -2.68 0.78 9.91
CA PHE A 62 -1.55 0.94 10.81
C PHE A 62 -1.82 2.04 11.84
N GLU A 63 -2.63 3.02 11.46
CA GLU A 63 -3.03 4.09 12.38
C GLU A 63 -3.86 3.49 13.52
N ASP A 64 -4.72 2.53 13.18
CA ASP A 64 -5.52 1.80 14.16
C ASP A 64 -4.62 1.13 15.20
N ARG A 65 -3.48 0.62 14.74
CA ARG A 65 -2.52 -0.04 15.62
C ARG A 65 -1.76 0.98 16.45
N GLY A 66 -1.70 2.21 15.96
CA GLY A 66 -0.89 3.23 16.60
C GLY A 66 0.52 3.25 16.04
N ALA A 67 0.72 2.48 14.98
CA ALA A 67 2.03 2.38 14.34
C ALA A 67 2.16 3.44 13.26
N MET A 68 2.63 4.60 13.65
CA MET A 68 2.74 5.73 12.74
C MET A 68 3.88 5.51 11.76
N GLU A 69 4.95 4.88 12.23
CA GLU A 69 6.10 4.57 11.39
C GLU A 69 5.68 3.67 10.24
N ARG A 70 5.05 2.55 10.59
CA ARG A 70 4.65 1.55 9.61
C ARG A 70 3.56 2.08 8.70
N ALA A 71 2.80 3.07 9.18
CA ALA A 71 1.79 3.72 8.36
C ALA A 71 2.45 4.50 7.22
N ASN A 72 3.44 5.31 7.56
CA ASN A 72 4.17 6.09 6.57
C ASN A 72 5.06 5.18 5.74
N LYS A 73 5.48 4.09 6.35
CA LYS A 73 6.34 3.12 5.69
C LYS A 73 5.55 2.31 4.67
N ALA A 74 4.30 1.99 5.00
CA ALA A 74 3.41 1.30 4.08
C ALA A 74 3.23 2.13 2.81
N ARG A 75 2.88 3.40 2.99
CA ARG A 75 2.71 4.31 1.87
C ARG A 75 3.92 4.30 0.94
N ARG A 76 5.10 4.44 1.53
CA ARG A 76 6.33 4.53 0.75
C ARG A 76 6.72 3.19 0.14
N ARG A 77 6.33 2.09 0.79
CA ARG A 77 6.65 0.77 0.28
C ARG A 77 5.69 0.40 -0.86
N CYS A 78 4.44 0.84 -0.74
CA CYS A 78 3.47 0.64 -1.81
C CYS A 78 3.88 1.46 -3.03
N GLY A 79 4.37 2.68 -2.80
CA GLY A 79 4.89 3.50 -3.88
C GLY A 79 6.08 2.84 -4.57
N GLU A 80 6.86 2.10 -3.79
CA GLU A 80 7.97 1.31 -4.31
C GLU A 80 7.45 0.20 -5.23
N VAL A 81 6.38 -0.47 -4.80
CA VAL A 81 5.75 -1.51 -5.62
C VAL A 81 5.16 -0.90 -6.89
N PHE A 82 4.54 0.27 -6.75
CA PHE A 82 3.99 0.99 -7.90
C PHE A 82 5.11 1.31 -8.90
N ARG A 83 6.24 1.76 -8.37
CA ARG A 83 7.41 2.04 -9.19
C ARG A 83 7.83 0.78 -9.96
N TYR A 84 7.94 -0.33 -9.23
CA TYR A 84 8.31 -1.60 -9.82
C TYR A 84 7.34 -1.97 -10.94
N ALA A 85 6.06 -1.75 -10.69
CA ALA A 85 5.03 -2.09 -11.66
C ALA A 85 5.10 -1.21 -12.91
N ILE A 86 5.46 0.06 -12.74
CA ILE A 86 5.63 0.96 -13.87
C ILE A 86 6.81 0.52 -14.73
N VAL A 87 7.90 0.14 -14.07
CA VAL A 87 9.11 -0.32 -14.75
C VAL A 87 8.86 -1.67 -15.44
N THR A 88 8.03 -2.50 -14.84
CA THR A 88 7.71 -3.82 -15.40
C THR A 88 6.58 -3.72 -16.41
N GLY A 89 6.07 -2.51 -16.63
CA GLY A 89 5.03 -2.29 -17.63
C GLY A 89 3.71 -2.90 -17.23
N ARG A 90 3.45 -2.95 -15.93
CA ARG A 90 2.21 -3.50 -15.41
C ARG A 90 1.37 -2.41 -14.75
N ALA A 91 1.89 -1.20 -14.68
CA ALA A 91 1.15 -0.08 -14.13
C ALA A 91 1.38 1.18 -14.96
N LYS A 92 0.28 1.83 -15.31
CA LYS A 92 0.35 3.07 -16.08
C LYS A 92 0.26 4.28 -15.16
N TYR A 93 -0.51 4.13 -14.09
CA TYR A 93 -0.74 5.21 -13.13
C TYR A 93 -0.81 4.63 -11.73
N ASN A 94 -0.29 5.37 -10.76
CA ASN A 94 -0.34 4.93 -9.37
C ASN A 94 -1.10 5.95 -8.52
N PRO A 95 -2.02 5.47 -7.67
CA PRO A 95 -2.84 6.34 -6.82
C PRO A 95 -2.09 6.90 -5.61
N ALA A 96 -0.80 7.16 -5.80
CA ALA A 96 0.05 7.69 -4.72
C ALA A 96 -0.36 9.11 -4.33
N PRO A 97 -0.53 10.04 -5.30
CA PRO A 97 -1.02 11.39 -5.01
C PRO A 97 -2.42 11.36 -4.37
N ASP A 98 -3.23 10.41 -4.82
CA ASP A 98 -4.58 10.24 -4.30
C ASP A 98 -4.54 9.78 -2.84
N LEU A 99 -3.57 8.92 -2.55
CA LEU A 99 -3.30 8.46 -1.19
C LEU A 99 -3.09 9.66 -0.27
N ALA A 100 -2.23 10.56 -0.69
CA ALA A 100 -1.91 11.75 0.10
C ALA A 100 -3.08 12.73 0.10
N ASP A 101 -3.91 12.65 -0.93
CA ASP A 101 -5.06 13.52 -1.06
C ASP A 101 -6.10 13.21 0.01
N ALA A 102 -6.44 11.93 0.13
CA ALA A 102 -7.38 11.49 1.15
C ALA A 102 -6.80 11.70 2.55
N MET A 103 -5.49 11.50 2.66
CA MET A 103 -4.79 11.71 3.93
C MET A 103 -5.02 13.12 4.46
N LYS A 104 -5.04 14.10 3.56
CA LYS A 104 -5.29 15.49 3.95
C LYS A 104 -6.73 15.67 4.40
N GLY A 105 -7.66 15.11 3.62
CA GLY A 105 -9.07 15.22 3.94
C GLY A 105 -9.42 14.45 5.19
N TYR A 106 -8.60 13.46 5.50
CA TYR A 106 -8.76 12.64 6.70
C TYR A 106 -8.45 13.47 7.94
N ARG A 107 -7.34 14.20 7.91
CA ARG A 107 -6.92 15.05 9.02
C ARG A 107 -7.78 16.31 9.08
N LYS A 108 -8.56 16.52 8.03
CA LYS A 108 -9.52 17.61 7.97
C LYS A 108 -10.68 17.33 8.92
N LYS A 109 -10.93 16.06 9.18
CA LYS A 109 -12.00 15.63 10.04
C LYS A 109 -11.49 15.40 11.47
N ASN A 110 -12.36 15.56 12.44
CA ASN A 110 -12.01 15.34 13.82
C ASN A 110 -12.63 14.05 14.31
N LEU A 111 -11.86 12.97 14.21
CA LEU A 111 -12.32 11.66 14.61
C LEU A 111 -12.63 11.64 16.10
N GLU A 112 -13.84 11.19 16.42
CA GLU A 112 -14.32 11.13 17.81
C GLU A 112 -13.36 10.32 18.67
N HIS A 113 -12.95 9.16 18.18
CA HIS A 113 -11.98 8.33 18.88
C HIS A 113 -10.60 8.51 18.27
N HIS A 114 -9.76 9.30 18.92
CA HIS A 114 -8.39 9.51 18.45
C HIS A 114 -7.62 8.19 18.54
N HIS A 115 -8.01 7.38 19.50
CA HIS A 115 -7.62 5.98 19.51
C HIS A 115 -8.78 5.18 18.96
N HIS A 116 -8.59 4.57 17.80
CA HIS A 116 -9.69 3.95 17.05
C HIS A 116 -10.36 2.81 17.82
N HIS A 117 -9.72 2.35 18.90
CA HIS A 117 -10.33 1.35 19.77
C HIS A 117 -10.81 2.02 21.05
N HIS A 118 -9.88 2.36 21.92
CA HIS A 118 -10.17 3.06 23.16
C HIS A 118 -8.99 3.93 23.56
N SER A 1 -4.00 -18.46 -15.71
CA SER A 1 -3.50 -17.08 -15.52
C SER A 1 -2.06 -17.10 -15.02
N SER A 2 -1.12 -16.98 -15.95
CA SER A 2 0.29 -16.91 -15.60
C SER A 2 0.64 -15.47 -15.27
N ASN A 3 0.14 -14.57 -16.10
CA ASN A 3 0.32 -13.14 -15.89
C ASN A 3 -0.66 -12.64 -14.84
N ASN A 4 -0.18 -12.54 -13.61
CA ASN A 4 -1.03 -12.09 -12.51
C ASN A 4 -0.73 -10.64 -12.18
N ASN A 5 -1.74 -9.80 -12.24
CA ASN A 5 -1.57 -8.36 -12.05
C ASN A 5 -2.09 -7.90 -10.69
N SER A 6 -2.37 -8.86 -9.81
CA SER A 6 -2.81 -8.54 -8.46
C SER A 6 -1.66 -7.92 -7.67
N PHE A 7 -2.01 -7.12 -6.68
CA PHE A 7 -1.00 -6.44 -5.88
C PHE A 7 -0.10 -7.46 -5.16
N SER A 8 -0.72 -8.52 -4.65
CA SER A 8 0.02 -9.57 -3.96
C SER A 8 1.05 -10.22 -4.87
N ALA A 9 0.69 -10.44 -6.14
CA ALA A 9 1.57 -11.08 -7.10
C ALA A 9 2.78 -10.20 -7.40
N ILE A 10 2.53 -8.92 -7.63
CA ILE A 10 3.60 -7.98 -7.93
C ILE A 10 4.43 -7.68 -6.68
N TYR A 11 3.75 -7.66 -5.53
CA TYR A 11 4.43 -7.52 -4.25
C TYR A 11 5.41 -8.68 -4.04
N LYS A 12 4.99 -9.89 -4.41
CA LYS A 12 5.84 -11.05 -4.26
C LYS A 12 7.08 -10.91 -5.14
N GLU A 13 6.87 -10.46 -6.37
CA GLU A 13 7.97 -10.19 -7.30
C GLU A 13 8.90 -9.12 -6.72
N TRP A 14 8.30 -8.02 -6.28
CA TRP A 14 9.03 -6.94 -5.64
C TRP A 14 9.81 -7.44 -4.42
N TYR A 15 9.13 -8.20 -3.56
CA TYR A 15 9.75 -8.75 -2.36
C TYR A 15 10.98 -9.58 -2.70
N GLU A 16 10.84 -10.51 -3.63
CA GLU A 16 11.94 -11.40 -3.98
C GLU A 16 13.13 -10.64 -4.54
N HIS A 17 12.87 -9.49 -5.16
CA HIS A 17 13.93 -8.67 -5.69
C HIS A 17 14.61 -7.87 -4.57
N LYS A 18 13.79 -7.30 -3.69
CA LYS A 18 14.33 -6.52 -2.56
C LYS A 18 14.98 -7.47 -1.55
N LYS A 19 14.53 -8.71 -1.56
CA LYS A 19 15.03 -9.74 -0.65
C LYS A 19 16.52 -10.01 -0.89
N GLN A 20 17.02 -9.56 -2.04
CA GLN A 20 18.42 -9.76 -2.39
C GLN A 20 19.30 -8.73 -1.68
N VAL A 21 18.74 -7.56 -1.40
CA VAL A 21 19.49 -6.48 -0.77
C VAL A 21 19.19 -6.39 0.72
N TRP A 22 18.19 -7.13 1.17
CA TRP A 22 17.85 -7.17 2.59
C TRP A 22 18.37 -8.45 3.23
N SER A 23 18.49 -8.44 4.55
CA SER A 23 18.78 -9.64 5.29
C SER A 23 17.51 -10.47 5.40
N VAL A 24 17.62 -11.77 5.14
CA VAL A 24 16.45 -12.63 5.03
C VAL A 24 15.58 -12.60 6.29
N GLY A 25 16.22 -12.53 7.46
CA GLY A 25 15.49 -12.43 8.70
C GLY A 25 14.60 -11.20 8.72
N TYR A 26 15.20 -10.05 8.44
CA TYR A 26 14.46 -8.79 8.38
C TYR A 26 13.47 -8.79 7.23
N ALA A 27 13.88 -9.33 6.08
CA ALA A 27 13.03 -9.37 4.91
C ALA A 27 11.74 -10.11 5.18
N THR A 28 11.83 -11.18 5.96
CA THR A 28 10.65 -11.97 6.29
C THR A 28 9.76 -11.21 7.29
N GLU A 29 10.38 -10.49 8.22
CA GLU A 29 9.63 -9.68 9.17
C GLU A 29 8.87 -8.58 8.45
N LEU A 30 9.56 -7.92 7.54
CA LEU A 30 8.95 -6.85 6.74
C LEU A 30 7.85 -7.42 5.86
N ALA A 31 8.15 -8.52 5.19
CA ALA A 31 7.19 -9.15 4.29
C ALA A 31 5.92 -9.54 5.02
N LYS A 32 6.06 -10.12 6.20
CA LYS A 32 4.89 -10.55 6.95
C LYS A 32 4.05 -9.35 7.40
N MET A 33 4.71 -8.29 7.86
CA MET A 33 3.99 -7.08 8.28
C MET A 33 3.21 -6.53 7.09
N PHE A 34 3.89 -6.44 5.96
CA PHE A 34 3.28 -5.99 4.72
C PHE A 34 2.10 -6.89 4.37
N ASP A 35 2.38 -8.17 4.20
CA ASP A 35 1.36 -9.15 3.85
C ASP A 35 0.18 -9.13 4.82
N ASP A 36 0.49 -9.12 6.11
CA ASP A 36 -0.53 -9.24 7.17
C ASP A 36 -1.51 -8.06 7.16
N ASP A 37 -1.04 -6.88 6.76
CA ASP A 37 -1.91 -5.71 6.71
C ASP A 37 -2.41 -5.43 5.29
N ILE A 38 -1.52 -5.61 4.32
CA ILE A 38 -1.83 -5.32 2.92
C ILE A 38 -2.88 -6.29 2.37
N LEU A 39 -2.71 -7.58 2.65
CA LEU A 39 -3.54 -8.61 2.04
C LEU A 39 -5.04 -8.47 2.35
N PRO A 40 -5.45 -8.33 3.64
CA PRO A 40 -6.87 -8.20 3.99
C PRO A 40 -7.48 -6.87 3.53
N ILE A 41 -6.66 -6.00 2.97
CA ILE A 41 -7.13 -4.71 2.49
C ILE A 41 -7.12 -4.63 0.96
N ILE A 42 -5.95 -4.87 0.35
CA ILE A 42 -5.79 -4.70 -1.09
C ILE A 42 -5.02 -5.84 -1.75
N GLY A 43 -4.67 -6.86 -0.97
CA GLY A 43 -3.81 -7.91 -1.49
C GLY A 43 -4.39 -8.63 -2.69
N GLY A 44 -5.69 -8.88 -2.65
CA GLY A 44 -6.33 -9.59 -3.73
C GLY A 44 -6.88 -8.66 -4.78
N LEU A 45 -6.50 -7.40 -4.72
CA LEU A 45 -6.96 -6.44 -5.70
C LEU A 45 -5.94 -6.26 -6.80
N GLU A 46 -6.40 -5.90 -7.99
CA GLU A 46 -5.52 -5.60 -9.09
C GLU A 46 -4.77 -4.31 -8.78
N ILE A 47 -3.48 -4.28 -9.06
CA ILE A 47 -2.65 -3.11 -8.74
C ILE A 47 -3.14 -1.88 -9.50
N GLN A 48 -3.87 -2.13 -10.59
CA GLN A 48 -4.44 -1.06 -11.40
C GLN A 48 -5.80 -0.63 -10.86
N ASP A 49 -6.42 -1.51 -10.08
CA ASP A 49 -7.84 -1.37 -9.74
C ASP A 49 -8.01 -1.09 -8.25
N ILE A 50 -6.96 -0.58 -7.62
CA ILE A 50 -7.00 -0.26 -6.19
C ILE A 50 -7.50 1.16 -5.97
N GLU A 51 -8.50 1.28 -5.10
CA GLU A 51 -9.08 2.57 -4.76
C GLU A 51 -8.08 3.44 -3.99
N PRO A 52 -8.09 4.76 -4.21
CA PRO A 52 -7.23 5.69 -3.47
C PRO A 52 -7.42 5.59 -1.96
N MET A 53 -8.68 5.54 -1.53
CA MET A 53 -9.00 5.43 -0.11
C MET A 53 -8.81 4.00 0.38
N GLN A 54 -8.58 3.09 -0.56
CA GLN A 54 -8.33 1.70 -0.23
C GLN A 54 -6.87 1.55 0.17
N LEU A 55 -6.01 2.22 -0.58
CA LEU A 55 -4.60 2.31 -0.23
C LEU A 55 -4.45 3.08 1.08
N LEU A 56 -5.28 4.10 1.24
CA LEU A 56 -5.36 4.84 2.49
C LEU A 56 -5.85 3.92 3.61
N GLU A 57 -6.74 2.99 3.27
CA GLU A 57 -7.27 2.06 4.26
C GLU A 57 -6.12 1.24 4.87
N VAL A 58 -5.14 0.90 4.06
CA VAL A 58 -3.92 0.23 4.56
C VAL A 58 -3.18 1.13 5.55
N ILE A 59 -2.80 2.31 5.10
CA ILE A 59 -2.07 3.27 5.93
C ILE A 59 -2.87 3.61 7.19
N ARG A 60 -4.15 3.85 7.01
CA ARG A 60 -5.06 4.15 8.11
C ARG A 60 -5.13 2.97 9.08
N ARG A 61 -5.01 1.77 8.54
CA ARG A 61 -4.99 0.55 9.34
C ARG A 61 -3.80 0.56 10.30
N PHE A 62 -2.69 1.13 9.84
CA PHE A 62 -1.51 1.28 10.69
C PHE A 62 -1.72 2.44 11.68
N GLU A 63 -2.27 3.54 11.18
CA GLU A 63 -2.55 4.72 12.02
C GLU A 63 -3.53 4.37 13.14
N ASP A 64 -4.39 3.41 12.87
CA ASP A 64 -5.36 2.94 13.85
C ASP A 64 -4.66 2.36 15.08
N ARG A 65 -3.44 1.87 14.87
CA ARG A 65 -2.65 1.34 15.97
C ARG A 65 -1.57 2.34 16.39
N GLY A 66 -1.51 3.49 15.71
CA GLY A 66 -0.52 4.49 16.05
C GLY A 66 0.81 4.18 15.42
N ALA A 67 0.82 3.26 14.48
CA ALA A 67 2.03 2.90 13.78
C ALA A 67 2.26 3.87 12.63
N MET A 68 2.68 5.08 12.98
CA MET A 68 2.80 6.16 12.01
C MET A 68 3.98 5.92 11.08
N GLU A 69 5.07 5.44 11.66
CA GLU A 69 6.27 5.14 10.90
C GLU A 69 6.03 3.94 9.99
N ARG A 70 5.26 2.98 10.49
CA ARG A 70 4.91 1.82 9.70
C ARG A 70 3.95 2.20 8.58
N ALA A 71 3.08 3.18 8.84
CA ALA A 71 2.19 3.71 7.82
C ALA A 71 2.99 4.34 6.69
N ASN A 72 3.94 5.19 7.05
CA ASN A 72 4.85 5.79 6.08
C ASN A 72 5.66 4.72 5.37
N LYS A 73 6.04 3.69 6.11
CA LYS A 73 6.79 2.57 5.57
C LYS A 73 5.97 1.85 4.52
N ALA A 74 4.73 1.49 4.89
CA ALA A 74 3.81 0.83 3.96
C ALA A 74 3.64 1.66 2.70
N ARG A 75 3.37 2.94 2.91
CA ARG A 75 3.18 3.90 1.82
C ARG A 75 4.33 3.86 0.82
N ARG A 76 5.56 3.85 1.33
CA ARG A 76 6.73 3.87 0.47
C ARG A 76 6.96 2.52 -0.19
N ARG A 77 6.83 1.45 0.59
CA ARG A 77 7.02 0.10 0.07
C ARG A 77 6.03 -0.19 -1.06
N CYS A 78 4.78 0.22 -0.87
CA CYS A 78 3.74 0.06 -1.88
C CYS A 78 4.08 0.87 -3.13
N GLY A 79 4.61 2.08 -2.92
CA GLY A 79 5.02 2.93 -4.02
C GLY A 79 6.00 2.23 -4.95
N GLU A 80 6.88 1.42 -4.37
CA GLU A 80 7.84 0.66 -5.16
C GLU A 80 7.16 -0.48 -5.90
N VAL A 81 6.15 -1.09 -5.29
CA VAL A 81 5.36 -2.12 -5.95
C VAL A 81 4.67 -1.54 -7.18
N PHE A 82 4.06 -0.36 -7.00
CA PHE A 82 3.45 0.37 -8.10
C PHE A 82 4.52 0.74 -9.13
N ARG A 83 5.67 1.17 -8.63
CA ARG A 83 6.79 1.57 -9.47
C ARG A 83 7.22 0.43 -10.40
N TYR A 84 7.36 -0.77 -9.83
CA TYR A 84 7.73 -1.94 -10.62
C TYR A 84 6.68 -2.20 -11.70
N ALA A 85 5.41 -2.06 -11.32
CA ALA A 85 4.32 -2.25 -12.25
C ALA A 85 4.36 -1.22 -13.38
N ILE A 86 4.83 -0.02 -13.07
CA ILE A 86 5.01 1.02 -14.08
C ILE A 86 6.17 0.67 -15.01
N VAL A 87 7.27 0.21 -14.43
CA VAL A 87 8.46 -0.16 -15.19
C VAL A 87 8.13 -1.30 -16.16
N THR A 88 7.35 -2.28 -15.69
CA THR A 88 6.98 -3.41 -16.53
C THR A 88 5.80 -3.06 -17.44
N GLY A 89 5.40 -1.79 -17.42
CA GLY A 89 4.39 -1.31 -18.35
C GLY A 89 3.01 -1.89 -18.10
N ARG A 90 2.72 -2.20 -16.84
CA ARG A 90 1.39 -2.70 -16.49
C ARG A 90 0.56 -1.59 -15.89
N ALA A 91 1.18 -0.77 -15.06
CA ALA A 91 0.51 0.35 -14.44
C ALA A 91 0.92 1.65 -15.11
N LYS A 92 -0.05 2.51 -15.36
CA LYS A 92 0.21 3.79 -15.99
C LYS A 92 0.21 4.89 -14.94
N TYR A 93 -0.57 4.68 -13.90
CA TYR A 93 -0.72 5.67 -12.85
C TYR A 93 -0.94 4.98 -11.51
N ASN A 94 -0.25 5.47 -10.49
CA ASN A 94 -0.41 4.96 -9.14
C ASN A 94 -1.05 6.02 -8.26
N PRO A 95 -2.06 5.65 -7.47
CA PRO A 95 -2.79 6.58 -6.62
C PRO A 95 -2.03 6.97 -5.36
N ALA A 96 -0.71 7.11 -5.49
CA ALA A 96 0.14 7.48 -4.36
C ALA A 96 -0.07 8.94 -3.93
N PRO A 97 -0.11 9.91 -4.89
CA PRO A 97 -0.43 11.30 -4.56
C PRO A 97 -1.85 11.44 -4.00
N ASP A 98 -2.75 10.61 -4.51
CA ASP A 98 -4.13 10.58 -4.04
C ASP A 98 -4.16 10.08 -2.60
N LEU A 99 -3.39 9.03 -2.36
CA LEU A 99 -3.19 8.48 -1.02
C LEU A 99 -2.77 9.58 -0.05
N ALA A 100 -1.82 10.40 -0.47
CA ALA A 100 -1.32 11.50 0.36
C ALA A 100 -2.43 12.48 0.71
N ASP A 101 -3.12 12.97 -0.31
CA ASP A 101 -4.14 14.00 -0.12
C ASP A 101 -5.32 13.47 0.70
N ALA A 102 -5.73 12.25 0.39
CA ALA A 102 -6.82 11.62 1.12
C ALA A 102 -6.47 11.45 2.59
N MET A 103 -5.24 11.00 2.84
CA MET A 103 -4.74 10.83 4.21
C MET A 103 -4.84 12.14 4.99
N LYS A 104 -4.62 13.25 4.29
CA LYS A 104 -4.68 14.57 4.91
C LYS A 104 -6.11 14.91 5.31
N GLY A 105 -6.99 14.98 4.32
CA GLY A 105 -8.34 15.48 4.53
C GLY A 105 -9.26 14.51 5.27
N TYR A 106 -8.93 13.22 5.22
CA TYR A 106 -9.76 12.19 5.83
C TYR A 106 -9.87 12.36 7.35
N ARG A 107 -8.98 13.17 7.92
CA ARG A 107 -8.95 13.37 9.35
C ARG A 107 -9.96 14.43 9.80
N LYS A 108 -10.66 15.02 8.83
CA LYS A 108 -11.69 16.03 9.09
C LYS A 108 -11.12 17.26 9.80
N LYS A 109 -9.90 17.62 9.45
CA LYS A 109 -9.29 18.83 9.94
C LYS A 109 -8.99 19.75 8.76
N ASN A 110 -9.59 19.41 7.63
CA ASN A 110 -9.41 20.17 6.39
C ASN A 110 -10.64 19.99 5.50
N LEU A 111 -11.29 21.08 5.17
CA LEU A 111 -12.50 21.02 4.36
C LEU A 111 -12.20 21.49 2.93
N GLU A 112 -12.90 20.90 1.97
CA GLU A 112 -12.76 21.30 0.57
C GLU A 112 -13.25 22.73 0.37
N HIS A 113 -12.43 23.54 -0.27
CA HIS A 113 -12.79 24.92 -0.58
C HIS A 113 -13.31 25.01 -1.99
N HIS A 114 -13.01 23.98 -2.78
CA HIS A 114 -13.55 23.82 -4.11
C HIS A 114 -14.04 22.40 -4.29
N HIS A 115 -15.33 22.24 -4.43
CA HIS A 115 -15.94 20.93 -4.59
C HIS A 115 -16.17 20.62 -6.07
N HIS A 116 -15.76 19.44 -6.48
CA HIS A 116 -16.05 18.94 -7.82
C HIS A 116 -17.25 18.01 -7.73
N HIS A 117 -17.01 16.86 -7.10
CA HIS A 117 -18.02 15.85 -6.80
C HIS A 117 -17.31 14.62 -6.25
N HIS A 118 -16.07 14.43 -6.73
CA HIS A 118 -15.12 13.49 -6.15
C HIS A 118 -13.84 13.59 -6.96
N SER A 1 -6.18 -6.60 -17.23
CA SER A 1 -6.83 -7.21 -16.05
C SER A 1 -6.40 -8.66 -15.93
N SER A 2 -5.50 -8.94 -14.99
CA SER A 2 -4.93 -10.27 -14.86
C SER A 2 -4.54 -10.55 -13.41
N ASN A 3 -4.36 -11.82 -13.09
CA ASN A 3 -3.96 -12.22 -11.74
C ASN A 3 -2.55 -11.74 -11.44
N ASN A 4 -1.73 -11.64 -12.49
CA ASN A 4 -0.36 -11.18 -12.35
C ASN A 4 -0.31 -9.66 -12.19
N ASN A 5 -1.48 -9.03 -12.22
CA ASN A 5 -1.58 -7.58 -12.06
C ASN A 5 -2.03 -7.23 -10.65
N SER A 6 -2.23 -8.24 -9.82
CA SER A 6 -2.66 -8.00 -8.45
C SER A 6 -1.48 -7.53 -7.61
N PHE A 7 -1.77 -6.82 -6.54
CA PHE A 7 -0.74 -6.31 -5.66
C PHE A 7 0.06 -7.46 -5.06
N SER A 8 -0.64 -8.53 -4.71
CA SER A 8 0.00 -9.73 -4.17
C SER A 8 1.05 -10.29 -5.12
N ALA A 9 0.69 -10.39 -6.40
CA ALA A 9 1.57 -10.95 -7.40
C ALA A 9 2.82 -10.10 -7.59
N ILE A 10 2.62 -8.80 -7.80
CA ILE A 10 3.72 -7.89 -8.03
C ILE A 10 4.55 -7.71 -6.76
N TYR A 11 3.90 -7.78 -5.61
CA TYR A 11 4.59 -7.65 -4.32
C TYR A 11 5.60 -8.78 -4.13
N LYS A 12 5.17 -10.02 -4.36
CA LYS A 12 6.07 -11.15 -4.17
C LYS A 12 7.22 -11.09 -5.16
N GLU A 13 6.92 -10.66 -6.37
CA GLU A 13 7.92 -10.49 -7.41
C GLU A 13 9.00 -9.50 -6.95
N TRP A 14 8.53 -8.35 -6.47
CA TRP A 14 9.39 -7.32 -5.92
C TRP A 14 10.09 -7.82 -4.65
N TYR A 15 9.33 -8.51 -3.80
CA TYR A 15 9.85 -9.05 -2.54
C TYR A 15 10.97 -10.04 -2.78
N GLU A 16 10.76 -10.98 -3.69
CA GLU A 16 11.74 -12.02 -3.97
C GLU A 16 13.05 -11.39 -4.46
N HIS A 17 12.93 -10.35 -5.27
CA HIS A 17 14.11 -9.63 -5.75
C HIS A 17 14.77 -8.87 -4.60
N LYS A 18 13.97 -8.15 -3.81
CA LYS A 18 14.47 -7.38 -2.67
C LYS A 18 14.96 -8.30 -1.55
N LYS A 19 14.59 -9.56 -1.64
CA LYS A 19 14.97 -10.57 -0.64
C LYS A 19 16.48 -10.77 -0.61
N GLN A 20 17.14 -10.41 -1.71
CA GLN A 20 18.59 -10.53 -1.79
C GLN A 20 19.25 -9.22 -1.35
N VAL A 21 18.44 -8.23 -1.05
CA VAL A 21 18.95 -6.92 -0.65
C VAL A 21 18.95 -6.79 0.86
N TRP A 22 17.84 -7.16 1.49
CA TRP A 22 17.73 -7.11 2.94
C TRP A 22 18.10 -8.45 3.55
N SER A 23 18.08 -8.52 4.87
CA SER A 23 18.31 -9.78 5.56
C SER A 23 17.01 -10.59 5.58
N VAL A 24 17.13 -11.90 5.44
CA VAL A 24 15.95 -12.77 5.36
C VAL A 24 15.05 -12.63 6.59
N GLY A 25 15.66 -12.40 7.75
CA GLY A 25 14.89 -12.22 8.97
C GLY A 25 14.02 -10.99 8.90
N TYR A 26 14.63 -9.87 8.52
CA TYR A 26 13.91 -8.60 8.41
C TYR A 26 12.95 -8.64 7.22
N ALA A 27 13.40 -9.25 6.13
CA ALA A 27 12.58 -9.35 4.92
C ALA A 27 11.30 -10.13 5.18
N THR A 28 11.40 -11.19 5.98
CA THR A 28 10.23 -11.99 6.32
C THR A 28 9.25 -11.18 7.16
N GLU A 29 9.78 -10.42 8.13
CA GLU A 29 8.95 -9.55 8.95
C GLU A 29 8.33 -8.45 8.10
N LEU A 30 9.15 -7.86 7.24
CA LEU A 30 8.70 -6.82 6.33
C LEU A 30 7.56 -7.34 5.47
N ALA A 31 7.75 -8.52 4.89
CA ALA A 31 6.73 -9.14 4.07
C ALA A 31 5.49 -9.49 4.89
N LYS A 32 5.69 -9.94 6.13
CA LYS A 32 4.58 -10.30 7.00
C LYS A 32 3.76 -9.06 7.35
N MET A 33 4.44 -7.94 7.52
CA MET A 33 3.79 -6.68 7.79
C MET A 33 2.84 -6.34 6.63
N PHE A 34 3.29 -6.61 5.42
CA PHE A 34 2.46 -6.42 4.25
C PHE A 34 1.41 -7.51 4.13
N ASP A 35 1.77 -8.75 4.45
CA ASP A 35 0.81 -9.85 4.46
C ASP A 35 -0.36 -9.51 5.35
N ASP A 36 -0.06 -9.22 6.60
CA ASP A 36 -1.08 -9.11 7.64
C ASP A 36 -1.94 -7.85 7.48
N ASP A 37 -1.33 -6.73 7.09
CA ASP A 37 -2.08 -5.47 7.05
C ASP A 37 -2.37 -4.99 5.64
N ILE A 38 -1.63 -5.48 4.64
CA ILE A 38 -1.87 -5.08 3.26
C ILE A 38 -2.76 -6.09 2.53
N LEU A 39 -2.51 -7.38 2.72
CA LEU A 39 -3.23 -8.42 1.97
C LEU A 39 -4.75 -8.42 2.22
N PRO A 40 -5.21 -8.35 3.49
CA PRO A 40 -6.65 -8.31 3.79
C PRO A 40 -7.30 -6.99 3.35
N ILE A 41 -6.48 -6.05 2.92
CA ILE A 41 -6.98 -4.76 2.48
C ILE A 41 -6.99 -4.68 0.95
N ILE A 42 -5.82 -4.76 0.35
CA ILE A 42 -5.70 -4.61 -1.11
C ILE A 42 -4.94 -5.78 -1.73
N GLY A 43 -4.75 -6.84 -0.95
CA GLY A 43 -3.90 -7.94 -1.39
C GLY A 43 -4.30 -8.52 -2.74
N GLY A 44 -5.58 -8.82 -2.89
CA GLY A 44 -6.05 -9.46 -4.10
C GLY A 44 -6.57 -8.46 -5.11
N LEU A 45 -6.25 -7.19 -4.93
CA LEU A 45 -6.71 -6.17 -5.85
C LEU A 45 -5.65 -5.91 -6.91
N GLU A 46 -6.10 -5.59 -8.12
CA GLU A 46 -5.18 -5.24 -9.19
C GLU A 46 -4.54 -3.91 -8.87
N ILE A 47 -3.24 -3.82 -9.09
CA ILE A 47 -2.48 -2.63 -8.70
C ILE A 47 -3.00 -1.38 -9.41
N GLN A 48 -3.66 -1.55 -10.54
CA GLN A 48 -4.22 -0.44 -11.28
C GLN A 48 -5.70 -0.23 -10.91
N ASP A 49 -6.23 -1.15 -10.12
CA ASP A 49 -7.64 -1.12 -9.74
C ASP A 49 -7.78 -0.71 -8.26
N ILE A 50 -6.66 -0.72 -7.56
CA ILE A 50 -6.62 -0.39 -6.14
C ILE A 50 -7.14 1.02 -5.88
N GLU A 51 -8.08 1.11 -4.95
CA GLU A 51 -8.66 2.38 -4.56
C GLU A 51 -7.66 3.19 -3.75
N PRO A 52 -7.44 4.47 -4.11
CA PRO A 52 -6.52 5.34 -3.38
C PRO A 52 -6.94 5.52 -1.92
N MET A 53 -8.24 5.53 -1.69
CA MET A 53 -8.78 5.68 -0.35
C MET A 53 -8.64 4.37 0.43
N GLN A 54 -8.52 3.28 -0.30
CA GLN A 54 -8.35 1.97 0.32
C GLN A 54 -6.87 1.71 0.57
N LEU A 55 -6.02 2.36 -0.22
CA LEU A 55 -4.61 2.38 0.07
C LEU A 55 -4.39 3.14 1.37
N LEU A 56 -5.26 4.11 1.62
CA LEU A 56 -5.27 4.84 2.87
C LEU A 56 -5.74 3.90 3.99
N GLU A 57 -6.66 3.01 3.67
CA GLU A 57 -7.13 1.99 4.61
C GLU A 57 -5.94 1.17 5.12
N VAL A 58 -4.97 0.93 4.24
CA VAL A 58 -3.72 0.27 4.62
C VAL A 58 -2.93 1.11 5.63
N ILE A 59 -2.62 2.33 5.24
CA ILE A 59 -1.86 3.24 6.09
C ILE A 59 -2.59 3.49 7.42
N ARG A 60 -3.90 3.64 7.33
CA ARG A 60 -4.74 3.89 8.49
C ARG A 60 -4.86 2.62 9.35
N ARG A 61 -4.60 1.48 8.72
CA ARG A 61 -4.52 0.21 9.44
C ARG A 61 -3.37 0.27 10.45
N PHE A 62 -2.24 0.78 9.99
CA PHE A 62 -1.08 0.98 10.87
C PHE A 62 -1.35 2.13 11.84
N GLU A 63 -2.13 3.11 11.39
CA GLU A 63 -2.49 4.27 12.21
C GLU A 63 -3.18 3.83 13.50
N ASP A 64 -4.05 2.82 13.39
CA ASP A 64 -4.78 2.31 14.55
C ASP A 64 -3.82 1.87 15.65
N ARG A 65 -2.70 1.28 15.26
CA ARG A 65 -1.74 0.78 16.22
C ARG A 65 -0.67 1.82 16.53
N GLY A 66 -0.88 3.04 16.01
CA GLY A 66 0.04 4.13 16.28
C GLY A 66 1.35 3.98 15.54
N ALA A 67 1.37 3.12 14.55
CA ALA A 67 2.59 2.87 13.79
C ALA A 67 2.71 3.91 12.68
N MET A 68 3.17 5.11 13.05
CA MET A 68 3.27 6.21 12.11
C MET A 68 4.37 5.96 11.09
N GLU A 69 5.55 5.57 11.56
CA GLU A 69 6.67 5.30 10.68
C GLU A 69 6.35 4.12 9.76
N ARG A 70 5.75 3.07 10.32
CA ARG A 70 5.40 1.89 9.55
C ARG A 70 4.32 2.23 8.52
N ALA A 71 3.39 3.09 8.89
CA ALA A 71 2.32 3.52 7.98
C ALA A 71 2.91 4.21 6.76
N ASN A 72 3.82 5.14 7.00
CA ASN A 72 4.45 5.86 5.90
C ASN A 72 5.43 4.97 5.15
N LYS A 73 6.03 4.02 5.86
CA LYS A 73 6.92 3.05 5.25
C LYS A 73 6.13 2.10 4.36
N ALA A 74 4.90 1.81 4.77
CA ALA A 74 3.97 1.03 3.95
C ALA A 74 3.69 1.77 2.66
N ARG A 75 3.35 3.05 2.79
CA ARG A 75 3.08 3.90 1.64
C ARG A 75 4.25 3.93 0.68
N ARG A 76 5.44 4.17 1.23
CA ARG A 76 6.65 4.29 0.43
C ARG A 76 6.91 3.02 -0.38
N ARG A 77 6.79 1.88 0.29
CA ARG A 77 7.05 0.59 -0.34
C ARG A 77 5.95 0.21 -1.31
N CYS A 78 4.71 0.52 -0.97
CA CYS A 78 3.60 0.32 -1.90
C CYS A 78 3.84 1.16 -3.15
N GLY A 79 4.25 2.41 -2.93
CA GLY A 79 4.57 3.30 -4.03
C GLY A 79 5.68 2.75 -4.91
N GLU A 80 6.64 2.06 -4.30
CA GLU A 80 7.73 1.46 -5.07
C GLU A 80 7.19 0.29 -5.90
N VAL A 81 6.25 -0.45 -5.33
CA VAL A 81 5.58 -1.52 -6.06
C VAL A 81 4.79 -0.95 -7.23
N PHE A 82 4.07 0.15 -6.97
CA PHE A 82 3.36 0.87 -8.02
C PHE A 82 4.34 1.34 -9.09
N ARG A 83 5.45 1.92 -8.65
CA ARG A 83 6.52 2.37 -9.54
C ARG A 83 7.00 1.21 -10.42
N TYR A 84 7.32 0.09 -9.77
CA TYR A 84 7.80 -1.09 -10.45
C TYR A 84 6.77 -1.61 -11.46
N ALA A 85 5.50 -1.52 -11.09
CA ALA A 85 4.41 -1.93 -11.97
C ALA A 85 4.34 -1.03 -13.20
N ILE A 86 4.62 0.25 -13.01
CA ILE A 86 4.65 1.18 -14.13
C ILE A 86 5.84 0.88 -15.05
N VAL A 87 6.94 0.45 -14.45
CA VAL A 87 8.13 0.08 -15.21
C VAL A 87 7.89 -1.18 -16.05
N THR A 88 7.26 -2.18 -15.44
CA THR A 88 6.97 -3.43 -16.14
C THR A 88 5.76 -3.28 -17.05
N GLY A 89 5.02 -2.19 -16.89
CA GLY A 89 3.92 -1.89 -17.78
C GLY A 89 2.60 -2.49 -17.33
N ARG A 90 2.49 -2.85 -16.07
CA ARG A 90 1.25 -3.41 -15.54
C ARG A 90 0.33 -2.29 -15.05
N ALA A 91 0.91 -1.12 -14.82
CA ALA A 91 0.16 0.05 -14.40
C ALA A 91 0.65 1.28 -15.15
N LYS A 92 -0.19 2.30 -15.23
CA LYS A 92 0.18 3.51 -15.94
C LYS A 92 0.47 4.63 -14.94
N TYR A 93 -0.45 4.84 -14.02
CA TYR A 93 -0.30 5.88 -13.01
C TYR A 93 -0.48 5.29 -11.62
N ASN A 94 0.29 5.80 -10.67
CA ASN A 94 0.22 5.34 -9.29
C ASN A 94 -0.56 6.33 -8.44
N PRO A 95 -1.61 5.86 -7.75
CA PRO A 95 -2.47 6.71 -6.90
C PRO A 95 -1.78 7.17 -5.62
N ALA A 96 -0.48 7.44 -5.72
CA ALA A 96 0.30 7.90 -4.57
C ALA A 96 -0.06 9.32 -4.17
N PRO A 97 -0.14 10.29 -5.12
CA PRO A 97 -0.60 11.65 -4.82
C PRO A 97 -2.01 11.66 -4.26
N ASP A 98 -2.86 10.80 -4.83
CA ASP A 98 -4.24 10.66 -4.36
C ASP A 98 -4.28 10.08 -2.95
N LEU A 99 -3.37 9.15 -2.68
CA LEU A 99 -3.22 8.57 -1.35
C LEU A 99 -2.90 9.67 -0.34
N ALA A 100 -1.92 10.50 -0.65
CA ALA A 100 -1.51 11.57 0.23
C ALA A 100 -2.65 12.57 0.44
N ASP A 101 -3.32 12.92 -0.66
CA ASP A 101 -4.42 13.88 -0.59
C ASP A 101 -5.59 13.31 0.20
N ALA A 102 -5.86 12.03 0.00
CA ALA A 102 -6.93 11.35 0.73
C ALA A 102 -6.60 11.29 2.21
N MET A 103 -5.35 10.98 2.52
CA MET A 103 -4.87 10.93 3.90
C MET A 103 -5.19 12.24 4.63
N LYS A 104 -5.05 13.34 3.91
CA LYS A 104 -5.33 14.66 4.46
C LYS A 104 -6.82 14.87 4.66
N GLY A 105 -7.57 14.72 3.58
CA GLY A 105 -8.99 15.02 3.60
C GLY A 105 -9.80 14.06 4.46
N TYR A 106 -9.39 12.80 4.48
CA TYR A 106 -10.12 11.76 5.20
C TYR A 106 -10.10 12.02 6.70
N ARG A 107 -9.06 12.69 7.17
CA ARG A 107 -8.93 12.99 8.59
C ARG A 107 -9.91 14.08 9.02
N LYS A 108 -10.38 14.86 8.06
CA LYS A 108 -11.40 15.86 8.33
C LYS A 108 -12.79 15.22 8.42
N LYS A 109 -13.08 14.35 7.46
CA LYS A 109 -14.35 13.65 7.42
C LYS A 109 -14.18 12.25 6.84
N ASN A 110 -14.77 11.28 7.51
CA ASN A 110 -14.80 9.91 6.99
C ASN A 110 -15.68 9.83 5.77
N LEU A 111 -15.22 9.15 4.75
CA LEU A 111 -15.96 9.01 3.51
C LEU A 111 -16.70 7.68 3.49
N GLU A 112 -18.02 7.75 3.59
CA GLU A 112 -18.86 6.58 3.67
C GLU A 112 -18.77 5.72 2.41
N HIS A 113 -18.03 4.63 2.52
CA HIS A 113 -17.97 3.63 1.47
C HIS A 113 -18.67 2.37 1.97
N HIS A 114 -19.93 2.23 1.60
CA HIS A 114 -20.73 1.11 2.07
C HIS A 114 -20.26 -0.18 1.41
N HIS A 115 -19.84 -0.07 0.16
CA HIS A 115 -19.28 -1.21 -0.56
C HIS A 115 -17.77 -1.20 -0.43
N HIS A 116 -17.25 -2.11 0.37
CA HIS A 116 -15.81 -2.24 0.56
C HIS A 116 -15.24 -3.23 -0.45
N HIS A 117 -14.21 -2.81 -1.18
CA HIS A 117 -13.59 -3.66 -2.19
C HIS A 117 -12.67 -4.68 -1.56
N HIS A 118 -12.86 -5.94 -1.90
CA HIS A 118 -12.00 -7.02 -1.42
C HIS A 118 -11.82 -8.06 -2.50
#